data_4A0H
#
_entry.id   4A0H
#
_cell.length_a   235.320
_cell.length_b   76.940
_cell.length_c   89.220
_cell.angle_alpha   90.00
_cell.angle_beta   109.89
_cell.angle_gamma   90.00
#
_symmetry.space_group_name_H-M   'C 1 2 1'
#
loop_
_entity.id
_entity.type
_entity.pdbx_description
1 polymer 'ADENOSYLMETHIONINE-8-AMINO-7-OXONONANOATE AMINOTRANSFERASE'
2 non-polymer "PYRIDOXAL-5'-PHOSPHATE"
3 non-polymer '7-KETO-8-AMINOPELARGONIC ACID'
4 non-polymer 'L(+)-TARTARIC ACID'
#
_entity_poly.entity_id   1
_entity_poly.type   'polypeptide(L)'
_entity_poly.pdbx_seq_one_letter_code
;GSSHHHHHHSSGLVPRGSHMKSTSVSPFHLPLNHPTYLIWSANTSLGKTLVSTGIAASFLLQQPSSSATKLLYLKPIQTG
FPSDSDSRFVFSKLDSLSLRRQIPISISNSVLHSSLPAAKSLGLNVEVSESGMCSLNFRDEKTVTGAPELLCKTLYAWEA
AISPHLAAERENATVEDSVVLQMIEKCLKEEMECGVKSEKSDLLCLVETAGGVASPGPSGTLQCDLYRPFRLPGILVGDG
RLGGISGTIAAYESLKLRGYDIAAVVFEDHGLVNEVPLTSYLRNKVPVLVLPPVPKDPSDDLIEWFVESDGVFKALKETM
VLANLERLERLNGMAKLAGEVFWWPFTQHKLVHQETVTVIDSRCGENFSIYKASDNSSLSQQFDACASWWTQGPDPTFQA
ELAREMGYTAARFGHVMFPENVYEPALKCAELLLDGVGKGWASRVYFSDNGSTAIEIALKMAFRKFCVDHNFCEATEEEK
HIVVKVIALRGSYHGDTLGAMEAQAPSPYTGFLQQPWYTGRGLFLDPPTVFLSNGSWNISLPESFSEIAPEYGTFTSRDE
IFDKSRDASTLARIYSAYLSKHLQEHSGVRQSAHVGALIIEPVIHGAGGMHMVDPLFQRVLVNECRNRKIPVIFDEVFTG
FWRLGVETTTELLGCKPDIACFAKLLTGGMVPLAVTLATDAVFDSFSGDSKLKALLHGHSYSAHAMGCATAAKAIQWFKD
PETNHNITSQGKTLRELWDEELVQQISSHSAVQRVVVIGTLFALELKADASNSGYASLYAKSLLIMLREDGIFTRPLGNV
IYLMCGPCTSPEICRRLLTKLYKRLGEFNRT
;
_entity_poly.pdbx_strand_id   A,B
#
loop_
_chem_comp.id
_chem_comp.type
_chem_comp.name
_chem_comp.formula
KAP non-polymer '7-KETO-8-AMINOPELARGONIC ACID' 'C9 H17 N O3'
PLP non-polymer PYRIDOXAL-5'-PHOSPHATE 'C8 H10 N O6 P'
TLA non-polymer 'L(+)-TARTARIC ACID' 'C4 H6 O6'
#
# COMPACT_ATOMS: atom_id res chain seq x y z
N PRO A 27 7.88 -6.09 24.74
CA PRO A 27 7.55 -5.93 26.17
C PRO A 27 7.65 -4.49 26.68
N PHE A 28 7.40 -3.48 25.84
CA PHE A 28 7.46 -2.08 26.26
C PHE A 28 6.16 -1.58 26.87
N HIS A 29 6.23 -0.54 27.71
CA HIS A 29 5.03 -0.08 28.43
C HIS A 29 4.97 1.44 28.73
N LEU A 30 4.88 2.27 27.71
CA LEU A 30 4.89 3.72 27.92
C LEU A 30 3.49 4.34 28.08
N PRO A 31 3.39 5.45 28.84
CA PRO A 31 2.14 6.12 29.21
C PRO A 31 1.81 7.37 28.38
N LEU A 32 0.52 7.67 28.25
CA LEU A 32 0.04 8.76 27.38
C LEU A 32 -0.72 9.86 28.12
N ASN A 33 -0.76 9.77 29.44
CA ASN A 33 -1.42 10.78 30.26
C ASN A 33 -0.70 12.10 30.17
N HIS A 34 0.56 12.01 29.77
CA HIS A 34 1.40 13.17 29.57
C HIS A 34 2.07 13.13 28.20
N PRO A 35 1.96 14.24 27.45
CA PRO A 35 2.50 14.36 26.08
C PRO A 35 3.99 14.15 26.03
N THR A 36 4.43 13.32 25.09
CA THR A 36 5.85 13.03 24.93
C THR A 36 6.17 13.16 23.45
N TYR A 37 7.11 14.04 23.12
CA TYR A 37 7.39 14.32 21.72
C TYR A 37 8.85 14.16 21.31
N LEU A 38 9.05 13.65 20.10
CA LEU A 38 10.37 13.66 19.50
C LEU A 38 10.57 15.03 18.87
N ILE A 39 11.78 15.54 18.94
CA ILE A 39 12.08 16.76 18.25
C ILE A 39 12.95 16.36 17.08
N TRP A 40 12.39 16.49 15.88
CA TRP A 40 13.06 16.07 14.68
C TRP A 40 13.63 17.29 14.01
N SER A 41 14.60 17.09 13.15
CA SER A 41 15.04 18.21 12.32
C SER A 41 15.42 17.73 10.92
N ALA A 42 15.10 18.52 9.90
CA ALA A 42 15.43 18.16 8.52
C ALA A 42 16.92 17.89 8.37
N ASN A 43 17.71 18.77 8.97
CA ASN A 43 19.15 18.73 8.90
C ASN A 43 19.82 19.28 10.15
N THR A 44 21.12 19.53 10.02
CA THR A 44 21.92 20.06 11.10
C THR A 44 21.94 21.58 10.99
N SER A 45 22.00 22.25 12.14
CA SER A 45 22.16 23.72 12.23
C SER A 45 20.90 24.50 11.79
N LEU A 46 19.75 24.10 12.33
CA LEU A 46 18.47 24.61 11.88
C LEU A 46 17.63 25.11 13.05
N GLY A 47 18.15 24.97 14.26
CA GLY A 47 17.51 25.51 15.45
C GLY A 47 16.93 24.47 16.41
N LYS A 48 17.06 23.19 16.08
CA LYS A 48 16.49 22.10 16.88
C LYS A 48 16.44 22.36 18.39
N THR A 49 17.60 22.57 18.98
CA THR A 49 17.74 22.84 20.40
C THR A 49 17.16 24.20 20.88
N LEU A 50 17.24 25.22 20.04
CA LEU A 50 16.49 26.44 20.29
C LEU A 50 15.01 26.08 20.40
N VAL A 51 14.50 25.39 19.39
CA VAL A 51 13.09 24.99 19.39
C VAL A 51 12.77 24.26 20.69
N SER A 52 13.56 23.24 21.04
CA SER A 52 13.33 22.54 22.31
C SER A 52 13.25 23.53 23.47
N THR A 53 14.19 24.47 23.50
CA THR A 53 14.31 25.46 24.55
C THR A 53 13.11 26.42 24.64
N GLY A 54 12.67 26.95 23.51
CA GLY A 54 11.50 27.79 23.47
C GLY A 54 10.29 27.07 24.07
N ILE A 55 10.08 25.84 23.59
CA ILE A 55 8.97 25.01 24.02
C ILE A 55 9.02 24.79 25.53
N ALA A 56 10.14 24.26 25.99
CA ALA A 56 10.36 24.05 27.42
C ALA A 56 10.09 25.33 28.20
N ALA A 57 10.51 26.46 27.62
CA ALA A 57 10.33 27.75 28.26
C ALA A 57 8.84 28.14 28.31
N SER A 58 8.18 28.13 27.14
CA SER A 58 6.79 28.54 27.08
C SER A 58 5.96 27.76 28.09
N PHE A 59 6.48 26.60 28.47
CA PHE A 59 5.73 25.64 29.26
C PHE A 59 6.02 25.80 30.75
N LEU A 60 7.27 26.12 31.08
CA LEU A 60 7.70 26.18 32.47
C LEU A 60 7.54 27.58 33.09
N LEU A 61 7.63 28.61 32.24
CA LEU A 61 7.56 29.99 32.72
C LEU A 61 6.13 30.50 32.56
N GLN A 62 5.22 29.95 33.35
CA GLN A 62 3.79 30.28 33.33
C GLN A 62 3.17 30.00 34.69
N SER A 67 2.85 25.29 39.29
CA SER A 67 2.58 24.32 40.36
C SER A 67 3.69 23.27 40.45
N ALA A 68 3.27 22.02 40.45
CA ALA A 68 4.16 20.90 40.20
C ALA A 68 4.15 20.65 38.70
N THR A 69 4.23 21.74 37.92
CA THR A 69 4.41 21.68 36.48
C THR A 69 5.85 21.25 36.20
N LYS A 70 6.03 20.21 35.39
CA LYS A 70 7.36 19.60 35.21
C LYS A 70 7.71 19.31 33.75
N LEU A 71 8.87 19.79 33.29
CA LEU A 71 9.35 19.46 31.93
C LEU A 71 10.58 18.56 31.87
N LEU A 72 10.40 17.38 31.29
CA LEU A 72 11.45 16.38 31.15
C LEU A 72 12.04 16.47 29.75
N TYR A 73 13.28 16.92 29.67
CA TYR A 73 13.99 17.04 28.39
C TYR A 73 15.00 15.90 28.23
N LEU A 74 14.74 14.99 27.32
CA LEU A 74 15.73 13.94 27.02
C LEU A 74 16.49 14.22 25.74
N LYS A 75 17.82 14.16 25.86
CA LYS A 75 18.71 14.12 24.72
C LYS A 75 19.42 12.75 24.70
N PRO A 76 18.82 11.78 24.01
CA PRO A 76 19.29 10.39 24.14
C PRO A 76 20.65 10.19 23.48
N ILE A 77 20.90 10.88 22.36
CA ILE A 77 22.21 10.77 21.71
C ILE A 77 22.83 12.16 21.56
N GLN A 78 24.11 12.27 21.93
CA GLN A 78 24.86 13.55 21.86
C GLN A 78 26.28 13.30 21.43
N THR A 79 26.69 13.92 20.34
CA THR A 79 28.12 13.90 20.00
C THR A 79 28.71 15.30 20.13
N GLY A 80 30.04 15.39 20.01
CA GLY A 80 30.74 16.65 20.18
C GLY A 80 30.80 17.00 21.65
N PHE A 81 30.68 15.98 22.49
CA PHE A 81 30.64 16.20 23.92
C PHE A 81 32.04 16.19 24.52
N PRO A 82 32.33 17.07 25.49
CA PRO A 82 31.42 18.02 26.16
C PRO A 82 31.40 19.47 25.68
N SER A 83 32.16 19.86 24.66
CA SER A 83 32.05 21.22 24.16
C SER A 83 30.60 21.55 23.79
N ASP A 84 29.98 20.64 23.03
CA ASP A 84 28.57 20.75 22.72
C ASP A 84 27.80 19.86 23.68
N SER A 85 26.79 20.43 24.34
CA SER A 85 25.81 19.60 25.05
C SER A 85 24.46 20.25 24.99
N ASP A 86 23.69 19.90 23.96
CA ASP A 86 22.36 20.45 23.77
C ASP A 86 21.60 20.46 25.10
N SER A 87 21.82 19.44 25.93
CA SER A 87 21.13 19.30 27.21
C SER A 87 21.55 20.38 28.20
N ARG A 88 22.84 20.73 28.19
CA ARG A 88 23.34 21.84 28.97
C ARG A 88 22.75 23.16 28.47
N PHE A 89 22.67 23.34 27.15
CA PHE A 89 22.18 24.58 26.56
C PHE A 89 20.79 24.89 27.10
N VAL A 90 19.91 23.89 27.00
CA VAL A 90 18.54 23.95 27.48
C VAL A 90 18.50 24.29 28.98
N PHE A 91 19.37 23.64 29.74
CA PHE A 91 19.52 23.91 31.15
C PHE A 91 19.90 25.38 31.34
N SER A 92 20.98 25.79 30.67
CA SER A 92 21.49 27.16 30.69
C SER A 92 20.42 28.19 30.32
N LYS A 93 19.89 28.09 29.11
CA LYS A 93 18.99 29.11 28.60
C LYS A 93 17.75 29.26 29.45
N LEU A 94 17.37 28.18 30.11
CA LEU A 94 16.19 28.25 30.97
C LEU A 94 16.51 28.91 32.29
N ASP A 95 17.73 28.69 32.79
CA ASP A 95 18.16 29.45 33.95
C ASP A 95 18.00 30.93 33.62
N SER A 96 18.45 31.32 32.44
CA SER A 96 18.39 32.71 32.02
C SER A 96 16.96 33.21 31.81
N LEU A 97 16.21 32.55 30.95
CA LEU A 97 14.85 32.96 30.73
C LEU A 97 14.06 33.03 32.05
N SER A 98 14.40 32.18 33.00
CA SER A 98 13.75 32.20 34.30
C SER A 98 13.98 33.50 35.06
N LEU A 99 15.18 34.05 34.94
CA LEU A 99 15.51 35.30 35.61
C LEU A 99 14.84 36.47 34.91
N ARG A 100 14.62 36.32 33.61
CA ARG A 100 13.99 37.35 32.80
C ARG A 100 12.53 37.47 33.08
N ARG A 101 11.85 36.32 33.14
CA ARG A 101 10.45 36.34 33.48
C ARG A 101 10.32 36.48 34.98
N GLN A 102 11.45 36.30 35.68
CA GLN A 102 11.46 36.31 37.13
C GLN A 102 10.48 35.27 37.65
N ILE A 103 10.74 34.02 37.29
CA ILE A 103 9.88 32.91 37.67
C ILE A 103 10.76 31.73 38.04
N PRO A 104 11.11 31.61 39.32
CA PRO A 104 12.04 30.55 39.75
C PRO A 104 11.60 29.15 39.33
N ILE A 105 12.57 28.25 39.20
CA ILE A 105 12.33 26.85 38.83
C ILE A 105 13.47 25.98 39.35
N SER A 106 13.17 24.75 39.75
CA SER A 106 14.23 23.76 39.96
C SER A 106 14.75 23.42 38.58
N ILE A 107 16.04 23.10 38.46
CA ILE A 107 16.62 22.67 37.19
C ILE A 107 17.72 21.66 37.42
N SER A 108 17.79 20.66 36.55
CA SER A 108 18.90 19.71 36.59
C SER A 108 19.33 19.21 35.21
N ASN A 109 20.61 18.89 35.09
CA ASN A 109 21.23 18.49 33.84
C ASN A 109 22.13 17.32 34.15
N SER A 110 21.72 16.12 33.74
CA SER A 110 22.50 14.93 34.06
C SER A 110 23.00 14.34 32.78
N VAL A 111 24.20 13.79 32.81
CA VAL A 111 24.67 12.96 31.71
C VAL A 111 24.94 11.55 32.24
N LEU A 112 24.28 10.56 31.63
CA LEU A 112 24.28 9.22 32.21
C LEU A 112 25.48 8.42 31.76
N HIS A 113 25.67 8.30 30.45
CA HIS A 113 26.81 7.56 29.91
C HIS A 113 27.55 8.34 28.81
N SER A 114 28.87 8.24 28.81
CA SER A 114 29.68 8.85 27.77
C SER A 114 30.65 7.80 27.30
N SER A 115 31.38 8.09 26.23
CA SER A 115 32.44 7.19 25.81
C SER A 115 33.63 7.50 26.71
N LEU A 116 34.70 6.73 26.60
CA LEU A 116 35.86 6.97 27.45
C LEU A 116 36.47 8.34 27.19
N PRO A 117 36.76 8.63 25.92
CA PRO A 117 37.29 9.93 25.54
C PRO A 117 36.43 11.07 26.10
N ALA A 118 35.13 10.96 25.93
CA ALA A 118 34.19 11.96 26.43
C ALA A 118 34.32 12.14 27.94
N ALA A 119 34.55 11.04 28.64
CA ALA A 119 34.64 11.06 30.09
C ALA A 119 35.93 11.74 30.52
N LYS A 120 37.04 11.34 29.89
CA LYS A 120 38.33 11.95 30.15
C LYS A 120 38.24 13.48 30.04
N SER A 121 37.65 13.96 28.94
CA SER A 121 37.42 15.39 28.76
C SER A 121 36.76 16.06 29.94
N LEU A 122 36.53 15.31 31.02
CA LEU A 122 35.88 15.86 32.19
C LEU A 122 36.65 15.52 33.45
N GLY A 123 37.94 15.24 33.29
CA GLY A 123 38.77 14.80 34.40
C GLY A 123 38.06 13.62 35.01
N LEU A 124 38.32 12.43 34.50
CA LEU A 124 37.59 11.27 34.99
C LEU A 124 38.29 9.96 34.65
N ASN A 125 38.81 9.30 35.69
CA ASN A 125 39.43 8.00 35.57
C ASN A 125 38.33 6.95 35.75
N VAL A 126 37.22 7.17 35.04
CA VAL A 126 36.04 6.30 35.08
C VAL A 126 36.26 4.93 34.39
N GLU A 127 35.39 3.95 34.67
CA GLU A 127 35.53 2.59 34.09
C GLU A 127 34.57 2.19 32.95
N VAL A 128 35.14 1.51 31.95
CA VAL A 128 34.42 1.15 30.72
C VAL A 128 33.78 -0.23 30.78
N SER A 129 32.51 -0.30 30.41
CA SER A 129 31.76 -1.55 30.33
C SER A 129 32.12 -2.36 29.09
N GLU A 130 31.55 -3.55 28.95
CA GLU A 130 31.84 -4.41 27.81
C GLU A 130 31.49 -3.79 26.44
N SER A 131 30.77 -2.67 26.48
CA SER A 131 30.34 -1.96 25.27
C SER A 131 31.08 -0.64 25.10
N GLY A 132 31.92 -0.28 26.07
CA GLY A 132 32.75 0.89 25.97
C GLY A 132 32.14 2.17 26.54
N MET A 133 30.99 2.06 27.22
CA MET A 133 30.39 3.25 27.83
C MET A 133 30.81 3.39 29.28
N CYS A 134 30.81 4.62 29.78
CA CYS A 134 31.05 4.86 31.18
C CYS A 134 29.76 5.40 31.77
N SER A 135 29.44 4.93 32.96
CA SER A 135 28.39 5.56 33.71
C SER A 135 29.05 6.69 34.45
N LEU A 136 28.67 7.91 34.10
CA LEU A 136 29.16 9.07 34.83
C LEU A 136 28.22 9.34 35.98
N ASN A 137 28.78 9.83 37.08
CA ASN A 137 27.95 10.29 38.17
C ASN A 137 27.38 11.67 37.85
N PHE A 138 28.04 12.37 36.93
CA PHE A 138 27.68 13.74 36.50
C PHE A 138 26.21 14.13 36.66
N ARG A 139 26.01 15.21 37.40
CA ARG A 139 24.69 15.75 37.67
C ARG A 139 24.90 17.23 38.01
N ASP A 140 23.88 18.04 37.77
CA ASP A 140 24.04 19.47 37.92
C ASP A 140 22.71 20.13 38.29
N GLU A 141 22.27 19.89 39.52
CA GLU A 141 21.02 20.45 40.04
C GLU A 141 21.17 21.89 40.50
N LYS A 142 20.09 22.64 40.41
CA LYS A 142 20.00 23.95 41.04
C LYS A 142 18.57 24.01 41.48
N THR A 143 18.32 23.44 42.65
CA THR A 143 16.98 23.16 43.12
C THR A 143 16.32 24.32 43.85
N VAL A 144 15.09 24.61 43.45
CA VAL A 144 14.25 25.61 44.09
C VAL A 144 12.95 24.90 44.46
N THR A 145 12.84 24.48 45.72
CA THR A 145 11.71 23.69 46.20
C THR A 145 10.36 24.27 45.79
N GLY A 146 9.50 23.37 45.27
CA GLY A 146 8.13 23.71 44.94
C GLY A 146 7.93 24.37 43.59
N ALA A 147 9.03 24.86 43.00
CA ALA A 147 8.95 25.56 41.72
C ALA A 147 8.74 24.54 40.60
N PRO A 148 8.19 24.99 39.47
CA PRO A 148 8.02 24.16 38.28
C PRO A 148 9.34 23.53 37.98
N GLU A 149 9.41 22.21 37.78
CA GLU A 149 10.71 21.57 37.62
C GLU A 149 11.17 21.36 36.16
N LEU A 150 12.45 21.59 35.89
CA LEU A 150 13.06 21.21 34.62
C LEU A 150 14.01 20.07 34.85
N LEU A 151 13.86 19.02 34.05
CA LEU A 151 14.76 17.88 34.11
C LEU A 151 15.42 17.61 32.76
N CYS A 152 16.69 17.96 32.63
CA CYS A 152 17.43 17.67 31.41
C CYS A 152 18.34 16.46 31.58
N LYS A 153 18.36 15.57 30.58
CA LYS A 153 19.18 14.36 30.63
C LYS A 153 19.77 14.03 29.27
N THR A 154 21.08 13.88 29.20
CA THR A 154 21.76 13.33 28.03
C THR A 154 22.04 11.87 28.35
N LEU A 155 21.42 10.95 27.61
CA LEU A 155 21.54 9.54 27.94
C LEU A 155 22.91 8.98 27.58
N TYR A 156 23.34 9.24 26.34
CA TYR A 156 24.61 8.71 25.83
C TYR A 156 25.42 9.76 25.06
N ALA A 157 26.69 9.94 25.44
CA ALA A 157 27.53 10.96 24.81
C ALA A 157 28.87 10.44 24.25
N TRP A 158 29.29 11.05 23.15
CA TRP A 158 30.59 10.78 22.52
C TRP A 158 31.36 12.10 22.38
N GLU A 159 32.69 11.99 22.47
CA GLU A 159 33.59 13.11 22.27
C GLU A 159 33.46 13.72 20.85
N ALA A 160 33.64 12.90 19.83
CA ALA A 160 33.79 13.39 18.47
C ALA A 160 32.56 14.06 17.88
N ALA A 161 32.63 15.36 17.66
CA ALA A 161 31.53 16.09 17.02
C ALA A 161 31.19 15.60 15.61
N ILE A 162 30.77 14.35 15.49
CA ILE A 162 30.44 13.74 14.20
C ILE A 162 29.20 12.85 14.30
N SER A 163 28.77 12.30 13.18
CA SER A 163 27.71 11.30 13.24
C SER A 163 28.02 10.27 14.31
N PRO A 164 27.04 10.00 15.18
CA PRO A 164 27.14 8.98 16.22
C PRO A 164 27.71 7.64 15.69
N HIS A 165 27.36 7.27 14.47
CA HIS A 165 27.76 5.96 14.00
C HIS A 165 29.28 5.84 13.90
N LEU A 166 29.93 6.90 13.45
CA LEU A 166 31.39 7.02 13.41
C LEU A 166 32.01 7.20 14.79
N ALA A 167 31.36 8.00 15.64
CA ALA A 167 31.90 8.25 16.98
C ALA A 167 31.96 6.94 17.75
N ALA A 168 30.90 6.16 17.63
CA ALA A 168 30.82 4.87 18.31
C ALA A 168 32.01 3.97 17.95
N GLU A 169 32.31 3.83 16.67
CA GLU A 169 33.45 2.99 16.31
C GLU A 169 34.81 3.61 16.63
N ARG A 170 34.87 4.93 16.72
CA ARG A 170 36.13 5.61 16.98
C ARG A 170 36.52 5.57 18.43
N GLU A 171 35.53 5.70 19.30
CA GLU A 171 35.80 5.76 20.72
C GLU A 171 35.37 4.46 21.37
N ASN A 172 35.20 3.43 20.52
CA ASN A 172 34.89 2.06 20.93
C ASN A 172 33.78 1.96 21.98
N ALA A 173 32.80 2.84 21.86
CA ALA A 173 31.72 2.93 22.81
C ALA A 173 30.48 2.83 21.96
N THR A 174 29.75 1.74 22.12
CA THR A 174 28.55 1.55 21.32
C THR A 174 27.31 1.34 22.17
N VAL A 175 26.15 1.43 21.55
CA VAL A 175 24.94 1.19 22.32
C VAL A 175 23.88 0.62 21.37
N GLU A 176 23.27 -0.49 21.76
CA GLU A 176 22.29 -1.20 20.92
C GLU A 176 20.94 -0.52 20.97
N ASP A 177 20.22 -0.56 19.85
CA ASP A 177 19.00 0.23 19.72
C ASP A 177 18.07 0.01 20.89
N SER A 178 17.87 -1.26 21.22
CA SER A 178 17.05 -1.70 22.35
C SER A 178 17.39 -1.01 23.66
N VAL A 179 18.68 -1.05 24.00
CA VAL A 179 19.22 -0.41 25.19
C VAL A 179 18.93 1.09 25.19
N VAL A 180 18.98 1.71 24.00
CA VAL A 180 18.66 3.12 23.91
C VAL A 180 17.20 3.33 24.22
N LEU A 181 16.35 2.58 23.54
CA LEU A 181 14.91 2.70 23.74
C LEU A 181 14.58 2.33 25.18
N GLN A 182 15.16 1.23 25.64
CA GLN A 182 14.94 0.74 26.97
C GLN A 182 15.20 1.84 27.99
N MET A 183 16.34 2.50 27.79
CA MET A 183 16.79 3.56 28.68
C MET A 183 15.81 4.74 28.68
N ILE A 184 15.39 5.14 27.49
CA ILE A 184 14.41 6.20 27.35
C ILE A 184 13.13 5.80 28.07
N GLU A 185 12.83 4.51 28.07
CA GLU A 185 11.62 4.00 28.72
C GLU A 185 11.77 4.10 30.24
N LYS A 186 12.91 3.65 30.77
CA LYS A 186 13.18 3.81 32.20
C LYS A 186 12.92 5.26 32.57
N CYS A 187 13.67 6.17 31.96
CA CYS A 187 13.48 7.59 32.23
C CYS A 187 11.99 7.97 32.12
N LEU A 188 11.36 7.60 31.03
CA LEU A 188 9.98 7.97 30.82
C LEU A 188 9.08 7.53 31.97
N LYS A 189 9.29 6.30 32.42
CA LYS A 189 8.46 5.72 33.47
C LYS A 189 8.82 6.28 34.84
N GLU A 190 10.13 6.38 35.11
CA GLU A 190 10.66 6.99 36.34
C GLU A 190 9.95 8.30 36.72
N GLU A 191 9.50 9.06 35.74
CA GLU A 191 8.93 10.37 36.01
C GLU A 191 7.48 10.44 35.57
N MET A 192 6.81 9.29 35.55
CA MET A 192 5.38 9.21 35.28
C MET A 192 4.71 8.04 36.03
N ASP A 202 0.54 20.71 33.30
CA ASP A 202 1.04 19.66 34.18
C ASP A 202 2.41 19.08 33.77
N LEU A 203 2.46 18.12 32.84
CA LEU A 203 3.75 17.51 32.43
C LEU A 203 3.98 17.33 30.93
N LEU A 204 5.15 17.78 30.48
CA LEU A 204 5.52 17.66 29.08
C LEU A 204 6.89 17.04 28.96
N CYS A 205 7.04 16.03 28.11
CA CYS A 205 8.36 15.45 27.88
C CYS A 205 8.82 15.64 26.44
N LEU A 206 10.01 16.20 26.27
CA LEU A 206 10.58 16.34 24.92
C LEU A 206 11.74 15.39 24.75
N VAL A 207 11.77 14.67 23.63
CA VAL A 207 12.90 13.80 23.34
C VAL A 207 13.62 14.30 22.10
N GLU A 208 14.75 14.95 22.29
CA GLU A 208 15.42 15.59 21.15
C GLU A 208 16.31 14.61 20.38
N THR A 209 15.93 14.36 19.13
CA THR A 209 16.75 13.55 18.24
C THR A 209 18.17 14.10 18.02
N ALA A 210 18.98 13.31 17.32
CA ALA A 210 20.30 13.76 16.92
C ALA A 210 20.45 13.74 15.41
N GLY A 211 20.68 14.91 14.83
CA GLY A 211 20.97 15.02 13.42
C GLY A 211 19.70 15.12 12.63
N GLY A 212 19.78 14.70 11.37
CA GLY A 212 18.62 14.65 10.54
C GLY A 212 17.68 13.50 10.87
N VAL A 213 16.46 13.66 10.41
CA VAL A 213 15.46 12.62 10.44
C VAL A 213 16.05 11.24 10.11
N ALA A 214 16.83 11.18 9.04
CA ALA A 214 17.36 9.90 8.58
C ALA A 214 18.88 9.77 8.82
N SER A 215 19.34 10.31 9.94
CA SER A 215 20.76 10.24 10.31
C SER A 215 21.08 9.01 11.15
N PRO A 216 22.20 8.32 10.84
CA PRO A 216 22.56 7.10 11.57
C PRO A 216 22.79 7.35 13.04
N GLY A 217 22.20 6.50 13.86
CA GLY A 217 22.50 6.41 15.29
C GLY A 217 23.77 5.61 15.50
N PRO A 218 24.15 5.41 16.76
CA PRO A 218 25.42 4.83 17.19
C PRO A 218 25.63 3.45 16.59
N SER A 219 24.52 2.77 16.34
CA SER A 219 24.54 1.40 15.85
C SER A 219 24.53 1.37 14.35
N GLY A 220 24.16 2.49 13.74
CA GLY A 220 24.15 2.59 12.30
C GLY A 220 22.73 2.65 11.78
N THR A 221 21.81 2.29 12.65
CA THR A 221 20.39 2.33 12.38
C THR A 221 19.94 3.77 12.22
N LEU A 222 19.34 4.08 11.07
CA LEU A 222 18.86 5.43 10.89
C LEU A 222 17.98 5.79 12.11
N GLN A 223 18.07 7.04 12.55
CA GLN A 223 17.38 7.45 13.76
C GLN A 223 15.87 7.21 13.70
N CYS A 224 15.27 7.55 12.56
CA CYS A 224 13.84 7.34 12.36
C CYS A 224 13.42 5.87 12.43
N ASP A 225 14.33 4.96 12.09
CA ASP A 225 14.05 3.53 12.31
C ASP A 225 14.27 3.14 13.78
N LEU A 226 15.29 3.71 14.40
CA LEU A 226 15.59 3.39 15.80
C LEU A 226 14.39 3.69 16.74
N TYR A 227 13.71 4.81 16.49
CA TYR A 227 12.61 5.20 17.36
C TYR A 227 11.26 4.58 17.01
N ARG A 228 11.17 3.96 15.84
CA ARG A 228 9.92 3.38 15.32
C ARG A 228 9.12 2.51 16.32
N PRO A 229 9.80 1.57 17.00
CA PRO A 229 9.14 0.73 18.01
C PRO A 229 8.28 1.52 19.00
N PHE A 230 8.67 2.76 19.33
CA PHE A 230 7.91 3.60 20.26
C PHE A 230 6.82 4.38 19.57
N ARG A 231 6.97 4.59 18.25
CA ARG A 231 6.10 5.50 17.49
C ARG A 231 5.57 6.67 18.32
N LEU A 232 6.49 7.53 18.77
CA LEU A 232 6.12 8.75 19.46
C LEU A 232 5.80 9.79 18.41
N PRO A 233 4.80 10.61 18.69
CA PRO A 233 4.46 11.77 17.86
C PRO A 233 5.59 12.74 17.97
N GLY A 234 5.66 13.70 17.06
CA GLY A 234 6.74 14.65 17.15
C GLY A 234 6.49 15.90 16.35
N ILE A 235 7.43 16.83 16.41
CA ILE A 235 7.43 17.99 15.55
C ILE A 235 8.69 17.99 14.73
N LEU A 236 8.62 18.63 13.58
CA LEU A 236 9.76 18.70 12.65
C LEU A 236 10.27 20.13 12.57
N VAL A 237 11.50 20.34 13.01
CA VAL A 237 12.16 21.62 12.83
C VAL A 237 12.67 21.67 11.39
N GLY A 238 12.13 22.63 10.62
CA GLY A 238 12.36 22.71 9.20
C GLY A 238 13.49 23.65 8.83
N ASP A 239 13.55 23.99 7.55
CA ASP A 239 14.70 24.69 7.04
C ASP A 239 14.27 25.96 6.34
N GLY A 240 14.61 27.10 6.94
CA GLY A 240 14.13 28.38 6.45
C GLY A 240 15.05 28.97 5.42
N ARG A 241 16.07 28.22 5.04
CA ARG A 241 17.06 28.71 4.10
C ARG A 241 16.69 28.34 2.69
N LEU A 242 17.54 28.71 1.75
CA LEU A 242 17.32 28.33 0.37
C LEU A 242 17.52 26.82 0.25
N GLY A 243 16.49 26.12 -0.22
CA GLY A 243 16.56 24.67 -0.30
C GLY A 243 15.87 23.99 0.86
N GLY A 244 15.33 24.79 1.78
CA GLY A 244 14.65 24.27 2.95
C GLY A 244 13.28 23.70 2.61
N ILE A 245 12.68 24.20 1.55
CA ILE A 245 11.39 23.67 1.15
C ILE A 245 11.60 22.22 0.78
N SER A 246 12.49 21.94 -0.16
CA SER A 246 12.72 20.57 -0.58
C SER A 246 13.17 19.74 0.61
N GLY A 247 14.07 20.30 1.40
CA GLY A 247 14.61 19.59 2.54
C GLY A 247 13.63 19.29 3.67
N THR A 248 12.69 20.20 3.87
CA THR A 248 11.69 20.02 4.90
C THR A 248 10.64 18.99 4.47
N ILE A 249 10.27 19.03 3.19
CA ILE A 249 9.25 18.14 2.67
C ILE A 249 9.78 16.71 2.64
N ALA A 250 11.05 16.56 2.30
CA ALA A 250 11.59 15.22 2.21
C ALA A 250 11.71 14.62 3.58
N ALA A 251 12.28 15.37 4.51
CA ALA A 251 12.36 14.94 5.90
C ALA A 251 10.99 14.62 6.46
N TYR A 252 10.00 15.39 6.07
CA TYR A 252 8.66 15.18 6.55
C TYR A 252 8.17 13.86 5.98
N GLU A 253 8.28 13.71 4.66
CA GLU A 253 7.80 12.51 3.98
C GLU A 253 8.46 11.25 4.50
N SER A 254 9.67 11.38 5.02
CA SER A 254 10.39 10.21 5.47
C SER A 254 9.97 9.77 6.87
N LEU A 255 9.44 10.71 7.64
CA LEU A 255 8.81 10.34 8.89
C LEU A 255 7.43 9.68 8.63
N LYS A 256 6.69 10.20 7.65
CA LYS A 256 5.39 9.65 7.33
C LYS A 256 5.56 8.22 6.84
N LEU A 257 6.56 8.05 5.99
CA LEU A 257 6.84 6.77 5.39
C LEU A 257 7.14 5.72 6.45
N ARG A 258 7.39 6.18 7.67
CA ARG A 258 7.69 5.27 8.76
C ARG A 258 6.56 5.18 9.74
N GLY A 259 5.52 5.95 9.42
CA GLY A 259 4.26 5.91 10.12
C GLY A 259 4.26 6.65 11.44
N TYR A 260 5.08 7.71 11.50
CA TYR A 260 5.09 8.67 12.60
C TYR A 260 4.03 9.72 12.34
N ASP A 261 3.59 10.42 13.38
CA ASP A 261 2.68 11.57 13.20
C ASP A 261 3.34 12.89 13.59
N ILE A 262 3.19 13.90 12.73
CA ILE A 262 3.87 15.18 12.96
C ILE A 262 2.89 16.34 13.28
N ALA A 263 2.83 16.72 14.55
CA ALA A 263 1.92 17.75 15.05
C ALA A 263 2.15 19.21 14.61
N ALA A 264 3.36 19.53 14.15
CA ALA A 264 3.67 20.88 13.64
C ALA A 264 5.04 20.89 13.02
N VAL A 265 5.22 21.79 12.05
CA VAL A 265 6.52 22.06 11.44
C VAL A 265 6.91 23.48 11.78
N VAL A 266 8.14 23.67 12.24
CA VAL A 266 8.62 25.00 12.62
C VAL A 266 10.00 25.28 12.05
N PHE A 267 10.21 26.50 11.60
CA PHE A 267 11.53 26.92 11.10
C PHE A 267 11.83 28.40 11.30
N GLU A 268 13.10 28.76 11.16
CA GLU A 268 13.55 30.14 11.32
C GLU A 268 13.50 30.95 10.02
N ASP A 269 12.73 32.02 10.04
CA ASP A 269 12.55 32.88 8.88
C ASP A 269 13.90 33.35 8.34
N HIS A 270 14.17 33.06 7.06
CA HIS A 270 15.32 33.65 6.37
C HIS A 270 14.88 34.56 5.23
N GLY A 271 13.66 35.08 5.33
CA GLY A 271 13.10 36.03 4.38
C GLY A 271 12.80 35.44 3.02
N LEU A 272 12.67 34.11 2.98
CA LEU A 272 12.44 33.43 1.71
CA LEU A 272 12.45 33.40 1.73
C LEU A 272 10.99 32.98 1.53
N VAL A 273 10.17 33.21 2.55
CA VAL A 273 8.75 32.89 2.51
C VAL A 273 8.55 31.41 2.26
N ASN A 274 9.38 30.61 2.94
CA ASN A 274 9.35 29.16 2.80
C ASN A 274 8.03 28.52 3.27
N GLU A 275 7.36 29.16 4.24
CA GLU A 275 6.22 28.54 4.90
C GLU A 275 5.05 28.34 3.95
N VAL A 276 5.02 29.11 2.87
CA VAL A 276 3.87 29.03 1.98
C VAL A 276 3.83 27.71 1.26
N PRO A 277 4.91 27.37 0.53
CA PRO A 277 4.92 26.09 -0.18
C PRO A 277 4.74 24.96 0.82
N LEU A 278 5.33 25.07 2.00
CA LEU A 278 5.10 24.09 3.05
C LEU A 278 3.62 23.91 3.40
N THR A 279 2.95 24.98 3.80
CA THR A 279 1.53 24.87 4.12
C THR A 279 0.71 24.33 2.94
N SER A 280 0.94 24.89 1.75
CA SER A 280 0.24 24.41 0.58
C SER A 280 0.37 22.89 0.47
N TYR A 281 1.62 22.40 0.45
CA TYR A 281 1.90 20.98 0.42
C TYR A 281 1.20 20.19 1.57
N LEU A 282 1.20 20.76 2.77
CA LEU A 282 0.57 20.08 3.89
C LEU A 282 -0.96 20.22 3.85
N ARG A 283 -1.47 20.76 2.75
CA ARG A 283 -2.89 21.11 2.65
C ARG A 283 -3.37 21.75 3.95
N ASN A 284 -2.52 22.55 4.57
CA ASN A 284 -2.89 23.30 5.75
C ASN A 284 -3.36 22.41 6.90
N LYS A 285 -3.15 21.11 6.73
CA LYS A 285 -3.61 20.14 7.72
C LYS A 285 -2.67 20.08 8.93
N VAL A 286 -1.45 20.54 8.75
CA VAL A 286 -0.50 20.65 9.85
C VAL A 286 -0.02 22.09 9.96
N PRO A 287 0.00 22.62 11.17
CA PRO A 287 0.45 24.01 11.34
C PRO A 287 1.96 24.18 11.05
N VAL A 288 2.29 25.22 10.30
CA VAL A 288 3.67 25.60 9.99
C VAL A 288 4.07 26.90 10.70
N LEU A 289 4.78 26.80 11.82
CA LEU A 289 5.22 27.99 12.57
C LEU A 289 6.60 28.53 12.09
N VAL A 290 6.66 29.83 11.89
CA VAL A 290 7.83 30.55 11.39
C VAL A 290 8.44 31.45 12.48
N LEU A 291 9.57 31.03 13.04
CA LEU A 291 10.30 31.82 14.02
C LEU A 291 11.02 33.00 13.37
N PRO A 292 11.24 34.09 14.14
CA PRO A 292 11.89 35.30 13.64
C PRO A 292 13.37 35.03 13.51
N PRO A 293 14.09 35.78 12.64
CA PRO A 293 15.51 35.50 12.41
C PRO A 293 16.29 35.44 13.71
N VAL A 294 17.27 34.56 13.76
CA VAL A 294 18.14 34.44 14.94
C VAL A 294 19.28 35.43 14.78
N PRO A 295 19.69 36.05 15.90
CA PRO A 295 20.85 36.96 15.89
C PRO A 295 22.10 36.30 15.27
N LYS A 296 22.67 36.89 14.23
CA LYS A 296 23.84 36.31 13.57
C LYS A 296 25.12 36.49 14.39
N ASP A 297 25.14 37.49 15.26
CA ASP A 297 26.27 37.69 16.16
C ASP A 297 26.45 36.51 17.12
N PRO A 298 27.58 35.79 16.98
CA PRO A 298 27.92 34.60 17.78
C PRO A 298 27.93 34.87 19.29
N SER A 299 28.07 36.13 19.67
CA SER A 299 28.13 36.52 21.07
C SER A 299 26.74 36.68 21.66
N ASP A 300 25.73 36.72 20.80
CA ASP A 300 24.37 37.04 21.25
C ASP A 300 23.77 36.07 22.26
N ASP A 301 23.17 36.65 23.30
CA ASP A 301 22.51 35.94 24.39
C ASP A 301 21.36 35.07 23.90
N LEU A 302 20.71 35.56 22.84
CA LEU A 302 19.47 34.99 22.34
C LEU A 302 18.31 35.25 23.29
N ILE A 303 18.61 35.80 24.46
CA ILE A 303 17.60 35.95 25.51
C ILE A 303 16.46 36.87 25.10
N GLU A 304 16.74 37.86 24.27
CA GLU A 304 15.68 38.71 23.74
C GLU A 304 15.01 38.16 22.49
N TRP A 305 15.68 37.22 21.82
CA TRP A 305 15.07 36.51 20.70
C TRP A 305 14.03 35.52 21.21
N PHE A 306 14.41 34.75 22.23
CA PHE A 306 13.50 33.85 22.91
C PHE A 306 12.26 34.58 23.37
N VAL A 307 12.46 35.75 23.95
CA VAL A 307 11.31 36.56 24.36
C VAL A 307 10.53 36.93 23.12
N GLU A 308 11.21 37.43 22.10
CA GLU A 308 10.55 37.88 20.87
C GLU A 308 9.77 36.76 20.18
N SER A 309 10.07 35.52 20.55
CA SER A 309 9.53 34.38 19.84
C SER A 309 8.51 33.66 20.70
N ASP A 310 8.23 34.24 21.87
CA ASP A 310 7.25 33.68 22.78
C ASP A 310 5.96 33.35 22.05
N GLY A 311 5.50 34.29 21.23
CA GLY A 311 4.28 34.08 20.45
C GLY A 311 4.29 32.72 19.80
N VAL A 312 5.24 32.54 18.90
CA VAL A 312 5.41 31.28 18.19
C VAL A 312 5.56 30.08 19.15
N PHE A 313 6.41 30.19 20.18
CA PHE A 313 6.57 29.08 21.13
C PHE A 313 5.30 28.75 21.93
N LYS A 314 4.58 29.78 22.34
CA LYS A 314 3.27 29.60 22.94
C LYS A 314 2.46 28.70 22.00
N ALA A 315 2.29 29.16 20.75
CA ALA A 315 1.54 28.40 19.74
C ALA A 315 2.00 26.93 19.62
N LEU A 316 3.29 26.74 19.36
CA LEU A 316 3.86 25.42 19.20
C LEU A 316 3.54 24.51 20.38
N LYS A 317 3.69 25.03 21.60
CA LYS A 317 3.41 24.25 22.79
C LYS A 317 1.94 23.84 22.82
N GLU A 318 1.05 24.79 22.55
CA GLU A 318 -0.37 24.49 22.59
C GLU A 318 -0.69 23.40 21.57
N THR A 319 -0.29 23.64 20.32
CA THR A 319 -0.43 22.65 19.27
C THR A 319 -0.02 21.24 19.72
N MET A 320 1.14 21.12 20.37
CA MET A 320 1.59 19.85 20.90
C MET A 320 0.69 19.33 22.03
N VAL A 321 0.38 20.16 23.02
CA VAL A 321 -0.42 19.76 24.19
C VAL A 321 -1.79 19.32 23.74
N LEU A 322 -2.39 20.17 22.90
CA LEU A 322 -3.66 19.94 22.20
C LEU A 322 -3.80 18.62 21.50
N ALA A 323 -2.97 18.42 20.47
CA ALA A 323 -2.91 17.21 19.68
C ALA A 323 -2.86 15.96 20.55
N ASN A 324 -2.27 16.04 21.73
CA ASN A 324 -2.21 14.86 22.60
C ASN A 324 -3.58 14.57 23.20
N LEU A 325 -4.25 15.62 23.67
CA LEU A 325 -5.59 15.53 24.23
C LEU A 325 -6.54 14.99 23.20
N GLU A 326 -6.43 15.53 21.99
CA GLU A 326 -7.26 15.08 20.89
C GLU A 326 -6.97 13.63 20.48
N ARG A 327 -5.71 13.23 20.57
CA ARG A 327 -5.35 11.85 20.28
C ARG A 327 -5.92 10.91 21.32
N LEU A 328 -5.93 11.37 22.57
CA LEU A 328 -6.41 10.58 23.69
C LEU A 328 -7.93 10.54 23.70
N GLU A 329 -8.55 11.60 23.24
CA GLU A 329 -10.00 11.63 23.21
C GLU A 329 -10.49 10.55 22.26
N ARG A 330 -9.87 10.46 21.08
CA ARG A 330 -10.23 9.46 20.07
C ARG A 330 -9.97 8.01 20.55
N LEU A 331 -8.81 7.77 21.15
CA LEU A 331 -8.49 6.45 21.73
C LEU A 331 -9.53 6.05 22.76
N ASN A 332 -9.83 7.00 23.65
CA ASN A 332 -10.76 6.75 24.73
C ASN A 332 -12.19 6.57 24.31
N GLY A 333 -12.47 6.70 23.02
CA GLY A 333 -13.79 6.45 22.49
C GLY A 333 -13.88 5.35 21.45
N MET A 334 -12.73 4.79 21.07
CA MET A 334 -12.66 3.90 19.90
C MET A 334 -13.30 2.53 20.12
N ALA A 335 -13.11 1.96 21.30
CA ALA A 335 -13.75 0.70 21.64
C ALA A 335 -15.27 0.83 21.60
N LYS A 336 -15.81 1.77 22.38
CA LYS A 336 -17.25 1.99 22.44
C LYS A 336 -17.83 2.18 21.04
N LEU A 337 -17.14 2.97 20.24
CA LEU A 337 -17.54 3.23 18.88
C LEU A 337 -17.38 2.00 17.99
N ALA A 338 -16.29 1.26 18.17
CA ALA A 338 -16.07 0.02 17.45
C ALA A 338 -17.29 -0.87 17.63
N GLY A 339 -17.62 -1.15 18.90
CA GLY A 339 -18.76 -1.98 19.22
C GLY A 339 -20.08 -1.54 18.58
N GLU A 340 -20.21 -0.24 18.32
CA GLU A 340 -21.46 0.34 17.79
C GLU A 340 -21.55 0.32 16.28
N VAL A 341 -20.39 0.36 15.62
CA VAL A 341 -20.36 0.60 14.19
C VAL A 341 -19.88 -0.56 13.35
N PHE A 342 -19.15 -1.48 13.96
CA PHE A 342 -18.55 -2.60 13.23
C PHE A 342 -19.46 -3.80 13.16
N TRP A 343 -19.36 -4.57 12.08
CA TRP A 343 -19.84 -5.94 12.13
C TRP A 343 -18.65 -6.88 11.94
N TRP A 344 -18.11 -7.37 13.07
CA TRP A 344 -16.92 -8.21 13.06
C TRP A 344 -17.16 -9.60 12.48
N PRO A 345 -16.25 -10.05 11.61
CA PRO A 345 -16.30 -11.41 11.07
C PRO A 345 -16.12 -12.45 12.17
N PHE A 346 -16.68 -13.64 12.00
CA PHE A 346 -16.52 -14.71 12.98
C PHE A 346 -16.62 -14.23 14.44
N THR A 347 -17.65 -13.42 14.73
CA THR A 347 -17.89 -12.92 16.08
C THR A 347 -19.38 -12.83 16.43
N GLN A 348 -19.71 -13.27 17.63
CA GLN A 348 -21.06 -13.11 18.15
C GLN A 348 -21.06 -11.86 19.00
N HIS A 349 -21.55 -10.75 18.46
CA HIS A 349 -21.43 -9.49 19.20
C HIS A 349 -21.99 -9.58 20.62
N LYS A 350 -23.06 -10.35 20.79
CA LYS A 350 -23.73 -10.45 22.10
C LYS A 350 -22.76 -10.82 23.21
N LEU A 351 -21.61 -11.35 22.79
CA LEU A 351 -20.64 -11.93 23.71
C LEU A 351 -19.41 -11.05 23.83
N VAL A 352 -19.33 -10.04 22.97
CA VAL A 352 -18.18 -9.15 23.00
C VAL A 352 -18.53 -7.93 23.83
N HIS A 353 -17.85 -7.76 24.96
CA HIS A 353 -18.06 -6.57 25.78
C HIS A 353 -17.00 -5.53 25.47
N GLN A 354 -17.33 -4.25 25.68
CA GLN A 354 -16.42 -3.17 25.37
C GLN A 354 -15.08 -3.44 26.03
N GLU A 355 -15.12 -3.97 27.24
CA GLU A 355 -13.88 -4.27 27.97
C GLU A 355 -13.02 -5.37 27.27
N THR A 356 -13.58 -6.07 26.29
CA THR A 356 -12.84 -7.07 25.53
C THR A 356 -12.15 -6.41 24.33
N VAL A 357 -12.85 -5.46 23.71
CA VAL A 357 -12.38 -4.81 22.49
C VAL A 357 -10.97 -4.29 22.68
N THR A 358 -10.06 -4.76 21.84
CA THR A 358 -8.66 -4.36 21.90
C THR A 358 -8.40 -3.13 21.01
N VAL A 359 -7.78 -2.10 21.56
CA VAL A 359 -7.48 -0.90 20.75
C VAL A 359 -6.06 -0.92 20.22
N ILE A 360 -5.94 -1.08 18.90
CA ILE A 360 -4.64 -1.20 18.26
C ILE A 360 -4.24 0.11 17.60
N ASP A 361 -3.23 0.74 18.15
CA ASP A 361 -2.79 2.04 17.69
C ASP A 361 -1.75 1.99 16.56
N SER A 362 -1.01 0.87 16.49
CA SER A 362 -0.01 0.66 15.43
C SER A 362 0.55 -0.75 15.53
N ARG A 363 1.45 -1.08 14.62
CA ARG A 363 2.10 -2.37 14.66
C ARG A 363 3.53 -2.20 14.22
N CYS A 364 4.43 -2.85 14.97
CA CYS A 364 5.84 -2.84 14.63
C CYS A 364 6.41 -4.27 14.61
N GLY A 365 6.57 -4.81 13.40
CA GLY A 365 6.79 -6.24 13.23
C GLY A 365 5.73 -7.09 13.94
N GLU A 366 6.19 -8.05 14.74
CA GLU A 366 5.33 -8.98 15.45
C GLU A 366 4.43 -8.34 16.52
N ASN A 367 4.70 -7.09 16.90
CA ASN A 367 4.00 -6.50 18.06
C ASN A 367 3.00 -5.41 17.76
N PHE A 368 1.79 -5.57 18.30
CA PHE A 368 0.79 -4.52 18.31
C PHE A 368 1.19 -3.51 19.36
N SER A 369 0.87 -2.25 19.12
CA SER A 369 0.89 -1.27 20.18
C SER A 369 -0.55 -1.07 20.56
N ILE A 370 -0.84 -1.32 21.82
CA ILE A 370 -2.22 -1.42 22.29
C ILE A 370 -2.51 -0.37 23.35
N TYR A 371 -3.54 0.45 23.11
CA TYR A 371 -3.99 1.42 24.10
C TYR A 371 -4.92 0.80 25.12
N LYS A 372 -4.53 0.84 26.39
CA LYS A 372 -5.42 0.47 27.49
C LYS A 372 -5.60 1.68 28.39
N ALA A 373 -6.83 2.21 28.49
CA ALA A 373 -7.09 3.35 29.40
C ALA A 373 -7.20 2.97 30.87
N SER A 374 -7.56 1.72 31.13
CA SER A 374 -7.67 1.22 32.50
C SER A 374 -6.33 1.21 33.21
N ASP A 375 -5.26 1.44 32.44
CA ASP A 375 -3.95 1.71 33.04
C ASP A 375 -3.98 3.14 33.46
N ASN A 376 -2.90 3.84 33.12
CA ASN A 376 -2.90 5.26 33.20
C ASN A 376 -3.09 5.75 31.80
N SER A 377 -3.89 5.02 31.03
CA SER A 377 -3.99 5.31 29.61
C SER A 377 -2.62 5.11 28.99
N SER A 378 -2.25 3.87 28.74
CA SER A 378 -0.91 3.55 28.25
C SER A 378 -0.88 2.66 27.00
N LEU A 379 0.13 2.86 26.15
CA LEU A 379 0.40 1.98 25.00
C LEU A 379 1.38 0.90 25.41
N SER A 380 1.10 -0.33 25.03
CA SER A 380 1.98 -1.45 25.40
C SER A 380 2.15 -2.39 24.23
N GLN A 381 3.35 -2.96 24.10
CA GLN A 381 3.55 -3.98 23.09
C GLN A 381 2.77 -5.22 23.46
N GLN A 382 2.30 -5.92 22.44
CA GLN A 382 1.58 -7.14 22.64
C GLN A 382 1.74 -8.01 21.41
N PHE A 383 2.32 -9.19 21.62
CA PHE A 383 2.64 -10.08 20.50
C PHE A 383 1.41 -10.53 19.70
N ASP A 384 1.52 -10.45 18.38
CA ASP A 384 0.41 -10.89 17.51
C ASP A 384 0.54 -12.39 17.23
N ALA A 385 0.05 -13.18 18.18
CA ALA A 385 0.30 -14.62 18.19
C ALA A 385 -0.74 -15.46 17.42
N CYS A 386 -1.68 -14.79 16.77
CA CYS A 386 -2.58 -15.40 15.84
C CYS A 386 -2.16 -14.99 14.44
N ALA A 387 -1.06 -14.22 14.39
CA ALA A 387 -0.54 -13.64 13.15
C ALA A 387 -1.66 -12.97 12.37
N SER A 388 -2.55 -12.31 13.08
CA SER A 388 -3.70 -11.70 12.44
C SER A 388 -4.30 -12.65 11.44
N TRP A 389 -4.83 -13.76 11.95
CA TRP A 389 -5.41 -14.83 11.14
C TRP A 389 -4.41 -15.36 10.14
N TRP A 390 -3.21 -15.66 10.62
CA TRP A 390 -2.24 -16.41 9.85
C TRP A 390 -1.77 -15.70 8.58
N THR A 391 -1.77 -14.37 8.61
CA THR A 391 -1.27 -13.57 7.51
C THR A 391 0.12 -13.03 7.79
N GLN A 392 0.51 -13.01 9.07
CA GLN A 392 1.67 -12.26 9.54
C GLN A 392 3.05 -12.90 9.37
N GLY A 393 4.03 -12.05 9.11
CA GLY A 393 5.40 -12.48 8.92
C GLY A 393 6.51 -11.46 9.14
N PRO A 394 6.23 -10.16 8.90
CA PRO A 394 7.35 -9.23 8.74
C PRO A 394 8.01 -8.83 10.04
N ASP A 395 9.35 -8.78 10.01
CA ASP A 395 10.15 -8.02 10.96
C ASP A 395 9.64 -6.59 11.04
N PRO A 396 9.99 -5.91 12.13
CA PRO A 396 9.92 -4.46 12.16
C PRO A 396 10.66 -3.91 10.94
N THR A 397 11.84 -4.45 10.76
CA THR A 397 12.69 -4.13 9.63
C THR A 397 12.03 -4.39 8.28
N PHE A 398 11.53 -5.60 8.11
CA PHE A 398 10.92 -5.90 6.84
C PHE A 398 9.73 -4.98 6.64
N GLN A 399 8.93 -4.81 7.69
CA GLN A 399 7.71 -4.03 7.57
C GLN A 399 8.02 -2.64 6.98
N ALA A 400 9.09 -2.00 7.47
CA ALA A 400 9.47 -0.67 7.03
C ALA A 400 9.83 -0.69 5.57
N GLU A 401 10.53 -1.75 5.16
CA GLU A 401 10.98 -1.89 3.80
C GLU A 401 9.75 -2.06 2.91
N LEU A 402 8.86 -2.97 3.31
CA LEU A 402 7.64 -3.22 2.55
C LEU A 402 6.88 -1.95 2.31
N ALA A 403 6.68 -1.17 3.39
CA ALA A 403 5.97 0.11 3.29
C ALA A 403 6.51 0.95 2.13
N ARG A 404 7.80 1.22 2.15
CA ARG A 404 8.43 1.92 1.05
C ARG A 404 8.03 1.30 -0.31
N GLU A 405 8.09 -0.02 -0.41
CA GLU A 405 7.91 -0.66 -1.71
C GLU A 405 6.47 -0.41 -2.14
N MET A 406 5.58 -0.40 -1.15
CA MET A 406 4.17 -0.22 -1.41
C MET A 406 3.85 1.20 -1.90
N GLY A 407 4.24 2.22 -1.12
CA GLY A 407 4.14 3.62 -1.56
C GLY A 407 4.67 3.88 -2.97
N TYR A 408 5.82 3.28 -3.29
CA TYR A 408 6.42 3.39 -4.62
C TYR A 408 5.52 2.76 -5.68
N THR A 409 4.96 1.61 -5.34
CA THR A 409 4.09 0.89 -6.24
C THR A 409 2.80 1.68 -6.41
N ALA A 410 2.20 2.15 -5.31
CA ALA A 410 1.02 3.01 -5.37
C ALA A 410 1.28 4.16 -6.31
N ALA A 411 2.44 4.77 -6.15
CA ALA A 411 2.80 5.93 -6.94
C ALA A 411 3.11 5.62 -8.41
N ARG A 412 3.70 4.46 -8.66
CA ARG A 412 4.04 4.09 -10.03
C ARG A 412 2.86 3.55 -10.83
N PHE A 413 2.03 2.73 -10.18
CA PHE A 413 0.96 1.99 -10.86
C PHE A 413 -0.42 2.22 -10.28
N GLY A 414 -0.48 2.46 -8.98
CA GLY A 414 -1.72 2.33 -8.25
C GLY A 414 -2.32 1.00 -8.64
N HIS A 415 -3.38 1.04 -9.45
CA HIS A 415 -3.96 -0.18 -10.01
C HIS A 415 -4.18 -0.10 -11.51
N VAL A 416 -3.66 -1.08 -12.24
CA VAL A 416 -3.81 -1.10 -13.68
C VAL A 416 -4.39 -2.41 -14.21
N MET A 417 -5.27 -2.26 -15.20
CA MET A 417 -5.97 -3.34 -15.90
C MET A 417 -5.13 -4.59 -16.18
N PHE A 418 -5.57 -5.74 -15.68
CA PHE A 418 -4.77 -6.95 -15.83
C PHE A 418 -4.96 -7.70 -17.15
N PRO A 419 -6.20 -8.18 -17.43
CA PRO A 419 -6.42 -9.05 -18.60
C PRO A 419 -5.81 -8.52 -19.89
N GLU A 420 -4.97 -9.36 -20.51
CA GLU A 420 -4.33 -9.07 -21.80
C GLU A 420 -3.19 -8.07 -21.70
N ASN A 421 -2.92 -7.63 -20.47
CA ASN A 421 -1.88 -6.64 -20.20
C ASN A 421 -0.75 -7.20 -19.34
N VAL A 422 0.43 -6.62 -19.44
CA VAL A 422 1.50 -6.97 -18.52
C VAL A 422 2.12 -5.72 -17.88
N TYR A 423 2.47 -5.84 -16.60
CA TYR A 423 3.26 -4.80 -15.93
C TYR A 423 4.16 -5.45 -14.88
N GLU A 424 5.23 -4.76 -14.52
CA GLU A 424 6.28 -5.42 -13.76
C GLU A 424 5.88 -6.19 -12.47
N PRO A 425 5.22 -5.53 -11.52
CA PRO A 425 5.08 -6.22 -10.24
C PRO A 425 4.38 -7.54 -10.42
N ALA A 426 3.44 -7.60 -11.37
CA ALA A 426 2.68 -8.83 -11.68
C ALA A 426 3.51 -9.88 -12.41
N LEU A 427 4.13 -9.50 -13.51
CA LEU A 427 5.00 -10.40 -14.22
C LEU A 427 6.03 -10.98 -13.26
N LYS A 428 6.62 -10.14 -12.42
CA LYS A 428 7.67 -10.57 -11.50
C LYS A 428 7.11 -11.56 -10.51
N CYS A 429 5.99 -11.21 -9.90
CA CYS A 429 5.37 -12.06 -8.89
C CYS A 429 5.16 -13.47 -9.48
N ALA A 430 4.63 -13.51 -10.70
CA ALA A 430 4.31 -14.77 -11.40
C ALA A 430 5.56 -15.64 -11.60
N GLU A 431 6.63 -15.01 -12.06
CA GLU A 431 7.92 -15.68 -12.24
C GLU A 431 8.41 -16.29 -10.93
N LEU A 432 8.40 -15.52 -9.85
CA LEU A 432 8.88 -15.97 -8.57
C LEU A 432 8.03 -17.14 -8.08
N LEU A 433 6.75 -17.10 -8.42
CA LEU A 433 5.81 -18.13 -7.99
C LEU A 433 6.08 -19.43 -8.67
N LEU A 434 6.22 -19.38 -9.99
CA LEU A 434 6.56 -20.56 -10.79
C LEU A 434 7.94 -21.14 -10.53
N ASP A 435 8.94 -20.31 -10.24
CA ASP A 435 10.29 -20.81 -10.05
C ASP A 435 10.48 -21.32 -8.64
N GLY A 436 9.47 -21.11 -7.80
CA GLY A 436 9.56 -21.47 -6.41
C GLY A 436 8.46 -22.42 -5.98
N VAL A 437 7.42 -21.85 -5.40
CA VAL A 437 6.36 -22.63 -4.81
C VAL A 437 5.71 -23.57 -5.84
N GLY A 438 5.89 -23.24 -7.11
CA GLY A 438 5.26 -23.99 -8.18
C GLY A 438 6.31 -24.63 -9.06
N LYS A 439 7.46 -24.87 -8.46
CA LYS A 439 8.62 -25.36 -9.18
C LYS A 439 8.35 -26.71 -9.79
N GLY A 440 8.57 -26.81 -11.09
CA GLY A 440 8.48 -28.08 -11.81
C GLY A 440 7.12 -28.77 -11.73
N TRP A 441 6.08 -28.07 -12.15
CA TRP A 441 4.73 -28.62 -12.26
C TRP A 441 3.78 -27.54 -12.71
N ALA A 442 3.93 -26.33 -12.16
CA ALA A 442 3.06 -25.21 -12.52
C ALA A 442 3.49 -24.48 -13.80
N SER A 443 2.53 -24.09 -14.64
CA SER A 443 2.88 -23.32 -15.84
C SER A 443 2.12 -22.00 -15.94
N ARG A 444 1.07 -21.86 -15.13
CA ARG A 444 0.23 -20.67 -15.21
C ARG A 444 -0.11 -20.13 -13.83
N VAL A 445 -0.26 -18.81 -13.77
CA VAL A 445 -0.59 -18.14 -12.52
C VAL A 445 -1.86 -17.35 -12.76
N TYR A 446 -2.86 -17.60 -11.91
CA TYR A 446 -4.15 -16.92 -11.99
C TYR A 446 -4.40 -16.13 -10.71
N PHE A 447 -4.61 -14.82 -10.87
CA PHE A 447 -4.69 -13.94 -9.73
C PHE A 447 -6.12 -13.78 -9.25
N SER A 448 -6.29 -13.78 -7.93
CA SER A 448 -7.55 -13.39 -7.32
C SER A 448 -7.22 -12.60 -6.07
N ASP A 449 -8.22 -12.33 -5.24
CA ASP A 449 -8.02 -11.39 -4.15
C ASP A 449 -7.75 -12.08 -2.81
N ASN A 450 -8.21 -13.31 -2.64
CA ASN A 450 -7.97 -14.01 -1.38
C ASN A 450 -8.05 -15.52 -1.55
N GLY A 451 -8.04 -16.23 -0.43
CA GLY A 451 -8.03 -17.68 -0.43
C GLY A 451 -9.30 -18.20 -1.05
N SER A 452 -10.43 -17.75 -0.51
CA SER A 452 -11.73 -18.14 -1.03
C SER A 452 -11.77 -17.98 -2.54
N THR A 453 -11.53 -16.77 -3.05
CA THR A 453 -11.58 -16.59 -4.49
C THR A 453 -10.60 -17.52 -5.18
N ALA A 454 -9.49 -17.81 -4.51
CA ALA A 454 -8.47 -18.64 -5.09
C ALA A 454 -9.06 -20.03 -5.28
N ILE A 455 -9.56 -20.59 -4.18
CA ILE A 455 -10.17 -21.90 -4.14
C ILE A 455 -11.29 -22.06 -5.18
N GLU A 456 -12.22 -21.12 -5.17
CA GLU A 456 -13.34 -21.14 -6.13
C GLU A 456 -12.85 -21.28 -7.56
N ILE A 457 -11.80 -20.53 -7.90
CA ILE A 457 -11.21 -20.61 -9.23
C ILE A 457 -10.58 -21.98 -9.49
N ALA A 458 -10.00 -22.57 -8.45
CA ALA A 458 -9.40 -23.91 -8.53
C ALA A 458 -10.48 -24.92 -8.91
N LEU A 459 -11.63 -24.83 -8.25
CA LEU A 459 -12.74 -25.71 -8.56
C LEU A 459 -13.17 -25.57 -10.04
N LYS A 460 -13.45 -24.35 -10.49
CA LYS A 460 -13.81 -24.15 -11.89
C LYS A 460 -12.74 -24.80 -12.77
N MET A 461 -11.50 -24.66 -12.34
CA MET A 461 -10.38 -25.15 -13.11
C MET A 461 -10.38 -26.68 -13.12
N ALA A 462 -10.46 -27.28 -11.94
CA ALA A 462 -10.35 -28.72 -11.79
C ALA A 462 -11.40 -29.42 -12.62
N PHE A 463 -12.64 -28.97 -12.45
CA PHE A 463 -13.76 -29.59 -13.11
C PHE A 463 -13.64 -29.56 -14.65
N ARG A 464 -13.15 -28.47 -15.24
CA ARG A 464 -12.99 -28.45 -16.70
C ARG A 464 -11.95 -29.46 -17.15
N LYS A 465 -10.80 -29.47 -16.49
CA LYS A 465 -9.79 -30.50 -16.74
C LYS A 465 -10.48 -31.86 -16.72
N PHE A 466 -11.22 -32.14 -15.66
CA PHE A 466 -11.98 -33.38 -15.57
C PHE A 466 -13.00 -33.55 -16.71
N CYS A 467 -13.98 -32.67 -16.78
CA CYS A 467 -15.03 -32.74 -17.80
C CYS A 467 -14.50 -32.50 -19.21
N VAL A 468 -13.28 -32.94 -19.45
CA VAL A 468 -12.62 -32.85 -20.74
C VAL A 468 -11.75 -34.10 -20.81
N ASP A 469 -11.30 -34.56 -19.64
CA ASP A 469 -10.64 -35.85 -19.52
C ASP A 469 -11.65 -36.99 -19.70
N HIS A 470 -12.92 -36.70 -19.44
CA HIS A 470 -13.98 -37.71 -19.51
C HIS A 470 -15.18 -37.16 -20.29
N ASN A 471 -14.95 -36.03 -20.96
CA ASN A 471 -15.95 -35.34 -21.78
C ASN A 471 -17.37 -35.37 -21.24
N PHE A 472 -17.73 -34.34 -20.51
CA PHE A 472 -19.08 -34.15 -20.05
C PHE A 472 -19.45 -32.69 -20.29
N ILE A 482 -23.10 -34.22 -16.67
CA ILE A 482 -23.27 -35.13 -15.53
C ILE A 482 -23.50 -34.32 -14.24
N VAL A 483 -23.04 -34.87 -13.13
CA VAL A 483 -23.02 -34.17 -11.85
C VAL A 483 -21.71 -34.46 -11.12
N VAL A 484 -21.06 -33.41 -10.62
CA VAL A 484 -19.74 -33.55 -9.99
C VAL A 484 -19.69 -33.22 -8.51
N LYS A 485 -18.72 -33.87 -7.86
CA LYS A 485 -18.50 -33.75 -6.41
C LYS A 485 -16.99 -33.70 -6.11
N VAL A 486 -16.64 -33.05 -5.03
CA VAL A 486 -15.25 -33.04 -4.67
C VAL A 486 -15.03 -34.29 -3.83
N ILE A 487 -13.78 -34.72 -3.71
CA ILE A 487 -13.39 -35.55 -2.56
C ILE A 487 -12.42 -34.75 -1.69
N ALA A 488 -12.71 -34.70 -0.40
CA ALA A 488 -11.95 -33.90 0.53
C ALA A 488 -11.88 -34.63 1.86
N LEU A 489 -11.09 -34.12 2.80
CA LEU A 489 -10.99 -34.73 4.11
C LEU A 489 -11.78 -33.95 5.14
N ARG A 490 -12.60 -34.64 5.92
CA ARG A 490 -13.42 -33.97 6.91
C ARG A 490 -12.52 -33.11 7.78
N GLY A 491 -13.00 -31.89 8.10
CA GLY A 491 -12.25 -30.95 8.92
C GLY A 491 -11.41 -29.97 8.11
N SER A 492 -11.18 -30.31 6.84
CA SER A 492 -10.48 -29.40 5.95
C SER A 492 -11.38 -28.21 5.64
N TYR A 493 -10.77 -27.11 5.21
CA TYR A 493 -11.46 -25.83 5.14
C TYR A 493 -10.85 -25.05 4.00
N HIS A 494 -11.62 -24.18 3.36
CA HIS A 494 -11.16 -23.54 2.14
C HIS A 494 -11.81 -22.20 1.81
N GLY A 495 -12.27 -21.50 2.83
CA GLY A 495 -12.88 -20.20 2.59
C GLY A 495 -14.38 -20.19 2.72
N ASP A 496 -14.96 -18.99 2.79
CA ASP A 496 -16.35 -18.84 3.20
C ASP A 496 -17.31 -18.44 2.06
N THR A 497 -16.79 -18.20 0.86
CA THR A 497 -17.68 -18.08 -0.30
C THR A 497 -18.31 -19.44 -0.62
N LEU A 498 -19.57 -19.41 -1.04
CA LEU A 498 -20.37 -20.62 -1.20
C LEU A 498 -19.67 -21.79 -1.90
N GLY A 499 -19.02 -21.52 -3.02
CA GLY A 499 -18.22 -22.53 -3.70
C GLY A 499 -17.10 -23.10 -2.84
N ALA A 500 -16.30 -22.24 -2.24
CA ALA A 500 -15.26 -22.68 -1.34
C ALA A 500 -15.88 -23.37 -0.14
N MET A 501 -17.18 -23.14 0.03
CA MET A 501 -17.85 -23.68 1.20
C MET A 501 -18.29 -25.11 0.91
N GLU A 502 -18.73 -25.35 -0.33
CA GLU A 502 -19.19 -26.66 -0.75
C GLU A 502 -18.13 -27.75 -0.58
N ALA A 503 -16.87 -27.45 -0.90
CA ALA A 503 -15.79 -28.44 -0.75
C ALA A 503 -15.43 -28.66 0.70
N GLN A 504 -16.21 -28.04 1.58
CA GLN A 504 -16.04 -28.28 3.00
C GLN A 504 -17.12 -29.23 3.49
N ALA A 505 -16.75 -30.20 4.31
CA ALA A 505 -17.74 -31.08 4.91
C ALA A 505 -18.34 -30.35 6.09
N PRO A 506 -19.59 -30.70 6.44
CA PRO A 506 -20.29 -30.13 7.60
C PRO A 506 -19.37 -29.81 8.74
N SER A 507 -19.53 -28.62 9.33
CA SER A 507 -18.66 -28.17 10.40
C SER A 507 -19.29 -26.95 11.06
N PRO A 508 -18.73 -26.49 12.19
CA PRO A 508 -19.18 -25.23 12.78
C PRO A 508 -19.31 -24.14 11.72
N TYR A 509 -18.55 -24.29 10.64
CA TYR A 509 -18.40 -23.23 9.64
C TYR A 509 -19.47 -23.27 8.56
N THR A 510 -20.09 -24.43 8.40
CA THR A 510 -21.09 -24.65 7.40
C THR A 510 -22.44 -24.74 8.09
N GLY A 511 -23.47 -25.18 7.35
CA GLY A 511 -24.80 -25.38 7.91
C GLY A 511 -25.92 -24.63 7.22
N PHE A 512 -26.96 -24.32 7.97
CA PHE A 512 -28.10 -23.58 7.45
C PHE A 512 -27.94 -22.12 7.89
N LEU A 513 -27.27 -21.93 9.04
CA LEU A 513 -27.12 -20.60 9.59
C LEU A 513 -26.19 -19.70 8.77
N GLN A 514 -25.11 -20.28 8.25
CA GLN A 514 -24.23 -19.54 7.36
C GLN A 514 -24.80 -19.44 5.94
N GLN A 515 -24.85 -20.56 5.23
CA GLN A 515 -25.44 -20.55 3.89
C GLN A 515 -26.61 -21.53 3.70
N PRO A 516 -27.80 -20.98 3.48
CA PRO A 516 -28.96 -21.84 3.26
C PRO A 516 -28.87 -22.58 1.93
N TRP A 517 -27.72 -22.55 1.26
CA TRP A 517 -27.57 -23.28 -0.02
C TRP A 517 -26.42 -24.24 0.14
N TYR A 518 -25.79 -24.15 1.31
CA TYR A 518 -24.72 -25.05 1.65
C TYR A 518 -25.31 -26.41 1.67
N THR A 519 -24.80 -27.29 0.82
CA THR A 519 -25.29 -28.65 0.79
C THR A 519 -24.30 -29.56 1.51
N GLY A 520 -23.02 -29.43 1.18
CA GLY A 520 -22.02 -30.33 1.71
C GLY A 520 -21.72 -31.24 0.56
N ARG A 521 -21.05 -30.64 -0.44
CA ARG A 521 -21.14 -31.07 -1.83
C ARG A 521 -19.97 -31.91 -2.36
N GLY A 522 -19.48 -32.82 -1.52
CA GLY A 522 -18.61 -33.87 -2.02
C GLY A 522 -18.51 -35.09 -1.11
N LEU A 523 -17.52 -35.92 -1.40
CA LEU A 523 -17.32 -37.16 -0.66
C LEU A 523 -16.23 -37.01 0.41
N PHE A 524 -16.65 -36.85 1.67
CA PHE A 524 -15.75 -36.47 2.77
C PHE A 524 -15.23 -37.61 3.64
N LEU A 525 -13.91 -37.83 3.64
CA LEU A 525 -13.30 -38.93 4.38
C LEU A 525 -12.70 -38.46 5.69
N ASP A 526 -12.74 -39.32 6.71
CA ASP A 526 -12.13 -38.98 7.99
C ASP A 526 -10.67 -39.36 7.97
N PRO A 527 -9.80 -38.35 8.17
CA PRO A 527 -8.37 -38.53 8.00
C PRO A 527 -7.65 -38.92 9.29
N PRO A 528 -6.67 -39.81 9.17
CA PRO A 528 -5.78 -40.09 10.30
C PRO A 528 -5.06 -38.80 10.61
N THR A 529 -4.78 -38.54 11.87
CA THR A 529 -4.02 -37.34 12.20
C THR A 529 -2.71 -37.74 12.85
N VAL A 530 -1.93 -36.75 13.23
CA VAL A 530 -0.67 -36.96 13.91
C VAL A 530 -0.52 -35.87 14.96
N PHE A 531 0.22 -36.15 16.02
CA PHE A 531 0.36 -35.19 17.09
C PHE A 531 1.43 -35.59 18.09
N LEU A 532 1.90 -34.60 18.88
CA LEU A 532 2.89 -34.83 19.91
C LEU A 532 2.26 -34.98 21.29
N SER A 533 2.55 -36.09 21.97
CA SER A 533 2.04 -36.30 23.31
C SER A 533 3.12 -36.90 24.21
N ASN A 534 3.04 -36.58 25.49
CA ASN A 534 4.05 -36.97 26.49
C ASN A 534 5.42 -37.37 25.94
N GLY A 535 5.92 -36.57 25.01
CA GLY A 535 7.28 -36.71 24.53
C GLY A 535 7.47 -37.68 23.39
N SER A 536 6.42 -37.89 22.60
CA SER A 536 6.54 -38.73 21.42
C SER A 536 5.39 -38.52 20.44
N TRP A 537 5.71 -38.66 19.15
CA TRP A 537 4.74 -38.48 18.09
C TRP A 537 3.84 -39.68 17.89
N ASN A 538 2.54 -39.44 18.00
CA ASN A 538 1.55 -40.50 17.87
C ASN A 538 0.72 -40.42 16.57
N ILE A 539 -0.35 -41.20 16.52
CA ILE A 539 -1.27 -41.19 15.38
C ILE A 539 -2.71 -41.55 15.79
N SER A 540 -3.68 -40.94 15.11
CA SER A 540 -5.08 -41.25 15.29
C SER A 540 -5.69 -41.47 13.93
N LEU A 541 -6.36 -42.60 13.78
CA LEU A 541 -6.97 -42.99 12.51
C LEU A 541 -8.41 -43.37 12.74
N PRO A 542 -9.21 -43.31 11.67
CA PRO A 542 -10.62 -43.73 11.69
C PRO A 542 -10.69 -45.15 12.25
N GLU A 543 -11.73 -45.46 13.03
CA GLU A 543 -11.87 -46.81 13.58
C GLU A 543 -11.48 -47.85 12.53
N SER A 544 -11.89 -47.57 11.28
CA SER A 544 -11.61 -48.43 10.14
C SER A 544 -10.15 -48.90 10.10
N THR A 554 4.57 -45.24 18.00
CA THR A 554 5.34 -43.98 17.91
C THR A 554 6.24 -43.91 16.68
N PHE A 555 6.37 -42.68 16.14
CA PHE A 555 7.43 -42.38 15.19
C PHE A 555 8.65 -42.04 16.03
N THR A 556 9.84 -42.30 15.51
CA THR A 556 11.07 -42.03 16.28
C THR A 556 11.25 -40.50 16.45
N SER A 557 10.69 -39.74 15.50
CA SER A 557 10.84 -38.30 15.44
C SER A 557 9.86 -37.72 14.46
N ARG A 558 9.62 -36.41 14.55
CA ARG A 558 8.78 -35.66 13.61
C ARG A 558 9.15 -35.96 12.15
N ASP A 559 10.45 -36.02 11.86
CA ASP A 559 10.88 -36.26 10.50
C ASP A 559 10.44 -37.61 9.96
N GLU A 560 10.48 -38.61 10.84
CA GLU A 560 10.13 -39.99 10.49
C GLU A 560 8.79 -40.03 9.76
N ILE A 561 7.81 -39.35 10.36
CA ILE A 561 6.52 -39.12 9.74
C ILE A 561 6.63 -38.65 8.30
N PHE A 562 7.45 -37.63 8.07
CA PHE A 562 7.53 -37.03 6.75
C PHE A 562 8.39 -37.86 5.79
N ASP A 563 9.15 -38.79 6.37
CA ASP A 563 10.00 -39.71 5.60
C ASP A 563 9.36 -40.53 4.46
N LYS A 564 10.22 -40.86 3.50
CA LYS A 564 9.90 -41.69 2.35
C LYS A 564 10.05 -43.16 2.72
N SER A 565 10.60 -43.41 3.91
CA SER A 565 10.73 -44.77 4.42
C SER A 565 9.35 -45.37 4.53
N ARG A 566 8.35 -44.50 4.63
CA ARG A 566 6.99 -44.90 4.96
C ARG A 566 6.13 -45.17 3.74
N ASP A 567 6.68 -44.93 2.55
CA ASP A 567 5.94 -45.21 1.32
C ASP A 567 5.76 -46.71 1.12
N ALA A 568 6.64 -47.48 1.76
CA ALA A 568 6.61 -48.93 1.66
C ALA A 568 6.14 -49.57 2.98
N SER A 569 5.41 -48.83 3.80
CA SER A 569 5.03 -49.32 5.11
C SER A 569 3.75 -50.14 5.03
N THR A 570 3.34 -50.69 6.16
CA THR A 570 2.06 -51.37 6.25
C THR A 570 0.92 -50.40 5.90
N LEU A 571 0.97 -49.22 6.49
CA LEU A 571 -0.06 -48.21 6.33
C LEU A 571 -0.30 -47.65 4.92
N ALA A 572 0.76 -47.55 4.12
CA ALA A 572 0.63 -47.16 2.70
C ALA A 572 -0.31 -48.09 1.93
N ARG A 573 -0.19 -49.39 2.19
CA ARG A 573 -1.05 -50.37 1.55
C ARG A 573 -2.45 -50.20 2.10
N ILE A 574 -2.55 -50.18 3.42
CA ILE A 574 -3.84 -50.07 4.10
C ILE A 574 -4.58 -48.85 3.62
N TYR A 575 -3.89 -47.71 3.59
CA TYR A 575 -4.43 -46.46 3.08
C TYR A 575 -4.89 -46.67 1.64
N SER A 576 -3.99 -47.19 0.83
CA SER A 576 -4.25 -47.41 -0.59
C SER A 576 -5.56 -48.17 -0.78
N ALA A 577 -5.81 -49.10 0.13
CA ALA A 577 -6.99 -49.96 0.04
C ALA A 577 -8.28 -49.25 0.42
N TYR A 578 -8.29 -48.60 1.57
CA TYR A 578 -9.47 -47.89 2.02
C TYR A 578 -9.84 -46.79 1.01
N LEU A 579 -8.85 -46.20 0.37
CA LEU A 579 -9.12 -45.19 -0.65
C LEU A 579 -9.71 -45.81 -1.89
N SER A 580 -8.92 -46.64 -2.56
CA SER A 580 -9.36 -47.35 -3.76
C SER A 580 -10.80 -47.85 -3.69
N LYS A 581 -11.23 -48.29 -2.49
CA LYS A 581 -12.62 -48.70 -2.26
C LYS A 581 -13.62 -47.58 -2.55
N HIS A 582 -13.56 -46.51 -1.75
CA HIS A 582 -14.48 -45.39 -1.92
C HIS A 582 -14.40 -44.76 -3.32
N LEU A 583 -13.30 -45.00 -4.03
CA LEU A 583 -13.14 -44.54 -5.39
C LEU A 583 -13.25 -45.71 -6.38
N ALA A 593 -23.49 -38.85 -8.94
CA ALA A 593 -22.59 -38.67 -7.80
C ALA A 593 -21.11 -38.90 -8.18
N HIS A 594 -20.58 -38.07 -9.09
CA HIS A 594 -19.25 -38.27 -9.67
C HIS A 594 -18.13 -37.43 -9.02
N VAL A 595 -16.98 -38.06 -8.75
CA VAL A 595 -15.87 -37.35 -8.11
C VAL A 595 -15.03 -36.55 -9.09
N GLY A 596 -15.08 -35.23 -8.94
CA GLY A 596 -14.57 -34.33 -9.94
C GLY A 596 -13.21 -33.76 -9.65
N ALA A 597 -12.86 -33.71 -8.38
CA ALA A 597 -11.60 -33.11 -7.98
C ALA A 597 -11.22 -33.50 -6.56
N LEU A 598 -9.91 -33.59 -6.32
CA LEU A 598 -9.37 -33.78 -4.98
C LEU A 598 -8.90 -32.42 -4.47
N ILE A 599 -9.17 -32.14 -3.19
CA ILE A 599 -8.77 -30.88 -2.59
C ILE A 599 -8.40 -31.06 -1.12
N ILE A 600 -7.20 -30.64 -0.78
CA ILE A 600 -6.72 -30.85 0.58
C ILE A 600 -6.02 -29.66 1.15
N GLU A 601 -6.04 -29.54 2.46
CA GLU A 601 -5.13 -28.66 3.17
C GLU A 601 -3.92 -29.51 3.47
N PRO A 602 -2.90 -29.45 2.62
CA PRO A 602 -1.68 -30.23 2.86
C PRO A 602 -1.16 -30.11 4.31
N VAL A 603 -0.73 -31.24 4.87
CA VAL A 603 -0.09 -31.30 6.18
C VAL A 603 -0.95 -30.86 7.36
N ILE A 604 -1.52 -29.66 7.30
CA ILE A 604 -2.27 -29.14 8.44
C ILE A 604 -3.70 -28.80 8.04
N HIS A 605 -4.63 -29.21 8.89
CA HIS A 605 -5.98 -28.68 8.86
C HIS A 605 -6.05 -27.42 9.73
N GLY A 606 -6.15 -26.28 9.07
CA GLY A 606 -6.11 -25.00 9.74
C GLY A 606 -7.35 -24.67 10.55
N ALA A 607 -8.33 -24.09 9.87
CA ALA A 607 -9.58 -23.74 10.53
C ALA A 607 -10.16 -24.97 11.27
N GLY A 608 -9.77 -26.17 10.81
CA GLY A 608 -10.17 -27.42 11.41
C GLY A 608 -9.78 -27.59 12.88
N GLY A 609 -8.76 -26.87 13.30
CA GLY A 609 -8.29 -26.96 14.67
C GLY A 609 -6.84 -27.40 14.72
N MET A 610 -6.07 -26.97 13.74
CA MET A 610 -4.64 -27.23 13.70
C MET A 610 -4.33 -28.70 13.84
N HIS A 611 -5.04 -29.52 13.07
CA HIS A 611 -4.75 -30.94 13.03
C HIS A 611 -3.68 -31.19 11.98
N MET A 612 -2.62 -31.88 12.36
CA MET A 612 -1.72 -32.38 11.34
C MET A 612 -2.28 -33.68 10.75
N VAL A 613 -2.56 -33.67 9.45
CA VAL A 613 -3.01 -34.86 8.77
C VAL A 613 -1.81 -35.73 8.47
N ASP A 614 -1.95 -37.05 8.58
CA ASP A 614 -0.87 -37.95 8.20
C ASP A 614 -0.46 -37.72 6.74
N PRO A 615 0.77 -37.23 6.52
CA PRO A 615 1.25 -36.89 5.18
C PRO A 615 1.18 -38.08 4.21
N LEU A 616 1.45 -39.27 4.73
CA LEU A 616 1.45 -40.49 3.93
C LEU A 616 0.05 -40.70 3.40
N PHE A 617 -0.92 -40.60 4.29
CA PHE A 617 -2.32 -40.68 3.87
C PHE A 617 -2.57 -39.80 2.65
N GLN A 618 -2.23 -38.53 2.77
CA GLN A 618 -2.48 -37.56 1.70
C GLN A 618 -1.70 -37.85 0.41
N ARG A 619 -0.44 -38.25 0.57
CA ARG A 619 0.43 -38.69 -0.54
C ARG A 619 -0.27 -39.78 -1.32
N VAL A 620 -0.74 -40.78 -0.59
CA VAL A 620 -1.35 -41.93 -1.21
C VAL A 620 -2.56 -41.42 -1.95
N LEU A 621 -3.42 -40.71 -1.22
CA LEU A 621 -4.66 -40.18 -1.77
C LEU A 621 -4.42 -39.42 -3.08
N VAL A 622 -3.35 -38.66 -3.12
CA VAL A 622 -3.03 -37.90 -4.31
C VAL A 622 -2.73 -38.82 -5.47
N ASN A 623 -1.88 -39.82 -5.24
CA ASN A 623 -1.60 -40.83 -6.26
C ASN A 623 -2.87 -41.53 -6.72
N GLU A 624 -3.67 -41.98 -5.77
CA GLU A 624 -4.98 -42.56 -6.07
C GLU A 624 -5.82 -41.74 -7.02
N CYS A 625 -5.99 -40.46 -6.75
CA CYS A 625 -6.79 -39.65 -7.63
C CYS A 625 -6.03 -39.41 -8.93
N ARG A 626 -4.72 -39.18 -8.85
CA ARG A 626 -3.95 -38.92 -10.06
C ARG A 626 -4.05 -40.12 -10.98
N ASN A 627 -3.95 -41.32 -10.41
CA ASN A 627 -4.09 -42.53 -11.22
C ASN A 627 -5.46 -42.63 -11.87
N ARG A 628 -6.45 -42.00 -11.25
CA ARG A 628 -7.81 -42.02 -11.76
C ARG A 628 -8.13 -40.81 -12.65
N LYS A 629 -7.09 -40.06 -13.04
CA LYS A 629 -7.29 -38.86 -13.87
C LYS A 629 -8.22 -37.80 -13.24
N ILE A 630 -8.27 -37.80 -11.91
CA ILE A 630 -8.91 -36.74 -11.12
C ILE A 630 -7.92 -35.60 -10.79
N PRO A 631 -8.23 -34.37 -11.22
CA PRO A 631 -7.41 -33.20 -10.89
C PRO A 631 -7.10 -33.04 -9.39
N VAL A 632 -5.82 -32.79 -9.06
CA VAL A 632 -5.42 -32.59 -7.66
C VAL A 632 -5.27 -31.11 -7.28
N ILE A 633 -6.07 -30.65 -6.32
CA ILE A 633 -5.96 -29.30 -5.79
C ILE A 633 -5.31 -29.28 -4.41
N PHE A 634 -4.08 -28.76 -4.34
CA PHE A 634 -3.48 -28.36 -3.06
C PHE A 634 -3.98 -26.97 -2.65
N ASP A 635 -4.47 -26.86 -1.43
CA ASP A 635 -4.86 -25.57 -0.92
C ASP A 635 -3.83 -25.08 0.09
N GLU A 636 -2.84 -24.34 -0.38
CA GLU A 636 -1.76 -23.90 0.50
C GLU A 636 -1.92 -22.48 0.93
N VAL A 637 -3.17 -22.04 0.99
CA VAL A 637 -3.43 -20.69 1.44
C VAL A 637 -2.88 -20.52 2.84
N PHE A 638 -3.10 -21.52 3.70
CA PHE A 638 -2.48 -21.47 5.02
C PHE A 638 -1.01 -21.96 5.10
N THR A 639 -0.66 -23.01 4.36
CA THR A 639 0.67 -23.63 4.50
C THR A 639 1.74 -22.91 3.71
N GLY A 640 1.36 -22.33 2.59
CA GLY A 640 2.30 -21.66 1.72
C GLY A 640 3.27 -20.68 2.40
N PHE A 641 4.43 -20.52 1.77
CA PHE A 641 5.38 -19.44 2.10
C PHE A 641 5.80 -19.36 3.57
N TRP A 642 6.33 -20.48 4.05
CA TRP A 642 7.09 -20.55 5.28
C TRP A 642 6.27 -20.77 6.55
N ARG A 643 4.94 -20.72 6.44
CA ARG A 643 4.12 -20.94 7.61
C ARG A 643 4.58 -22.19 8.33
N LEU A 644 4.82 -23.24 7.54
CA LEU A 644 5.19 -24.53 8.11
C LEU A 644 6.70 -24.80 8.07
N GLY A 645 7.49 -23.79 7.73
CA GLY A 645 8.92 -23.99 7.70
C GLY A 645 9.43 -24.33 6.31
N VAL A 646 8.53 -24.41 5.34
CA VAL A 646 8.94 -24.55 3.95
C VAL A 646 8.12 -23.62 3.06
N GLU A 647 8.64 -23.35 1.86
CA GLU A 647 7.96 -22.46 0.92
C GLU A 647 6.68 -23.09 0.32
N THR A 648 6.73 -24.40 0.00
CA THR A 648 5.51 -25.19 -0.29
C THR A 648 5.52 -26.45 0.52
N THR A 649 4.36 -27.06 0.66
CA THR A 649 4.29 -28.36 1.28
C THR A 649 4.50 -29.45 0.23
N THR A 650 4.58 -29.02 -1.02
CA THR A 650 4.96 -29.89 -2.11
C THR A 650 6.19 -30.65 -1.68
N GLU A 651 6.95 -30.01 -0.79
CA GLU A 651 8.21 -30.56 -0.30
C GLU A 651 8.02 -31.56 0.82
N LEU A 652 6.85 -31.54 1.44
CA LEU A 652 6.58 -32.44 2.57
C LEU A 652 5.69 -33.62 2.20
N LEU A 653 4.94 -33.49 1.12
CA LEU A 653 4.03 -34.55 0.71
C LEU A 653 4.69 -35.44 -0.33
N GLY A 654 5.81 -35.00 -0.88
CA GLY A 654 6.48 -35.76 -1.92
C GLY A 654 5.74 -35.68 -3.24
N CYS A 655 4.43 -35.49 -3.20
CA CYS A 655 3.65 -35.41 -4.42
C CYS A 655 3.47 -33.98 -4.90
N LYS A 656 3.12 -33.83 -6.16
CA LYS A 656 2.83 -32.53 -6.72
C LYS A 656 1.35 -32.51 -7.10
N PRO A 657 0.77 -31.30 -7.22
CA PRO A 657 -0.64 -31.19 -7.62
C PRO A 657 -0.82 -30.78 -9.09
N ASP A 658 -2.06 -30.55 -9.46
CA ASP A 658 -2.36 -29.97 -10.77
C ASP A 658 -2.76 -28.53 -10.59
N ILE A 659 -3.25 -28.23 -9.38
CA ILE A 659 -3.73 -26.91 -9.04
C ILE A 659 -3.41 -26.60 -7.59
N ALA A 660 -2.80 -25.45 -7.34
CA ALA A 660 -2.57 -25.01 -5.96
C ALA A 660 -3.03 -23.57 -5.67
N CYS A 661 -3.43 -23.33 -4.43
CA CYS A 661 -3.88 -22.02 -4.02
C CYS A 661 -3.01 -21.38 -2.95
N PHE A 662 -2.72 -20.10 -3.13
CA PHE A 662 -1.91 -19.37 -2.18
C PHE A 662 -2.50 -18.03 -1.82
N ALA A 663 -2.28 -17.63 -0.57
CA ALA A 663 -2.61 -16.29 -0.14
C ALA A 663 -2.03 -16.08 1.24
N LYS A 664 -2.81 -15.48 2.13
CA LYS A 664 -2.34 -15.12 3.47
C LYS A 664 -0.89 -14.60 3.44
N LEU A 665 0.11 -15.47 3.62
CA LEU A 665 1.50 -15.05 3.70
C LEU A 665 2.12 -14.70 2.36
N LEU A 666 1.33 -14.79 1.30
CA LEU A 666 1.85 -14.57 -0.04
C LEU A 666 2.35 -13.18 -0.09
N THR A 667 1.65 -12.29 0.61
CA THR A 667 1.95 -10.85 0.57
C THR A 667 2.62 -10.35 1.83
N GLY A 668 3.25 -11.24 2.57
CA GLY A 668 3.93 -10.83 3.78
C GLY A 668 3.05 -10.18 4.82
N GLY A 669 1.75 -10.31 4.68
CA GLY A 669 0.85 -9.91 5.73
C GLY A 669 0.57 -8.43 5.73
N MET A 670 0.59 -7.85 4.54
CA MET A 670 0.47 -6.39 4.39
C MET A 670 -0.83 -5.98 3.72
N VAL A 671 -1.31 -6.85 2.84
CA VAL A 671 -2.39 -6.55 1.92
C VAL A 671 -2.84 -7.88 1.32
N PRO A 672 -4.11 -7.97 0.91
CA PRO A 672 -4.58 -9.24 0.35
C PRO A 672 -4.31 -9.38 -1.14
N LEU A 673 -3.80 -10.56 -1.48
CA LEU A 673 -3.64 -11.01 -2.85
C LEU A 673 -3.67 -12.51 -2.76
N ALA A 674 -4.03 -13.16 -3.85
CA ALA A 674 -4.09 -14.59 -3.85
C ALA A 674 -3.85 -15.11 -5.22
N VAL A 675 -3.46 -16.37 -5.28
CA VAL A 675 -2.91 -16.89 -6.50
C VAL A 675 -3.27 -18.35 -6.60
N THR A 676 -3.55 -18.77 -7.83
CA THR A 676 -3.92 -20.15 -8.09
C THR A 676 -3.06 -20.66 -9.24
N LEU A 677 -2.14 -21.59 -8.96
CA LEU A 677 -1.26 -22.12 -10.02
C LEU A 677 -1.84 -23.33 -10.74
N ALA A 678 -1.52 -23.45 -12.02
CA ALA A 678 -2.09 -24.51 -12.84
C ALA A 678 -1.06 -25.21 -13.71
N THR A 679 -1.44 -26.40 -14.16
CA THR A 679 -0.63 -27.23 -15.04
C THR A 679 -0.77 -26.71 -16.46
N ASP A 680 0.19 -26.99 -17.33
CA ASP A 680 0.04 -26.69 -18.75
C ASP A 680 -1.25 -27.34 -19.26
N ALA A 681 -1.65 -28.42 -18.62
CA ALA A 681 -2.83 -29.16 -19.05
C ALA A 681 -4.13 -28.53 -18.56
N VAL A 682 -4.21 -28.24 -17.26
CA VAL A 682 -5.39 -27.60 -16.71
C VAL A 682 -5.65 -26.27 -17.44
N PHE A 683 -4.59 -25.57 -17.79
CA PHE A 683 -4.70 -24.38 -18.58
C PHE A 683 -5.38 -24.71 -19.89
N ASP A 684 -4.78 -25.62 -20.65
CA ASP A 684 -5.25 -25.97 -21.97
C ASP A 684 -6.73 -26.35 -22.05
N SER A 685 -7.25 -26.93 -20.99
CA SER A 685 -8.66 -27.30 -20.96
C SER A 685 -9.62 -26.11 -21.11
N PHE A 686 -9.09 -24.93 -21.38
CA PHE A 686 -9.94 -23.75 -21.60
C PHE A 686 -9.57 -23.06 -22.90
N SER A 687 -8.75 -23.70 -23.74
CA SER A 687 -8.30 -23.08 -24.98
C SER A 687 -9.22 -23.35 -26.16
N GLY A 688 -10.30 -22.57 -26.24
CA GLY A 688 -11.31 -22.70 -27.27
C GLY A 688 -11.31 -21.58 -28.28
N ASP A 689 -12.44 -21.37 -28.95
CA ASP A 689 -12.53 -20.39 -30.01
C ASP A 689 -13.50 -19.28 -29.62
N SER A 690 -14.41 -19.59 -28.70
CA SER A 690 -15.31 -18.57 -28.18
C SER A 690 -14.78 -18.11 -26.84
N LYS A 691 -14.98 -16.83 -26.57
CA LYS A 691 -14.71 -16.31 -25.26
C LYS A 691 -15.48 -17.15 -24.24
N LEU A 692 -16.52 -17.83 -24.71
CA LEU A 692 -17.37 -18.55 -23.78
C LEU A 692 -16.69 -19.78 -23.20
N LYS A 693 -15.62 -20.25 -23.85
CA LYS A 693 -14.89 -21.44 -23.35
C LYS A 693 -13.69 -21.05 -22.47
N ALA A 694 -13.44 -19.75 -22.39
CA ALA A 694 -12.48 -19.22 -21.45
C ALA A 694 -13.05 -19.27 -20.03
N LEU A 695 -12.17 -19.23 -19.05
CA LEU A 695 -12.60 -19.18 -17.64
C LEU A 695 -13.05 -17.78 -17.26
N LEU A 696 -14.35 -17.57 -17.19
CA LEU A 696 -14.93 -16.25 -16.95
C LEU A 696 -15.06 -15.94 -15.47
N HIS A 697 -13.93 -15.99 -14.78
CA HIS A 697 -13.85 -15.59 -13.37
C HIS A 697 -12.75 -14.53 -13.25
N GLY A 698 -13.01 -13.51 -12.45
CA GLY A 698 -12.04 -12.46 -12.33
C GLY A 698 -12.64 -11.26 -11.66
N HIS A 699 -12.04 -10.90 -10.54
CA HIS A 699 -12.41 -9.71 -9.81
C HIS A 699 -11.78 -8.42 -10.37
N SER A 700 -12.36 -7.30 -9.97
CA SER A 700 -11.98 -6.00 -10.49
C SER A 700 -10.48 -5.73 -10.31
N TYR A 701 -10.01 -6.00 -9.09
CA TYR A 701 -8.61 -5.83 -8.71
C TYR A 701 -7.74 -7.08 -8.98
N SER A 702 -7.89 -7.67 -10.16
CA SER A 702 -7.15 -8.87 -10.52
C SER A 702 -5.69 -8.52 -10.66
N ALA A 703 -4.85 -9.10 -9.80
CA ALA A 703 -3.41 -8.87 -9.91
C ALA A 703 -3.02 -7.43 -9.62
N HIS A 704 -3.66 -6.85 -8.60
CA HIS A 704 -3.44 -5.45 -8.36
C HIS A 704 -1.95 -5.20 -8.09
N ALA A 705 -1.36 -4.28 -8.87
CA ALA A 705 0.07 -4.02 -8.81
C ALA A 705 0.59 -3.99 -7.37
N MET A 706 -0.22 -3.44 -6.47
CA MET A 706 0.22 -3.29 -5.10
C MET A 706 0.54 -4.64 -4.49
N GLY A 707 -0.45 -5.52 -4.47
CA GLY A 707 -0.32 -6.81 -3.85
C GLY A 707 0.72 -7.66 -4.55
N CYS A 708 0.75 -7.54 -5.87
CA CYS A 708 1.75 -8.21 -6.70
C CYS A 708 3.18 -7.82 -6.34
N ALA A 709 3.47 -6.53 -6.42
CA ALA A 709 4.79 -6.00 -6.04
C ALA A 709 5.17 -6.42 -4.65
N THR A 710 4.21 -6.32 -3.72
CA THR A 710 4.42 -6.65 -2.32
C THR A 710 4.75 -8.11 -2.15
N ALA A 711 3.94 -8.96 -2.77
CA ALA A 711 4.14 -10.39 -2.71
C ALA A 711 5.47 -10.75 -3.33
N ALA A 712 5.77 -10.12 -4.45
CA ALA A 712 7.04 -10.42 -5.12
C ALA A 712 8.18 -10.26 -4.13
N LYS A 713 8.14 -9.17 -3.38
CA LYS A 713 9.19 -8.81 -2.43
C LYS A 713 9.22 -9.75 -1.25
N ALA A 714 8.05 -10.17 -0.76
CA ALA A 714 8.01 -11.05 0.39
C ALA A 714 8.48 -12.46 0.00
N ILE A 715 8.14 -12.91 -1.20
CA ILE A 715 8.58 -14.21 -1.66
C ILE A 715 10.12 -14.28 -1.58
N GLN A 716 10.77 -13.22 -2.02
CA GLN A 716 12.24 -13.16 -2.05
C GLN A 716 12.91 -13.01 -0.69
N TRP A 717 12.36 -12.13 0.14
CA TRP A 717 12.89 -11.80 1.43
C TRP A 717 12.83 -12.98 2.39
N PHE A 718 11.69 -13.64 2.42
CA PHE A 718 11.50 -14.76 3.32
C PHE A 718 12.43 -15.91 2.95
N LYS A 719 12.72 -16.06 1.66
CA LYS A 719 13.48 -17.17 1.08
C LYS A 719 15.00 -16.99 1.25
N ASP A 720 15.43 -15.73 1.40
CA ASP A 720 16.84 -15.33 1.39
C ASP A 720 17.49 -15.23 2.78
N PRO A 721 18.52 -16.07 3.02
CA PRO A 721 19.20 -16.20 4.30
C PRO A 721 19.80 -14.88 4.76
N GLU A 722 19.95 -13.95 3.83
CA GLU A 722 20.50 -12.65 4.12
C GLU A 722 19.44 -11.82 4.79
N THR A 723 18.27 -11.72 4.17
CA THR A 723 17.17 -10.93 4.73
C THR A 723 16.40 -11.67 5.81
N ASN A 724 16.33 -13.00 5.70
CA ASN A 724 15.66 -13.83 6.69
C ASN A 724 16.62 -14.78 7.40
N HIS A 725 16.94 -14.47 8.66
CA HIS A 725 17.98 -15.20 9.38
C HIS A 725 17.54 -16.52 9.99
N ASN A 726 16.31 -16.93 9.73
CA ASN A 726 15.84 -18.23 10.17
C ASN A 726 16.15 -19.22 9.04
N ILE A 727 16.37 -18.67 7.85
CA ILE A 727 16.66 -19.50 6.70
C ILE A 727 17.99 -20.16 6.94
N THR A 728 17.92 -21.47 6.74
CA THR A 728 18.92 -22.50 6.92
C THR A 728 19.83 -22.62 5.67
N SER A 729 20.82 -23.52 5.75
CA SER A 729 21.89 -23.65 4.75
C SER A 729 21.46 -24.16 3.38
N GLN A 730 20.81 -25.33 3.35
CA GLN A 730 20.28 -25.92 2.12
C GLN A 730 19.37 -24.91 1.44
N GLY A 731 18.70 -24.10 2.27
CA GLY A 731 17.97 -22.95 1.80
C GLY A 731 16.55 -23.33 1.49
N LYS A 732 16.23 -24.61 1.55
CA LYS A 732 14.88 -25.01 1.25
C LYS A 732 14.07 -25.04 2.54
N THR A 733 14.67 -24.58 3.63
CA THR A 733 14.10 -24.91 4.92
C THR A 733 14.38 -23.92 6.06
N LEU A 734 13.38 -23.78 6.93
CA LEU A 734 13.51 -22.97 8.15
C LEU A 734 14.21 -23.77 9.22
N ARG A 735 14.82 -23.09 10.18
CA ARG A 735 15.42 -23.77 11.32
C ARG A 735 14.36 -23.92 12.40
N GLU A 736 14.56 -24.78 13.39
CA GLU A 736 13.55 -24.90 14.42
C GLU A 736 13.49 -23.63 15.25
N LEU A 737 12.27 -23.14 15.45
CA LEU A 737 12.03 -21.86 16.11
C LEU A 737 11.53 -22.04 17.54
N TRP A 738 10.89 -23.18 17.78
CA TRP A 738 10.25 -23.44 19.06
C TRP A 738 11.12 -24.28 19.98
N ASP A 739 11.65 -23.64 21.03
CA ASP A 739 12.54 -24.29 21.97
C ASP A 739 12.17 -25.75 22.24
N GLU A 740 13.02 -26.66 21.75
CA GLU A 740 12.78 -28.10 21.84
C GLU A 740 12.28 -28.50 23.23
N GLU A 741 13.05 -28.14 24.25
CA GLU A 741 12.69 -28.39 25.65
C GLU A 741 11.22 -28.09 25.98
N LEU A 742 10.82 -26.84 25.80
CA LEU A 742 9.46 -26.41 26.13
C LEU A 742 8.41 -27.21 25.37
N VAL A 743 8.65 -27.50 24.10
CA VAL A 743 7.72 -28.31 23.32
C VAL A 743 7.41 -29.63 24.02
N GLN A 744 8.44 -30.41 24.33
CA GLN A 744 8.32 -31.61 25.16
C GLN A 744 7.54 -31.34 26.44
N GLN A 745 8.10 -30.49 27.30
CA GLN A 745 7.40 -29.94 28.46
C GLN A 745 5.87 -29.82 28.27
N ILE A 746 5.46 -29.12 27.22
CA ILE A 746 4.04 -28.81 27.04
C ILE A 746 3.26 -30.03 26.56
N SER A 747 3.94 -30.96 25.90
CA SER A 747 3.27 -32.18 25.46
C SER A 747 3.00 -33.08 26.65
N SER A 748 3.79 -32.89 27.71
CA SER A 748 3.70 -33.71 28.92
C SER A 748 2.71 -33.11 29.93
N HIS A 749 1.86 -32.19 29.49
CA HIS A 749 1.09 -31.46 30.48
C HIS A 749 -0.30 -31.99 30.79
N SER A 750 -0.59 -32.01 32.08
CA SER A 750 -1.88 -32.38 32.62
C SER A 750 -3.06 -31.89 31.77
N ALA A 751 -3.09 -30.59 31.50
CA ALA A 751 -4.25 -29.99 30.83
C ALA A 751 -4.09 -29.95 29.32
N VAL A 752 -2.91 -30.36 28.87
CA VAL A 752 -2.62 -30.42 27.43
C VAL A 752 -2.93 -31.80 26.87
N GLN A 753 -3.91 -31.83 25.97
CA GLN A 753 -4.34 -33.06 25.35
C GLN A 753 -3.32 -33.47 24.31
N ARG A 754 -3.07 -32.58 23.36
CA ARG A 754 -2.09 -32.86 22.30
C ARG A 754 -1.40 -31.56 21.93
N VAL A 755 -0.36 -31.66 21.11
CA VAL A 755 0.36 -30.52 20.60
C VAL A 755 0.80 -30.79 19.17
N VAL A 756 0.75 -29.77 18.33
CA VAL A 756 1.25 -29.90 16.97
C VAL A 756 2.21 -28.76 16.77
N VAL A 757 3.42 -29.08 16.34
CA VAL A 757 4.48 -28.08 16.19
C VAL A 757 5.41 -28.32 14.99
N ILE A 758 5.51 -27.30 14.15
CA ILE A 758 6.27 -27.40 12.91
C ILE A 758 6.33 -26.01 12.31
N GLY A 759 7.45 -25.65 11.69
CA GLY A 759 7.64 -24.32 11.15
C GLY A 759 7.31 -23.22 12.15
N THR A 760 6.51 -22.25 11.70
CA THR A 760 6.14 -21.09 12.52
C THR A 760 4.93 -21.31 13.41
N LEU A 761 4.51 -22.58 13.52
CA LEU A 761 3.25 -22.93 14.14
C LEU A 761 3.42 -23.72 15.41
N PHE A 762 2.87 -23.21 16.50
CA PHE A 762 2.79 -23.99 17.71
C PHE A 762 1.35 -24.05 18.18
N ALA A 763 0.73 -25.23 18.07
CA ALA A 763 -0.63 -25.43 18.52
C ALA A 763 -0.71 -26.50 19.60
N LEU A 764 -1.73 -26.39 20.45
CA LEU A 764 -2.07 -27.46 21.40
C LEU A 764 -3.58 -27.54 21.53
N GLU A 765 -4.06 -28.67 22.04
CA GLU A 765 -5.48 -28.86 22.33
C GLU A 765 -5.59 -29.13 23.83
N LEU A 766 -6.75 -28.84 24.42
CA LEU A 766 -6.90 -28.94 25.86
C LEU A 766 -7.73 -30.13 26.37
N LYS A 767 -7.22 -30.80 27.41
CA LYS A 767 -7.95 -31.90 28.01
C LYS A 767 -9.20 -31.37 28.71
N LYS A 781 -12.13 -18.97 26.90
CA LYS A 781 -11.96 -17.52 27.06
C LYS A 781 -10.90 -17.23 28.13
N SER A 782 -10.45 -18.27 28.81
CA SER A 782 -9.79 -18.09 30.08
C SER A 782 -8.28 -18.00 30.02
N LEU A 783 -7.67 -18.94 29.31
CA LEU A 783 -6.22 -18.98 29.22
C LEU A 783 -5.71 -17.86 28.32
N LEU A 784 -6.53 -17.50 27.34
CA LEU A 784 -6.21 -16.39 26.45
C LEU A 784 -6.17 -15.09 27.23
N ILE A 785 -7.03 -15.01 28.24
CA ILE A 785 -7.01 -13.91 29.18
C ILE A 785 -5.64 -13.78 29.83
N MET A 786 -5.15 -14.87 30.41
CA MET A 786 -3.85 -14.85 31.07
C MET A 786 -2.74 -14.46 30.09
N LEU A 787 -2.73 -15.09 28.92
CA LEU A 787 -1.71 -14.80 27.92
C LEU A 787 -1.71 -13.33 27.55
N ARG A 788 -2.91 -12.74 27.46
CA ARG A 788 -3.08 -11.32 27.15
C ARG A 788 -2.32 -10.46 28.17
N GLU A 789 -2.33 -10.89 29.43
CA GLU A 789 -1.59 -10.18 30.47
C GLU A 789 -0.08 -10.33 30.30
N ASP A 790 0.37 -11.48 29.79
CA ASP A 790 1.79 -11.66 29.50
C ASP A 790 2.19 -11.00 28.18
N GLY A 791 1.25 -10.27 27.56
CA GLY A 791 1.53 -9.55 26.35
C GLY A 791 1.38 -10.39 25.10
N ILE A 792 0.47 -11.34 25.16
CA ILE A 792 0.27 -12.26 24.04
C ILE A 792 -1.18 -12.28 23.58
N PHE A 793 -1.39 -11.66 22.42
CA PHE A 793 -2.69 -11.70 21.78
C PHE A 793 -2.81 -12.93 20.86
N THR A 794 -3.87 -13.69 21.04
CA THR A 794 -4.08 -14.87 20.22
C THR A 794 -5.54 -15.19 20.16
N ARG A 795 -5.91 -15.88 19.09
CA ARG A 795 -7.27 -16.30 18.87
C ARG A 795 -7.37 -17.82 19.06
N PRO A 796 -8.48 -18.32 19.64
CA PRO A 796 -8.67 -19.77 19.78
C PRO A 796 -9.50 -20.34 18.65
N LEU A 797 -9.49 -21.67 18.57
CA LEU A 797 -10.45 -22.43 17.78
C LEU A 797 -11.15 -23.30 18.81
N GLY A 798 -12.16 -22.73 19.46
CA GLY A 798 -12.80 -23.41 20.57
C GLY A 798 -11.77 -23.80 21.61
N ASN A 799 -11.30 -25.06 21.54
CA ASN A 799 -10.48 -25.67 22.58
C ASN A 799 -9.06 -25.84 22.09
N VAL A 800 -8.86 -25.54 20.81
CA VAL A 800 -7.53 -25.49 20.22
C VAL A 800 -6.95 -24.09 20.49
N ILE A 801 -5.68 -24.04 20.88
CA ILE A 801 -5.03 -22.81 21.34
C ILE A 801 -3.63 -22.69 20.75
N TYR A 802 -3.39 -21.66 19.96
CA TYR A 802 -2.13 -21.64 19.21
C TYR A 802 -1.28 -20.37 19.27
N LEU A 803 0.01 -20.55 19.00
CA LEU A 803 0.97 -19.46 18.91
C LEU A 803 1.63 -19.47 17.54
N MET A 804 1.46 -18.39 16.82
CA MET A 804 1.91 -18.36 15.44
C MET A 804 2.82 -17.17 15.21
N CYS A 805 4.04 -17.44 14.76
CA CYS A 805 4.99 -16.36 14.51
C CYS A 805 5.14 -16.13 13.02
N GLY A 806 6.06 -15.27 12.63
CA GLY A 806 6.29 -15.04 11.22
C GLY A 806 7.53 -15.78 10.78
N PRO A 807 7.75 -15.84 9.46
CA PRO A 807 8.90 -16.58 8.94
C PRO A 807 10.22 -16.02 9.44
N CYS A 808 10.20 -14.95 10.23
CA CYS A 808 11.45 -14.29 10.61
C CYS A 808 11.57 -14.03 12.12
N THR A 809 10.72 -14.65 12.93
CA THR A 809 10.75 -14.34 14.36
C THR A 809 11.93 -15.02 15.02
N SER A 810 12.58 -14.34 15.96
CA SER A 810 13.73 -14.93 16.62
C SER A 810 13.28 -16.02 17.58
N PRO A 811 13.92 -17.19 17.51
CA PRO A 811 13.66 -18.26 18.47
C PRO A 811 13.68 -17.78 19.93
N GLU A 812 14.50 -16.77 20.23
CA GLU A 812 14.50 -16.22 21.58
C GLU A 812 13.09 -15.84 21.95
N ILE A 813 12.42 -15.16 21.03
CA ILE A 813 11.05 -14.70 21.23
C ILE A 813 10.04 -15.83 21.38
N CYS A 814 10.15 -16.83 20.50
CA CYS A 814 9.32 -18.01 20.63
C CYS A 814 9.53 -18.68 21.99
N ARG A 815 10.78 -18.83 22.42
CA ARG A 815 11.09 -19.40 23.73
C ARG A 815 10.48 -18.60 24.87
N ARG A 816 10.59 -17.27 24.80
CA ARG A 816 9.95 -16.41 25.79
C ARG A 816 8.47 -16.68 25.72
N LEU A 817 7.99 -16.95 24.51
CA LEU A 817 6.59 -17.19 24.27
C LEU A 817 6.09 -18.51 24.87
N LEU A 818 6.90 -19.55 24.78
CA LEU A 818 6.46 -20.85 25.27
C LEU A 818 6.46 -20.86 26.80
N THR A 819 7.48 -20.21 27.34
CA THR A 819 7.59 -19.99 28.77
C THR A 819 6.32 -19.42 29.38
N LYS A 820 5.87 -18.30 28.83
CA LYS A 820 4.67 -17.63 29.31
C LYS A 820 3.51 -18.60 29.31
N LEU A 821 3.30 -19.24 28.16
CA LEU A 821 2.21 -20.17 27.98
C LEU A 821 2.26 -21.34 28.96
N TYR A 822 3.45 -21.88 29.19
CA TYR A 822 3.63 -23.02 30.07
C TYR A 822 3.29 -22.66 31.51
N LYS A 823 3.85 -21.56 31.99
CA LYS A 823 3.55 -21.09 33.36
C LYS A 823 2.03 -21.01 33.55
N ARG A 824 1.35 -20.45 32.56
CA ARG A 824 -0.10 -20.29 32.59
C ARG A 824 -0.84 -21.61 32.64
N LEU A 825 -0.43 -22.57 31.84
CA LEU A 825 -1.03 -23.89 31.88
C LEU A 825 -1.11 -24.39 33.33
N GLY A 826 -0.05 -24.13 34.09
CA GLY A 826 -0.06 -24.41 35.52
C GLY A 826 -1.10 -23.56 36.21
N GLU A 827 -2.30 -23.52 35.61
CA GLU A 827 -3.44 -22.76 36.11
C GLU A 827 -4.72 -23.24 35.42
N PRO B 27 -1.78 12.54 -23.93
CA PRO B 27 -1.36 12.45 -25.33
C PRO B 27 0.14 12.61 -25.56
N PHE B 28 0.98 12.24 -24.58
CA PHE B 28 2.45 12.34 -24.74
C PHE B 28 3.10 11.16 -25.48
N HIS B 29 4.27 11.35 -26.08
CA HIS B 29 4.85 10.29 -26.92
C HIS B 29 6.38 10.25 -26.98
N LEU B 30 7.05 10.00 -25.85
CA LEU B 30 8.53 10.00 -25.79
C LEU B 30 9.17 8.62 -26.04
N PRO B 31 10.42 8.62 -26.57
CA PRO B 31 11.15 7.44 -27.07
C PRO B 31 12.24 6.94 -26.11
N LEU B 32 12.51 5.64 -26.16
CA LEU B 32 13.43 4.97 -25.22
C LEU B 32 14.63 4.31 -25.88
N ASN B 33 14.77 4.48 -27.19
CA ASN B 33 15.93 3.94 -27.90
C ASN B 33 17.18 4.66 -27.44
N HIS B 34 17.00 5.83 -26.84
CA HIS B 34 18.10 6.59 -26.27
C HIS B 34 17.79 7.00 -24.84
N PRO B 35 18.75 6.75 -23.93
CA PRO B 35 18.64 7.03 -22.51
C PRO B 35 18.44 8.54 -22.21
N THR B 36 17.46 8.83 -21.37
CA THR B 36 17.12 10.19 -21.01
C THR B 36 16.94 10.23 -19.50
N TYR B 37 17.71 11.09 -18.84
CA TYR B 37 17.72 11.07 -17.38
C TYR B 37 17.52 12.42 -16.73
N LEU B 38 16.81 12.40 -15.62
CA LEU B 38 16.70 13.58 -14.82
C LEU B 38 17.90 13.66 -13.92
N ILE B 39 18.41 14.85 -13.69
CA ILE B 39 19.48 14.99 -12.74
C ILE B 39 18.87 15.67 -11.51
N TRP B 40 18.77 14.89 -10.46
CA TRP B 40 18.16 15.33 -9.23
C TRP B 40 19.25 15.72 -8.25
N SER B 41 18.90 16.55 -7.27
CA SER B 41 19.84 16.82 -6.19
C SER B 41 19.11 16.94 -4.86
N ALA B 42 19.72 16.44 -3.79
CA ALA B 42 19.10 16.50 -2.46
C ALA B 42 18.80 17.94 -2.06
N ASN B 43 19.77 18.80 -2.34
CA ASN B 43 19.66 20.21 -2.02
C ASN B 43 20.46 21.08 -2.99
N THR B 44 20.66 22.33 -2.59
CA THR B 44 21.37 23.29 -3.43
C THR B 44 22.85 23.25 -3.06
N SER B 45 23.70 23.50 -4.05
CA SER B 45 25.15 23.64 -3.85
C SER B 45 25.85 22.31 -3.51
N LEU B 46 25.56 21.28 -4.31
CA LEU B 46 26.03 19.92 -4.02
C LEU B 46 26.75 19.26 -5.18
N GLY B 47 26.86 19.99 -6.28
CA GLY B 47 27.57 19.51 -7.45
C GLY B 47 26.75 19.20 -8.69
N LYS B 48 25.43 19.34 -8.58
CA LYS B 48 24.51 18.91 -9.64
C LYS B 48 25.04 19.13 -11.06
N THR B 49 25.38 20.36 -11.38
CA THR B 49 25.84 20.76 -12.70
C THR B 49 27.26 20.23 -13.02
N LEU B 50 28.09 20.11 -12.00
CA LEU B 50 29.37 19.44 -12.18
C LEU B 50 29.04 18.04 -12.63
N VAL B 51 28.19 17.36 -11.86
CA VAL B 51 27.79 16.01 -12.19
C VAL B 51 27.30 15.89 -13.63
N SER B 52 26.42 16.80 -14.03
CA SER B 52 25.93 16.81 -15.40
C SER B 52 27.09 16.95 -16.37
N THR B 53 28.05 17.79 -15.98
CA THR B 53 29.19 18.11 -16.84
C THR B 53 30.15 16.92 -17.00
N GLY B 54 30.49 16.26 -15.90
CA GLY B 54 31.32 15.08 -15.93
C GLY B 54 30.70 14.01 -16.82
N ILE B 55 29.41 13.76 -16.63
CA ILE B 55 28.68 12.78 -17.41
C ILE B 55 28.73 13.10 -18.89
N ALA B 56 28.27 14.28 -19.24
CA ALA B 56 28.36 14.78 -20.60
C ALA B 56 29.76 14.59 -21.15
N ALA B 57 30.76 14.89 -20.32
CA ALA B 57 32.14 14.77 -20.75
C ALA B 57 32.50 13.32 -21.01
N SER B 58 32.25 12.47 -20.00
CA SER B 58 32.66 11.07 -20.10
C SER B 58 32.12 10.47 -21.37
N PHE B 59 31.06 11.09 -21.88
CA PHE B 59 30.27 10.52 -22.94
C PHE B 59 30.69 11.03 -24.30
N LEU B 60 31.05 12.32 -24.36
CA LEU B 60 31.41 12.98 -25.63
C LEU B 60 32.90 12.92 -25.96
N LEU B 61 33.74 12.83 -24.95
CA LEU B 61 35.18 12.81 -25.17
C LEU B 61 35.69 11.39 -25.16
N GLN B 62 35.32 10.66 -26.21
CA GLN B 62 35.75 9.28 -26.43
C GLN B 62 36.28 9.15 -27.86
N GLN B 63 37.18 8.20 -28.10
CA GLN B 63 37.75 8.06 -29.43
C GLN B 63 37.42 6.69 -30.05
N SER B 67 32.31 9.81 -33.66
CA SER B 67 31.11 9.54 -34.48
C SER B 67 30.05 10.65 -34.46
N ALA B 68 28.83 10.26 -34.83
CA ALA B 68 27.65 11.09 -34.64
C ALA B 68 27.11 10.79 -33.24
N THR B 69 28.04 10.71 -32.30
CA THR B 69 27.73 10.63 -30.87
C THR B 69 27.24 12.00 -30.40
N LYS B 70 26.07 12.05 -29.77
CA LYS B 70 25.41 13.33 -29.47
C LYS B 70 24.84 13.42 -28.05
N LEU B 71 25.20 14.48 -27.31
CA LEU B 71 24.65 14.70 -25.97
C LEU B 71 23.76 15.92 -25.87
N LEU B 72 22.50 15.68 -25.50
CA LEU B 72 21.52 16.72 -25.37
C LEU B 72 21.32 17.06 -23.90
N TYR B 73 21.74 18.25 -23.52
CA TYR B 73 21.62 18.70 -22.15
C TYR B 73 20.48 19.73 -22.02
N LEU B 74 19.40 19.33 -21.36
CA LEU B 74 18.31 20.26 -21.08
C LEU B 74 18.34 20.79 -19.64
N LYS B 75 18.28 22.11 -19.54
CA LYS B 75 18.04 22.77 -18.25
C LYS B 75 16.70 23.51 -18.31
N PRO B 76 15.60 22.80 -17.99
CA PRO B 76 14.25 23.32 -18.27
C PRO B 76 13.94 24.59 -17.45
N ILE B 77 14.40 24.62 -16.19
CA ILE B 77 14.16 25.77 -15.34
C ILE B 77 15.49 26.29 -14.81
N GLN B 78 15.66 27.61 -14.89
CA GLN B 78 16.88 28.27 -14.45
C GLN B 78 16.56 29.62 -13.84
N THR B 79 16.96 29.82 -12.59
CA THR B 79 16.90 31.16 -12.01
C THR B 79 18.32 31.68 -11.74
N GLY B 80 18.37 32.97 -11.36
CA GLY B 80 19.63 33.67 -11.20
C GLY B 80 20.21 34.01 -12.56
N PHE B 81 19.37 34.02 -13.58
CA PHE B 81 19.82 34.26 -14.95
C PHE B 81 19.90 35.75 -15.28
N PRO B 82 20.95 36.17 -16.00
CA PRO B 82 22.02 35.38 -16.63
C PRO B 82 23.38 35.24 -15.89
N SER B 83 23.54 35.80 -14.69
CA SER B 83 24.79 35.61 -13.99
C SER B 83 25.08 34.12 -13.80
N ASP B 84 24.06 33.38 -13.38
CA ASP B 84 24.13 31.92 -13.34
C ASP B 84 23.45 31.36 -14.57
N SER B 85 24.13 30.46 -15.26
CA SER B 85 23.48 29.67 -16.30
C SER B 85 24.12 28.30 -16.32
N ASP B 86 23.52 27.36 -15.60
CA ASP B 86 24.03 26.01 -15.54
C ASP B 86 24.32 25.53 -16.97
N SER B 87 23.46 25.91 -17.91
CA SER B 87 23.58 25.47 -19.30
C SER B 87 24.82 26.02 -19.96
N ARG B 88 25.12 27.28 -19.67
CA ARG B 88 26.37 27.88 -20.12
C ARG B 88 27.58 27.18 -19.48
N PHE B 89 27.50 26.84 -18.20
CA PHE B 89 28.62 26.23 -17.50
C PHE B 89 29.04 24.93 -18.19
N VAL B 90 28.02 24.09 -18.47
CA VAL B 90 28.19 22.82 -19.17
C VAL B 90 28.83 23.07 -20.53
N PHE B 91 28.33 24.10 -21.21
CA PHE B 91 28.85 24.51 -22.51
C PHE B 91 30.32 24.91 -22.40
N SER B 92 30.62 25.76 -21.42
CA SER B 92 31.99 26.22 -21.17
C SER B 92 32.94 25.10 -20.82
N LYS B 93 32.60 24.39 -19.74
CA LYS B 93 33.47 23.32 -19.24
C LYS B 93 33.74 22.21 -20.26
N LEU B 94 32.81 21.97 -21.16
CA LEU B 94 33.06 21.00 -22.21
C LEU B 94 33.96 21.54 -23.32
N ASP B 95 33.87 22.84 -23.59
CA ASP B 95 34.80 23.46 -24.50
C ASP B 95 36.19 23.21 -23.95
N SER B 96 36.34 23.42 -22.65
CA SER B 96 37.64 23.26 -22.00
C SER B 96 38.11 21.82 -21.99
N LEU B 97 37.30 20.94 -21.39
CA LEU B 97 37.66 19.52 -21.36
C LEU B 97 38.00 19.00 -22.75
N SER B 98 37.30 19.48 -23.77
CA SER B 98 37.59 19.13 -25.16
C SER B 98 39.03 19.46 -25.61
N LEU B 99 39.54 20.62 -25.20
CA LEU B 99 40.87 21.01 -25.57
C LEU B 99 41.88 20.21 -24.77
N ARG B 100 41.50 19.82 -23.56
CA ARG B 100 42.35 19.05 -22.64
C ARG B 100 42.56 17.63 -23.16
N ARG B 101 41.48 16.99 -23.63
CA ARG B 101 41.56 15.64 -24.17
C ARG B 101 41.97 15.75 -25.64
N GLN B 102 41.89 16.98 -26.16
CA GLN B 102 42.19 17.24 -27.55
C GLN B 102 41.25 16.39 -28.42
N ILE B 103 39.96 16.63 -28.26
CA ILE B 103 38.94 15.88 -28.98
C ILE B 103 37.84 16.86 -29.38
N PRO B 104 37.95 17.43 -30.60
CA PRO B 104 36.99 18.45 -31.05
C PRO B 104 35.52 17.98 -30.96
N ILE B 105 34.60 18.93 -30.81
CA ILE B 105 33.17 18.66 -30.76
C ILE B 105 32.40 19.91 -31.20
N SER B 106 31.28 19.71 -31.88
CA SER B 106 30.32 20.80 -32.07
C SER B 106 29.75 21.10 -30.70
N ILE B 107 29.40 22.36 -30.42
CA ILE B 107 28.74 22.71 -29.15
C ILE B 107 27.78 23.87 -29.36
N SER B 108 26.66 23.84 -28.66
CA SER B 108 25.71 24.96 -28.68
C SER B 108 24.96 25.14 -27.36
N ASN B 109 24.60 26.39 -27.08
CA ASN B 109 23.97 26.76 -25.83
C ASN B 109 22.88 27.74 -26.18
N SER B 110 21.63 27.28 -26.08
CA SER B 110 20.52 28.12 -26.46
C SER B 110 19.69 28.41 -25.22
N VAL B 111 19.18 29.63 -25.14
CA VAL B 111 18.13 29.93 -24.16
C VAL B 111 16.85 30.32 -24.88
N LEU B 112 15.78 29.55 -24.62
CA LEU B 112 14.55 29.66 -25.40
C LEU B 112 13.62 30.77 -24.90
N HIS B 113 13.26 30.73 -23.61
CA HIS B 113 12.46 31.78 -23.01
C HIS B 113 13.04 32.29 -21.68
N SER B 114 12.97 33.60 -21.45
CA SER B 114 13.37 34.20 -20.18
C SER B 114 12.25 35.09 -19.74
N SER B 115 12.36 35.65 -18.53
CA SER B 115 11.40 36.64 -18.08
C SER B 115 11.85 37.95 -18.68
N LEU B 116 11.03 38.99 -18.54
CA LEU B 116 11.40 40.28 -19.11
C LEU B 116 12.68 40.81 -18.48
N PRO B 117 12.73 40.85 -17.14
CA PRO B 117 13.94 41.30 -16.45
C PRO B 117 15.16 40.52 -16.93
N ALA B 118 15.05 39.19 -17.02
CA ALA B 118 16.14 38.34 -17.49
C ALA B 118 16.60 38.72 -18.90
N ALA B 119 15.64 39.01 -19.76
CA ALA B 119 15.93 39.41 -21.13
C ALA B 119 16.70 40.74 -21.14
N LYS B 120 16.16 41.74 -20.44
CA LYS B 120 16.77 43.05 -20.34
C LYS B 120 18.23 42.91 -19.97
N SER B 121 18.52 42.07 -18.97
CA SER B 121 19.89 41.81 -18.54
C SER B 121 20.79 41.35 -19.68
N LEU B 122 20.23 41.33 -20.89
CA LEU B 122 20.99 40.92 -22.07
C LEU B 122 20.87 41.91 -23.24
N GLY B 123 20.64 43.18 -22.91
CA GLY B 123 20.35 44.17 -23.93
C GLY B 123 19.25 43.54 -24.76
N GLY B 132 3.87 35.34 -18.92
CA GLY B 132 4.52 36.51 -19.51
C GLY B 132 6.00 36.36 -19.93
N MET B 133 6.30 35.29 -20.65
CA MET B 133 7.67 34.99 -20.99
C MET B 133 8.12 35.62 -22.31
N CYS B 134 9.29 36.22 -22.29
CA CYS B 134 9.97 36.60 -23.53
C CYS B 134 10.52 35.33 -24.17
N SER B 135 10.38 35.25 -25.49
CA SER B 135 11.10 34.27 -26.27
C SER B 135 12.35 34.96 -26.80
N LEU B 136 13.51 34.36 -26.57
CA LEU B 136 14.76 34.93 -27.03
C LEU B 136 15.25 34.22 -28.30
N ASN B 137 15.92 34.96 -29.18
CA ASN B 137 16.65 34.38 -30.28
C ASN B 137 17.81 33.57 -29.69
N PHE B 138 18.48 34.17 -28.70
CA PHE B 138 19.73 33.67 -28.10
C PHE B 138 20.15 32.25 -28.46
N ARG B 139 21.35 32.17 -29.03
CA ARG B 139 21.97 30.92 -29.46
C ARG B 139 23.48 31.16 -29.44
N ASP B 140 24.23 30.10 -29.23
CA ASP B 140 25.64 30.25 -29.10
C ASP B 140 26.39 29.01 -29.57
N GLU B 141 26.40 28.79 -30.88
CA GLU B 141 27.05 27.62 -31.48
C GLU B 141 28.57 27.80 -31.61
N LYS B 142 29.33 26.70 -31.47
CA LYS B 142 30.73 26.62 -31.92
C LYS B 142 30.89 25.32 -32.68
N THR B 143 30.44 25.32 -33.94
CA THR B 143 30.28 24.09 -34.71
C THR B 143 31.55 23.53 -35.33
N VAL B 144 31.78 22.25 -35.09
CA VAL B 144 32.88 21.54 -35.70
C VAL B 144 32.31 20.34 -36.44
N THR B 145 32.20 20.46 -37.76
CA THR B 145 31.50 19.48 -38.58
C THR B 145 31.97 18.05 -38.32
N GLY B 146 31.01 17.15 -38.11
CA GLY B 146 31.28 15.73 -37.98
C GLY B 146 31.66 15.28 -36.59
N ALA B 147 32.03 16.23 -35.75
CA ALA B 147 32.48 15.92 -34.40
C ALA B 147 31.28 15.54 -33.56
N PRO B 148 31.52 14.81 -32.45
CA PRO B 148 30.45 14.42 -31.51
C PRO B 148 29.76 15.71 -31.08
N GLU B 149 28.44 15.76 -31.07
CA GLU B 149 27.77 17.02 -30.82
C GLU B 149 27.28 17.21 -29.39
N LEU B 150 27.48 18.41 -28.84
CA LEU B 150 26.87 18.84 -27.58
C LEU B 150 25.77 19.87 -27.81
N LEU B 151 24.61 19.62 -27.20
CA LEU B 151 23.46 20.48 -27.36
C LEU B 151 22.90 20.86 -26.00
N CYS B 152 23.25 22.07 -25.55
CA CYS B 152 22.76 22.61 -24.27
C CYS B 152 21.59 23.57 -24.50
N LYS B 153 20.57 23.48 -23.67
CA LYS B 153 19.37 24.32 -23.82
C LYS B 153 18.79 24.64 -22.47
N THR B 154 18.63 25.94 -22.22
CA THR B 154 17.86 26.39 -21.07
C THR B 154 16.47 26.77 -21.57
N LEU B 155 15.46 26.06 -21.10
CA LEU B 155 14.14 26.25 -21.67
C LEU B 155 13.52 27.55 -21.18
N TYR B 156 13.51 27.73 -19.86
CA TYR B 156 12.88 28.90 -19.23
C TYR B 156 13.76 29.51 -18.14
N ALA B 157 14.00 30.82 -18.23
CA ALA B 157 14.91 31.53 -17.31
C ALA B 157 14.31 32.79 -16.61
N TRP B 158 14.67 32.97 -15.34
CA TRP B 158 14.29 34.15 -14.56
C TRP B 158 15.57 34.81 -14.00
N GLU B 159 15.51 36.12 -13.72
CA GLU B 159 16.71 36.87 -13.29
C GLU B 159 17.05 36.82 -11.79
N ALA B 160 16.08 37.07 -10.93
CA ALA B 160 16.29 36.95 -9.49
C ALA B 160 16.90 35.59 -9.19
N ALA B 161 17.45 35.44 -8.00
CA ALA B 161 18.00 34.14 -7.64
C ALA B 161 17.32 33.55 -6.41
N ILE B 162 16.07 33.14 -6.56
CA ILE B 162 15.40 32.34 -5.52
C ILE B 162 14.60 31.21 -6.15
N SER B 163 13.72 30.58 -5.36
CA SER B 163 12.88 29.53 -5.94
C SER B 163 12.12 30.06 -7.14
N PRO B 164 12.12 29.30 -8.23
CA PRO B 164 11.36 29.64 -9.42
C PRO B 164 9.96 30.13 -9.09
N HIS B 165 9.34 29.57 -8.06
CA HIS B 165 7.96 29.92 -7.73
C HIS B 165 7.81 31.41 -7.37
N LEU B 166 8.77 31.93 -6.62
CA LEU B 166 8.88 33.35 -6.32
C LEU B 166 9.29 34.20 -7.52
N ALA B 167 10.28 33.73 -8.28
CA ALA B 167 10.76 34.48 -9.44
C ALA B 167 9.63 34.69 -10.43
N ALA B 168 8.83 33.64 -10.62
CA ALA B 168 7.69 33.73 -11.53
C ALA B 168 6.71 34.88 -11.14
N GLU B 169 6.33 34.94 -9.86
CA GLU B 169 5.42 36.01 -9.46
C GLU B 169 6.09 37.41 -9.40
N ARG B 170 7.41 37.46 -9.25
CA ARG B 170 8.11 38.73 -9.16
C ARG B 170 8.36 39.38 -10.51
N GLU B 171 8.60 38.55 -11.51
CA GLU B 171 8.95 39.05 -12.82
C GLU B 171 7.78 38.76 -13.77
N ASN B 172 6.62 38.46 -13.18
CA ASN B 172 5.36 38.29 -13.89
C ASN B 172 5.48 37.39 -15.11
N ALA B 173 6.39 36.43 -15.01
CA ALA B 173 6.62 35.47 -16.08
C ALA B 173 6.34 34.08 -15.52
N THR B 174 5.26 33.47 -15.96
CA THR B 174 4.97 32.16 -15.43
C THR B 174 4.93 31.09 -16.55
N VAL B 175 4.89 29.82 -16.16
CA VAL B 175 4.82 28.74 -17.14
C VAL B 175 4.11 27.54 -16.50
N GLU B 176 3.09 27.06 -17.20
CA GLU B 176 2.25 25.98 -16.68
C GLU B 176 2.94 24.64 -16.87
N ASP B 177 2.75 23.76 -15.91
CA ASP B 177 3.50 22.51 -15.88
C ASP B 177 3.50 21.82 -17.24
N SER B 178 2.31 21.74 -17.84
CA SER B 178 2.09 21.12 -19.15
C SER B 178 3.00 21.71 -20.21
N VAL B 179 3.00 23.04 -20.29
CA VAL B 179 3.84 23.77 -21.23
C VAL B 179 5.33 23.45 -21.02
N VAL B 180 5.71 23.28 -19.76
CA VAL B 180 7.07 22.86 -19.46
C VAL B 180 7.34 21.46 -20.00
N LEU B 181 6.47 20.51 -19.63
CA LEU B 181 6.63 19.13 -20.07
C LEU B 181 6.55 19.10 -21.58
N GLN B 182 5.57 19.80 -22.10
CA GLN B 182 5.33 19.82 -23.55
C GLN B 182 6.58 20.22 -24.29
N MET B 183 7.20 21.28 -23.75
CA MET B 183 8.39 21.85 -24.34
C MET B 183 9.55 20.85 -24.33
N ILE B 184 9.72 20.19 -23.19
CA ILE B 184 10.75 19.17 -23.05
C ILE B 184 10.52 18.05 -24.06
N GLU B 185 9.24 17.79 -24.33
CA GLU B 185 8.84 16.76 -25.27
C GLU B 185 9.17 17.15 -26.70
N LYS B 186 8.86 18.39 -27.06
CA LYS B 186 9.29 18.91 -28.36
C LYS B 186 10.80 18.66 -28.51
N CYS B 187 11.58 19.27 -27.63
CA CYS B 187 13.03 19.12 -27.66
C CYS B 187 13.40 17.65 -27.74
N LEU B 188 12.84 16.84 -26.87
CA LEU B 188 13.17 15.42 -26.86
C LEU B 188 12.96 14.76 -28.22
N LYS B 189 11.83 15.06 -28.85
CA LYS B 189 11.46 14.47 -30.12
C LYS B 189 12.24 15.07 -31.28
N GLU B 190 12.38 16.39 -31.28
CA GLU B 190 13.23 17.10 -32.26
C GLU B 190 14.59 16.45 -32.53
N GLU B 191 15.16 15.81 -31.52
CA GLU B 191 16.50 15.25 -31.64
C GLU B 191 16.48 13.75 -31.46
N MET B 192 15.36 13.12 -31.77
CA MET B 192 15.25 11.66 -31.77
C MET B 192 14.28 11.16 -32.84
N ASP B 202 26.15 6.28 -28.58
CA ASP B 202 25.34 6.93 -29.60
C ASP B 202 24.67 8.22 -29.09
N LEU B 203 23.57 8.11 -28.33
CA LEU B 203 22.89 9.32 -27.84
C LEU B 203 22.43 9.31 -26.38
N LEU B 204 22.71 10.39 -25.66
CA LEU B 204 22.36 10.49 -24.25
C LEU B 204 21.75 11.85 -24.02
N CYS B 205 20.63 11.89 -23.31
CA CYS B 205 20.00 13.15 -22.95
C CYS B 205 19.89 13.34 -21.45
N LEU B 206 20.40 14.45 -20.93
CA LEU B 206 20.31 14.73 -19.51
C LEU B 206 19.36 15.88 -19.30
N VAL B 207 18.46 15.73 -18.35
CA VAL B 207 17.53 16.80 -18.01
C VAL B 207 17.79 17.26 -16.60
N GLU B 208 18.47 18.39 -16.45
CA GLU B 208 18.87 18.85 -15.13
C GLU B 208 17.81 19.64 -14.40
N THR B 209 17.38 19.09 -13.27
CA THR B 209 16.33 19.70 -12.45
C THR B 209 16.79 21.02 -11.90
N ALA B 210 15.90 21.70 -11.21
CA ALA B 210 16.27 22.94 -10.54
C ALA B 210 15.96 22.84 -9.04
N GLY B 211 17.00 22.95 -8.22
CA GLY B 211 16.81 22.92 -6.79
C GLY B 211 16.77 21.51 -6.24
N GLY B 212 16.13 21.37 -5.10
CA GLY B 212 15.94 20.07 -4.49
C GLY B 212 14.87 19.24 -5.17
N VAL B 213 14.97 17.97 -4.91
CA VAL B 213 13.99 17.00 -5.32
C VAL B 213 12.56 17.56 -5.11
N ALA B 214 12.32 18.14 -3.94
CA ALA B 214 10.99 18.64 -3.61
C ALA B 214 10.93 20.18 -3.61
N SER B 215 11.66 20.82 -4.52
CA SER B 215 11.59 22.28 -4.64
C SER B 215 10.52 22.75 -5.63
N PRO B 216 9.78 23.81 -5.26
CA PRO B 216 8.71 24.36 -6.13
C PRO B 216 9.23 24.84 -7.47
N GLY B 217 8.51 24.45 -8.52
CA GLY B 217 8.70 24.98 -9.86
C GLY B 217 7.93 26.28 -9.98
N PRO B 218 7.97 26.89 -11.17
CA PRO B 218 7.48 28.24 -11.44
C PRO B 218 6.02 28.37 -11.05
N SER B 219 5.29 27.27 -11.22
CA SER B 219 3.86 27.21 -10.97
C SER B 219 3.56 26.93 -9.51
N GLY B 220 4.57 26.45 -8.77
CA GLY B 220 4.40 26.16 -7.36
C GLY B 220 4.35 24.67 -7.11
N THR B 221 4.20 23.94 -8.21
CA THR B 221 4.22 22.50 -8.21
C THR B 221 5.61 22.02 -7.82
N LEU B 222 5.71 21.23 -6.76
CA LEU B 222 7.00 20.65 -6.44
C LEU B 222 7.54 19.97 -7.69
N GLN B 223 8.82 20.14 -7.94
CA GLN B 223 9.46 19.64 -9.15
C GLN B 223 9.24 18.14 -9.39
N CYS B 224 9.39 17.34 -8.32
CA CYS B 224 9.14 15.90 -8.42
C CYS B 224 7.72 15.54 -8.86
N ASP B 225 6.76 16.38 -8.51
CA ASP B 225 5.41 16.19 -9.04
C ASP B 225 5.32 16.67 -10.49
N LEU B 226 6.00 17.77 -10.79
CA LEU B 226 5.90 18.35 -12.13
C LEU B 226 6.37 17.36 -13.20
N TYR B 227 7.39 16.59 -12.88
CA TYR B 227 7.96 15.66 -13.85
C TYR B 227 7.30 14.28 -13.88
N ARG B 228 6.50 13.98 -12.85
CA ARG B 228 5.84 12.67 -12.72
C ARG B 228 5.18 12.11 -14.00
N PRO B 229 4.42 12.95 -14.71
CA PRO B 229 3.74 12.50 -15.93
C PRO B 229 4.67 11.81 -16.91
N PHE B 230 5.93 12.22 -16.97
CA PHE B 230 6.92 11.58 -17.86
C PHE B 230 7.57 10.35 -17.24
N ARG B 231 7.56 10.24 -15.91
CA ARG B 231 8.32 9.22 -15.18
C ARG B 231 9.64 8.85 -15.86
N LEU B 232 10.54 9.84 -15.95
CA LEU B 232 11.88 9.58 -16.43
C LEU B 232 12.74 9.05 -15.29
N PRO B 233 13.57 8.05 -15.59
CA PRO B 233 14.56 7.57 -14.64
C PRO B 233 15.54 8.70 -14.35
N GLY B 234 16.31 8.59 -13.29
CA GLY B 234 17.27 9.63 -13.02
C GLY B 234 18.34 9.19 -12.07
N ILE B 235 19.24 10.11 -11.78
CA ILE B 235 20.23 9.91 -10.74
C ILE B 235 20.08 11.03 -9.72
N LEU B 236 20.56 10.76 -8.51
CA LEU B 236 20.41 11.67 -7.39
C LEU B 236 21.78 12.09 -6.94
N VAL B 237 22.08 13.38 -7.13
CA VAL B 237 23.32 13.97 -6.60
C VAL B 237 23.08 14.23 -5.12
N GLY B 238 23.87 13.53 -4.31
CA GLY B 238 23.66 13.52 -2.88
C GLY B 238 24.53 14.55 -2.15
N ASP B 239 24.68 14.34 -0.84
CA ASP B 239 25.27 15.34 0.02
C ASP B 239 26.40 14.71 0.84
N GLY B 240 27.61 15.13 0.52
CA GLY B 240 28.80 14.57 1.16
C GLY B 240 29.19 15.25 2.45
N ARG B 241 28.39 16.23 2.85
CA ARG B 241 28.70 17.04 4.03
C ARG B 241 28.03 16.41 5.23
N LEU B 242 28.26 17.03 6.38
CA LEU B 242 27.58 16.61 7.61
C LEU B 242 26.06 16.82 7.46
N GLY B 243 25.30 15.74 7.63
CA GLY B 243 23.87 15.79 7.46
C GLY B 243 23.42 15.36 6.08
N GLY B 244 24.38 14.98 5.26
CA GLY B 244 24.09 14.55 3.90
C GLY B 244 23.46 13.18 3.86
N ILE B 245 23.78 12.36 4.86
CA ILE B 245 23.18 11.04 4.94
C ILE B 245 21.68 11.20 5.05
N SER B 246 21.22 11.92 6.09
CA SER B 246 19.80 12.13 6.28
C SER B 246 19.24 12.81 5.04
N GLY B 247 19.96 13.80 4.54
CA GLY B 247 19.45 14.56 3.41
C GLY B 247 19.31 13.79 2.11
N THR B 248 20.25 12.87 1.89
CA THR B 248 20.30 12.08 0.66
C THR B 248 19.23 10.98 0.68
N ILE B 249 19.03 10.38 1.86
CA ILE B 249 18.04 9.34 2.02
C ILE B 249 16.63 9.91 1.90
N ALA B 250 16.39 11.10 2.43
CA ALA B 250 15.05 11.62 2.40
C ALA B 250 14.71 12.08 0.99
N ALA B 251 15.66 12.72 0.33
CA ALA B 251 15.51 13.11 -1.06
C ALA B 251 15.25 11.89 -1.94
N TYR B 252 15.93 10.79 -1.60
CA TYR B 252 15.81 9.54 -2.35
C TYR B 252 14.42 8.99 -2.15
N GLU B 253 14.02 8.85 -0.87
CA GLU B 253 12.72 8.30 -0.50
C GLU B 253 11.57 9.07 -1.10
N SER B 254 11.77 10.37 -1.30
CA SER B 254 10.74 11.23 -1.86
C SER B 254 10.59 11.07 -3.38
N LEU B 255 11.66 10.67 -4.05
CA LEU B 255 11.55 10.25 -5.43
C LEU B 255 10.88 8.88 -5.57
N LYS B 256 11.20 7.96 -4.65
CA LYS B 256 10.58 6.64 -4.67
C LYS B 256 9.10 6.77 -4.43
N LEU B 257 8.76 7.60 -3.45
CA LEU B 257 7.38 7.79 -3.07
C LEU B 257 6.55 8.33 -4.23
N ARG B 258 7.23 8.77 -5.29
CA ARG B 258 6.53 9.29 -6.46
C ARG B 258 6.65 8.37 -7.64
N GLY B 259 7.31 7.24 -7.38
CA GLY B 259 7.39 6.12 -8.30
C GLY B 259 8.40 6.31 -9.41
N TYR B 260 9.42 7.13 -9.14
CA TYR B 260 10.57 7.30 -10.00
C TYR B 260 11.58 6.20 -9.72
N ASP B 261 12.42 5.88 -10.70
CA ASP B 261 13.53 4.95 -10.49
C ASP B 261 14.90 5.66 -10.52
N ILE B 262 15.76 5.36 -9.53
CA ILE B 262 17.04 6.04 -9.40
C ILE B 262 18.23 5.10 -9.66
N ALA B 263 18.90 5.33 -10.80
CA ALA B 263 19.97 4.44 -11.30
C ALA B 263 21.31 4.53 -10.55
N ALA B 264 21.53 5.64 -9.84
CA ALA B 264 22.73 5.80 -9.04
C ALA B 264 22.60 7.03 -8.20
N VAL B 265 23.32 7.04 -7.08
CA VAL B 265 23.49 8.20 -6.22
C VAL B 265 24.95 8.58 -6.22
N VAL B 266 25.22 9.86 -6.39
CA VAL B 266 26.61 10.35 -6.45
C VAL B 266 26.76 11.62 -5.62
N PHE B 267 27.89 11.74 -4.93
CA PHE B 267 28.17 12.90 -4.10
C PHE B 267 29.65 13.18 -3.96
N GLU B 268 30.00 14.40 -3.53
CA GLU B 268 31.40 14.81 -3.37
C GLU B 268 31.94 14.51 -1.98
N ASP B 269 33.00 13.72 -1.93
CA ASP B 269 33.62 13.32 -0.69
C ASP B 269 33.98 14.54 0.17
N HIS B 270 33.50 14.58 1.41
CA HIS B 270 33.95 15.58 2.38
C HIS B 270 34.63 14.93 3.57
N GLY B 271 35.14 13.72 3.33
CA GLY B 271 35.89 12.96 4.32
C GLY B 271 35.07 12.41 5.46
N LEU B 272 33.76 12.32 5.26
CA LEU B 272 32.89 11.88 6.34
C LEU B 272 32.42 10.45 6.16
N VAL B 273 32.87 9.83 5.06
CA VAL B 273 32.53 8.44 4.78
C VAL B 273 31.02 8.24 4.73
N ASN B 274 30.34 9.18 4.07
CA ASN B 274 28.89 9.17 3.95
C ASN B 274 28.37 7.99 3.15
N GLU B 275 29.19 7.50 2.21
CA GLU B 275 28.71 6.49 1.26
C GLU B 275 28.36 5.16 1.90
N VAL B 276 28.93 4.89 3.07
CA VAL B 276 28.67 3.62 3.71
C VAL B 276 27.23 3.49 4.18
N PRO B 277 26.76 4.42 5.03
CA PRO B 277 25.36 4.36 5.45
C PRO B 277 24.45 4.40 4.24
N LEU B 278 24.78 5.19 3.23
CA LEU B 278 24.00 5.19 2.01
C LEU B 278 23.90 3.79 1.37
N THR B 279 25.04 3.17 1.09
CA THR B 279 24.99 1.84 0.48
C THR B 279 24.29 0.82 1.37
N SER B 280 24.59 0.85 2.65
CA SER B 280 23.89 -0.03 3.59
C SER B 280 22.37 0.11 3.44
N TYR B 281 21.86 1.33 3.62
CA TYR B 281 20.46 1.65 3.41
C TYR B 281 19.93 1.19 2.05
N LEU B 282 20.71 1.39 1.00
CA LEU B 282 20.24 1.02 -0.33
C LEU B 282 20.37 -0.47 -0.58
N ARG B 283 20.69 -1.22 0.47
CA ARG B 283 21.02 -2.63 0.37
C ARG B 283 21.91 -2.93 -0.84
N ASN B 284 22.81 -1.99 -1.13
CA ASN B 284 23.77 -2.14 -2.20
C ASN B 284 23.12 -2.38 -3.54
N LYS B 285 21.81 -2.15 -3.60
CA LYS B 285 21.02 -2.39 -4.81
C LYS B 285 21.14 -1.23 -5.79
N VAL B 286 21.59 -0.08 -5.30
CA VAL B 286 21.88 1.05 -6.16
C VAL B 286 23.31 1.52 -5.94
N PRO B 287 24.05 1.73 -7.02
CA PRO B 287 25.44 2.13 -6.85
C PRO B 287 25.53 3.53 -6.25
N VAL B 288 26.47 3.70 -5.30
CA VAL B 288 26.76 5.00 -4.67
C VAL B 288 28.18 5.48 -5.07
N LEU B 289 28.25 6.38 -6.04
CA LEU B 289 29.52 6.96 -6.47
C LEU B 289 29.98 8.20 -5.64
N VAL B 290 31.23 8.14 -5.19
CA VAL B 290 31.88 9.17 -4.38
C VAL B 290 32.93 9.95 -5.19
N LEU B 291 32.60 11.17 -5.61
CA LEU B 291 33.55 12.06 -6.27
C LEU B 291 34.58 12.60 -5.29
N PRO B 292 35.80 12.89 -5.77
CA PRO B 292 36.89 13.45 -4.95
C PRO B 292 36.60 14.91 -4.62
N PRO B 293 37.14 15.43 -3.52
CA PRO B 293 36.83 16.81 -3.10
C PRO B 293 36.99 17.79 -4.23
N VAL B 294 36.15 18.82 -4.27
CA VAL B 294 36.26 19.86 -5.27
C VAL B 294 37.20 20.91 -4.73
N PRO B 295 38.00 21.50 -5.60
CA PRO B 295 38.89 22.60 -5.20
C PRO B 295 38.11 23.73 -4.52
N LYS B 296 38.54 24.11 -3.31
CA LYS B 296 37.86 25.16 -2.55
C LYS B 296 38.17 26.59 -3.02
N ASP B 297 39.29 26.74 -3.73
CA ASP B 297 39.65 28.02 -4.33
C ASP B 297 38.68 28.43 -5.44
N PRO B 298 37.98 29.56 -5.24
CA PRO B 298 36.93 30.07 -6.12
C PRO B 298 37.44 30.28 -7.52
N SER B 299 38.77 30.39 -7.63
CA SER B 299 39.39 30.73 -8.91
C SER B 299 39.70 29.49 -9.73
N ASP B 300 39.62 28.33 -9.09
CA ASP B 300 39.93 27.07 -9.76
C ASP B 300 39.14 26.70 -11.02
N ASP B 301 39.89 26.32 -12.05
CA ASP B 301 39.35 25.90 -13.33
C ASP B 301 38.44 24.70 -13.18
N LEU B 302 38.76 23.86 -12.19
CA LEU B 302 38.13 22.55 -12.03
C LEU B 302 38.52 21.57 -13.14
N ILE B 303 39.30 22.05 -14.12
CA ILE B 303 39.61 21.25 -15.28
C ILE B 303 40.45 20.02 -14.92
N GLU B 304 41.27 20.12 -13.88
CA GLU B 304 42.04 18.97 -13.43
C GLU B 304 41.27 18.08 -12.43
N TRP B 305 40.21 18.63 -11.85
CA TRP B 305 39.34 17.84 -10.99
C TRP B 305 38.50 16.92 -11.86
N PHE B 306 37.94 17.51 -12.91
CA PHE B 306 37.15 16.77 -13.88
C PHE B 306 37.93 15.60 -14.45
N VAL B 307 39.21 15.84 -14.75
CA VAL B 307 40.08 14.79 -15.23
C VAL B 307 40.25 13.79 -14.12
N GLU B 308 40.58 14.26 -12.91
CA GLU B 308 40.78 13.39 -11.76
C GLU B 308 39.55 12.53 -11.44
N SER B 309 38.40 12.94 -11.94
CA SER B 309 37.15 12.32 -11.55
C SER B 309 36.62 11.49 -12.70
N ASP B 310 37.41 11.39 -13.77
CA ASP B 310 37.00 10.63 -14.93
C ASP B 310 36.56 9.22 -14.53
N GLY B 311 37.33 8.59 -13.65
CA GLY B 311 36.98 7.27 -13.16
C GLY B 311 35.53 7.21 -12.76
N VAL B 312 35.17 8.01 -11.76
CA VAL B 312 33.81 8.09 -11.27
C VAL B 312 32.80 8.43 -12.37
N PHE B 313 33.09 9.41 -13.22
CA PHE B 313 32.15 9.78 -14.28
C PHE B 313 31.93 8.68 -15.33
N LYS B 314 32.98 7.96 -15.69
CA LYS B 314 32.83 6.83 -16.59
C LYS B 314 31.88 5.86 -15.91
N ALA B 315 32.17 5.52 -14.67
CA ALA B 315 31.30 4.60 -13.94
C ALA B 315 29.84 5.05 -14.02
N LEU B 316 29.60 6.30 -13.65
CA LEU B 316 28.25 6.89 -13.61
C LEU B 316 27.53 6.87 -14.97
N LYS B 317 28.24 7.23 -16.03
CA LYS B 317 27.70 7.14 -17.37
C LYS B 317 27.35 5.69 -17.75
N GLU B 318 28.29 4.76 -17.57
CA GLU B 318 28.00 3.36 -17.85
C GLU B 318 26.75 2.94 -17.09
N THR B 319 26.74 3.07 -15.77
CA THR B 319 25.58 2.75 -14.95
C THR B 319 24.29 3.29 -15.55
N MET B 320 24.32 4.52 -16.05
CA MET B 320 23.12 5.08 -16.65
C MET B 320 22.79 4.46 -17.99
N VAL B 321 23.78 4.35 -18.89
CA VAL B 321 23.59 3.78 -20.23
C VAL B 321 23.06 2.37 -20.13
N LEU B 322 23.73 1.62 -19.27
CA LEU B 322 23.48 0.22 -18.99
C LEU B 322 22.10 -0.05 -18.42
N ALA B 323 21.73 0.63 -17.33
CA ALA B 323 20.36 0.59 -16.78
C ALA B 323 19.20 0.84 -17.78
N ASN B 324 19.44 1.63 -18.82
CA ASN B 324 18.45 1.82 -19.88
C ASN B 324 18.33 0.56 -20.77
N LEU B 325 19.47 -0.04 -21.13
CA LEU B 325 19.50 -1.24 -21.95
C LEU B 325 18.77 -2.34 -21.20
N GLU B 326 19.06 -2.44 -19.90
CA GLU B 326 18.44 -3.44 -19.04
C GLU B 326 16.95 -3.22 -18.90
N ARG B 327 16.54 -1.97 -18.84
CA ARG B 327 15.13 -1.62 -18.74
C ARG B 327 14.42 -1.97 -20.04
N LEU B 328 15.09 -1.72 -21.16
CA LEU B 328 14.55 -2.04 -22.47
C LEU B 328 14.52 -3.52 -22.74
N GLU B 329 15.52 -4.26 -22.28
CA GLU B 329 15.52 -5.70 -22.49
C GLU B 329 14.29 -6.30 -21.85
N ARG B 330 13.99 -5.87 -20.61
CA ARG B 330 12.85 -6.37 -19.87
C ARG B 330 11.51 -6.03 -20.54
N LEU B 331 11.36 -4.78 -20.97
CA LEU B 331 10.16 -4.34 -21.69
C LEU B 331 9.94 -5.17 -22.96
N ASN B 332 11.02 -5.32 -23.72
CA ASN B 332 10.98 -6.05 -24.98
C ASN B 332 10.74 -7.55 -24.84
N GLY B 333 10.66 -8.04 -23.62
CA GLY B 333 10.36 -9.44 -23.40
C GLY B 333 9.08 -9.67 -22.59
N MET B 334 8.47 -8.59 -22.10
CA MET B 334 7.36 -8.71 -21.15
C MET B 334 6.07 -9.28 -21.74
N ALA B 335 5.73 -8.86 -22.95
CA ALA B 335 4.55 -9.39 -23.63
C ALA B 335 4.68 -10.90 -23.86
N LYS B 336 5.75 -11.30 -24.53
CA LYS B 336 5.98 -12.70 -24.82
C LYS B 336 5.86 -13.50 -23.52
N LEU B 337 6.49 -12.98 -22.48
CA LEU B 337 6.55 -13.67 -21.20
C LEU B 337 5.18 -13.65 -20.53
N ALA B 338 4.49 -12.52 -20.61
CA ALA B 338 3.13 -12.40 -20.11
C ALA B 338 2.28 -13.54 -20.67
N GLY B 339 2.28 -13.67 -21.99
CA GLY B 339 1.50 -14.72 -22.65
C GLY B 339 1.84 -16.13 -22.23
N GLU B 340 3.08 -16.36 -21.80
CA GLU B 340 3.53 -17.67 -21.39
C GLU B 340 3.20 -18.03 -19.95
N VAL B 341 3.13 -17.02 -19.08
CA VAL B 341 3.13 -17.24 -17.64
C VAL B 341 1.82 -16.92 -16.96
N PHE B 342 1.05 -16.02 -17.57
CA PHE B 342 -0.20 -15.56 -16.97
C PHE B 342 -1.39 -16.44 -17.31
N TRP B 343 -2.34 -16.50 -16.39
CA TRP B 343 -3.69 -16.92 -16.76
C TRP B 343 -4.69 -15.77 -16.54
N TRP B 344 -5.02 -15.09 -17.63
CA TRP B 344 -5.77 -13.85 -17.53
C TRP B 344 -7.24 -14.15 -17.26
N PRO B 345 -7.86 -13.35 -16.37
CA PRO B 345 -9.29 -13.49 -16.07
C PRO B 345 -10.12 -13.10 -17.28
N PHE B 346 -11.31 -13.68 -17.44
CA PHE B 346 -12.20 -13.30 -18.54
C PHE B 346 -11.48 -13.16 -19.89
N THR B 347 -10.62 -14.14 -20.22
CA THR B 347 -9.85 -14.13 -21.46
C THR B 347 -9.69 -15.49 -22.04
N GLN B 348 -9.94 -15.59 -23.35
CA GLN B 348 -9.65 -16.81 -24.07
C GLN B 348 -8.26 -16.72 -24.67
N HIS B 349 -7.26 -17.37 -24.06
CA HIS B 349 -5.89 -17.14 -24.52
C HIS B 349 -5.69 -17.43 -25.99
N LYS B 350 -6.44 -18.40 -26.52
CA LYS B 350 -6.27 -18.83 -27.91
C LYS B 350 -6.49 -17.66 -28.87
N LEU B 351 -7.07 -16.59 -28.36
CA LEU B 351 -7.46 -15.46 -29.18
C LEU B 351 -6.59 -14.25 -28.91
N VAL B 352 -5.77 -14.33 -27.86
CA VAL B 352 -4.88 -13.24 -27.53
C VAL B 352 -3.52 -13.47 -28.17
N HIS B 353 -3.15 -12.60 -29.10
CA HIS B 353 -1.83 -12.69 -29.71
C HIS B 353 -0.86 -11.73 -29.01
N GLN B 354 0.42 -12.07 -29.07
CA GLN B 354 1.44 -11.24 -28.44
C GLN B 354 1.26 -9.79 -28.88
N GLU B 355 0.88 -9.61 -30.15
CA GLU B 355 0.64 -8.31 -30.77
CA GLU B 355 0.67 -8.30 -30.74
C GLU B 355 -0.44 -7.54 -30.02
N THR B 356 -1.29 -8.26 -29.28
CA THR B 356 -2.42 -7.63 -28.61
C THR B 356 -2.04 -7.17 -27.20
N VAL B 357 -1.22 -7.98 -26.53
CA VAL B 357 -0.77 -7.73 -25.16
C VAL B 357 -0.24 -6.31 -25.03
N THR B 358 -0.84 -5.56 -24.12
CA THR B 358 -0.45 -4.18 -23.87
C THR B 358 0.60 -4.14 -22.75
N VAL B 359 1.74 -3.48 -22.99
CA VAL B 359 2.76 -3.34 -21.92
C VAL B 359 2.62 -2.02 -21.15
N ILE B 360 2.19 -2.14 -19.89
CA ILE B 360 1.96 -0.98 -19.06
C ILE B 360 3.09 -0.73 -18.10
N ASP B 361 3.80 0.36 -18.33
CA ASP B 361 5.01 0.66 -17.57
C ASP B 361 4.73 1.43 -16.29
N SER B 362 3.62 2.18 -16.28
CA SER B 362 3.22 2.98 -15.12
C SER B 362 1.85 3.61 -15.38
N ARG B 363 1.37 4.33 -14.37
CA ARG B 363 0.11 5.02 -14.53
C ARG B 363 0.17 6.35 -13.85
N CYS B 364 -0.35 7.38 -14.53
CA CYS B 364 -0.39 8.70 -13.94
C CYS B 364 -1.79 9.24 -14.09
N GLY B 365 -2.54 9.25 -12.99
CA GLY B 365 -3.98 9.48 -13.04
C GLY B 365 -4.76 8.60 -14.01
N GLU B 366 -5.49 9.25 -14.92
CA GLU B 366 -6.26 8.52 -15.92
C GLU B 366 -5.43 7.82 -17.03
N ASN B 367 -4.15 8.13 -17.13
CA ASN B 367 -3.34 7.61 -18.25
C ASN B 367 -2.31 6.54 -17.93
N PHE B 368 -2.39 5.44 -18.67
CA PHE B 368 -1.32 4.45 -18.73
C PHE B 368 -0.12 5.00 -19.49
N SER B 369 1.06 4.60 -19.07
CA SER B 369 2.23 4.79 -19.90
C SER B 369 2.48 3.43 -20.50
N ILE B 370 2.47 3.38 -21.82
CA ILE B 370 2.47 2.13 -22.53
C ILE B 370 3.71 2.02 -23.41
N TYR B 371 4.48 0.95 -23.22
CA TYR B 371 5.61 0.66 -24.09
C TYR B 371 5.17 -0.06 -25.37
N LYS B 372 5.42 0.57 -26.52
CA LYS B 372 5.27 -0.09 -27.81
C LYS B 372 6.65 -0.15 -28.49
N ALA B 373 7.15 -1.37 -28.67
CA ALA B 373 8.36 -1.58 -29.45
C ALA B 373 8.08 -1.20 -30.91
N SER B 374 6.86 -1.51 -31.36
CA SER B 374 6.38 -1.11 -32.67
C SER B 374 6.74 0.36 -32.96
N ASP B 375 6.02 1.30 -32.34
CA ASP B 375 6.20 2.74 -32.55
C ASP B 375 7.58 3.28 -32.13
N ASN B 376 8.63 2.53 -32.47
CA ASN B 376 10.01 2.94 -32.21
C ASN B 376 10.33 2.94 -30.72
N SER B 377 10.35 1.75 -30.16
CA SER B 377 10.45 1.52 -28.72
C SER B 377 10.13 2.78 -27.91
N SER B 378 8.84 3.10 -27.81
CA SER B 378 8.45 4.35 -27.17
C SER B 378 7.34 4.19 -26.13
N LEU B 379 7.38 4.99 -25.06
CA LEU B 379 6.29 5.06 -24.09
C LEU B 379 5.30 6.13 -24.53
N SER B 380 4.01 5.87 -24.37
CA SER B 380 2.99 6.83 -24.75
C SER B 380 1.81 6.80 -23.78
N GLN B 381 1.24 7.96 -23.54
CA GLN B 381 0.03 7.99 -22.73
C GLN B 381 -1.11 7.31 -23.47
N GLN B 382 -1.94 6.66 -22.69
CA GLN B 382 -3.08 5.99 -23.25
C GLN B 382 -4.18 6.00 -22.17
N PHE B 383 -5.31 6.63 -22.47
CA PHE B 383 -6.39 6.77 -21.50
C PHE B 383 -7.01 5.44 -21.03
N ASP B 384 -7.15 5.29 -19.72
CA ASP B 384 -7.73 4.08 -19.18
C ASP B 384 -9.25 4.20 -19.17
N ALA B 385 -9.84 3.92 -20.32
CA ALA B 385 -11.28 4.17 -20.53
C ALA B 385 -12.21 3.00 -20.13
N CYS B 386 -11.64 1.95 -19.57
CA CYS B 386 -12.42 0.93 -18.91
C CYS B 386 -12.27 1.11 -17.40
N ALA B 387 -11.54 2.15 -17.02
CA ALA B 387 -11.25 2.42 -15.62
C ALA B 387 -10.74 1.17 -14.92
N SER B 388 -9.96 0.39 -15.67
CA SER B 388 -9.44 -0.88 -15.19
C SER B 388 -10.55 -1.63 -14.49
N TRP B 389 -11.52 -2.05 -15.29
CA TRP B 389 -12.72 -2.71 -14.79
C TRP B 389 -13.44 -1.87 -13.73
N TRP B 390 -13.64 -0.58 -14.04
CA TRP B 390 -14.53 0.26 -13.25
C TRP B 390 -14.08 0.48 -11.81
N THR B 391 -12.76 0.45 -11.61
CA THR B 391 -12.20 0.71 -10.30
C THR B 391 -11.68 2.13 -10.23
N GLN B 392 -11.42 2.72 -11.40
CA GLN B 392 -10.57 3.91 -11.48
C GLN B 392 -11.26 5.24 -11.15
N GLY B 393 -10.45 6.15 -10.59
CA GLY B 393 -10.91 7.48 -10.22
C GLY B 393 -9.87 8.57 -10.07
N PRO B 394 -8.64 8.22 -9.65
CA PRO B 394 -7.75 9.27 -9.13
C PRO B 394 -7.10 10.17 -10.20
N ASP B 395 -7.09 11.47 -9.94
CA ASP B 395 -6.17 12.40 -10.57
C ASP B 395 -4.74 11.87 -10.48
N PRO B 396 -3.89 12.34 -11.39
CA PRO B 396 -2.45 12.30 -11.12
C PRO B 396 -2.16 12.79 -9.70
N THR B 397 -2.77 13.94 -9.38
CA THR B 397 -2.61 14.62 -8.09
C THR B 397 -3.09 13.74 -6.94
N PHE B 398 -4.31 13.26 -7.05
CA PHE B 398 -4.85 12.41 -6.01
C PHE B 398 -3.97 11.15 -5.87
N GLN B 399 -3.57 10.57 -7.01
CA GLN B 399 -2.79 9.33 -6.99
C GLN B 399 -1.55 9.48 -6.10
N ALA B 400 -0.87 10.60 -6.26
CA ALA B 400 0.35 10.89 -5.51
C ALA B 400 0.01 10.95 -4.02
N GLU B 401 -1.10 11.59 -3.71
CA GLU B 401 -1.49 11.80 -2.34
C GLU B 401 -1.81 10.44 -1.74
N LEU B 402 -2.60 9.65 -2.47
CA LEU B 402 -2.98 8.31 -2.03
C LEU B 402 -1.77 7.47 -1.73
N ALA B 403 -0.77 7.55 -2.61
CA ALA B 403 0.45 6.75 -2.46
C ALA B 403 1.03 7.02 -1.07
N ARG B 404 1.21 8.30 -0.76
CA ARG B 404 1.77 8.67 0.53
C ARG B 404 0.92 8.07 1.65
N GLU B 405 -0.39 8.16 1.52
CA GLU B 405 -1.25 7.73 2.60
C GLU B 405 -1.05 6.23 2.79
N MET B 406 -0.82 5.54 1.69
CA MET B 406 -0.72 4.10 1.74
C MET B 406 0.57 3.67 2.42
N GLY B 407 1.72 4.17 1.94
CA GLY B 407 3.00 3.97 2.60
C GLY B 407 2.97 4.21 4.12
N TYR B 408 2.32 5.29 4.51
CA TYR B 408 2.19 5.64 5.91
C TYR B 408 1.40 4.59 6.67
N THR B 409 0.38 4.10 6.00
CA THR B 409 -0.51 3.11 6.57
C THR B 409 0.21 1.77 6.64
N ALA B 410 0.85 1.36 5.54
CA ALA B 410 1.69 0.16 5.55
C ALA B 410 2.68 0.23 6.71
N ALA B 411 3.29 1.40 6.89
CA ALA B 411 4.29 1.57 7.92
C ALA B 411 3.72 1.60 9.35
N ARG B 412 2.53 2.19 9.49
CA ARG B 412 1.93 2.29 10.81
C ARG B 412 1.25 0.99 11.29
N PHE B 413 0.57 0.32 10.36
CA PHE B 413 -0.26 -0.81 10.69
C PHE B 413 0.08 -2.08 9.93
N GLY B 414 0.62 -1.93 8.72
CA GLY B 414 0.61 -3.02 7.76
C GLY B 414 -0.78 -3.65 7.78
N HIS B 415 -0.87 -4.82 8.38
CA HIS B 415 -2.17 -5.45 8.58
C HIS B 415 -2.36 -5.94 10.00
N VAL B 416 -3.50 -5.57 10.61
CA VAL B 416 -3.75 -5.94 12.00
C VAL B 416 -5.13 -6.53 12.21
N MET B 417 -5.16 -7.59 13.01
CA MET B 417 -6.35 -8.41 13.33
C MET B 417 -7.62 -7.60 13.51
N PHE B 418 -8.67 -7.92 12.75
CA PHE B 418 -9.91 -7.13 12.83
C PHE B 418 -10.90 -7.52 13.93
N PRO B 419 -11.43 -8.76 13.89
CA PRO B 419 -12.46 -9.18 14.84
C PRO B 419 -12.18 -8.79 16.31
N GLU B 420 -13.12 -8.05 16.90
CA GLU B 420 -13.10 -7.68 18.30
C GLU B 420 -12.08 -6.60 18.60
N ASN B 421 -11.45 -6.11 17.54
CA ASN B 421 -10.44 -5.05 17.65
C ASN B 421 -10.83 -3.78 16.88
N VAL B 422 -10.25 -2.65 17.27
CA VAL B 422 -10.49 -1.42 16.55
C VAL B 422 -9.16 -0.72 16.29
N TYR B 423 -9.03 -0.11 15.11
CA TYR B 423 -7.88 0.73 14.77
C TYR B 423 -8.34 1.81 13.80
N GLU B 424 -7.62 2.93 13.77
CA GLU B 424 -8.13 4.13 13.15
C GLU B 424 -8.64 4.00 11.68
N PRO B 425 -7.82 3.49 10.76
CA PRO B 425 -8.27 3.60 9.36
C PRO B 425 -9.61 2.88 9.15
N ALA B 426 -9.81 1.80 9.90
CA ALA B 426 -11.01 1.01 9.82
C ALA B 426 -12.19 1.75 10.47
N LEU B 427 -12.02 2.18 11.72
CA LEU B 427 -13.06 2.93 12.42
C LEU B 427 -13.46 4.14 11.62
N LYS B 428 -12.48 4.86 11.10
CA LYS B 428 -12.75 6.04 10.28
C LYS B 428 -13.55 5.67 9.03
N CYS B 429 -13.08 4.66 8.29
CA CYS B 429 -13.74 4.25 7.07
C CYS B 429 -15.22 3.96 7.33
N ALA B 430 -15.49 3.22 8.40
CA ALA B 430 -16.84 2.84 8.79
C ALA B 430 -17.73 4.05 9.06
N GLU B 431 -17.19 4.99 9.82
CA GLU B 431 -17.88 6.24 10.08
C GLU B 431 -18.27 6.98 8.80
N LEU B 432 -17.31 7.11 7.89
CA LEU B 432 -17.53 7.84 6.65
C LEU B 432 -18.58 7.12 5.81
N LEU B 433 -18.56 5.80 5.87
CA LEU B 433 -19.52 4.98 5.14
C LEU B 433 -20.96 5.18 5.63
N LEU B 434 -21.16 5.06 6.95
CA LEU B 434 -22.48 5.29 7.55
C LEU B 434 -23.02 6.72 7.44
N ASP B 435 -22.15 7.72 7.50
CA ASP B 435 -22.63 9.09 7.46
C ASP B 435 -22.87 9.54 6.04
N GLY B 436 -22.51 8.70 5.08
CA GLY B 436 -22.59 9.06 3.67
C GLY B 436 -23.41 8.07 2.88
N VAL B 437 -22.74 7.12 2.27
CA VAL B 437 -23.41 6.18 1.37
C VAL B 437 -24.49 5.37 2.07
N GLY B 438 -24.40 5.27 3.38
CA GLY B 438 -25.37 4.52 4.17
C GLY B 438 -26.16 5.43 5.08
N LYS B 439 -26.28 6.68 4.67
CA LYS B 439 -26.89 7.70 5.51
C LYS B 439 -28.33 7.35 5.81
N GLY B 440 -28.67 7.38 7.09
CA GLY B 440 -30.04 7.19 7.54
C GLY B 440 -30.67 5.90 7.09
N TRP B 441 -30.00 4.79 7.40
CA TRP B 441 -30.59 3.47 7.18
C TRP B 441 -29.64 2.40 7.67
N ALA B 442 -28.35 2.62 7.37
CA ALA B 442 -27.30 1.68 7.75
C ALA B 442 -26.83 1.86 9.20
N SER B 443 -26.64 0.75 9.92
CA SER B 443 -26.06 0.85 11.27
C SER B 443 -24.80 0.03 11.46
N ARG B 444 -24.53 -0.88 10.53
CA ARG B 444 -23.35 -1.74 10.65
C ARG B 444 -22.53 -1.79 9.36
N VAL B 445 -21.21 -1.95 9.53
CA VAL B 445 -20.33 -2.09 8.38
C VAL B 445 -19.58 -3.40 8.54
N TYR B 446 -19.61 -4.21 7.49
CA TYR B 446 -18.98 -5.54 7.47
C TYR B 446 -17.98 -5.57 6.32
N PHE B 447 -16.72 -5.82 6.66
CA PHE B 447 -15.64 -5.71 5.67
C PHE B 447 -15.38 -7.06 4.98
N SER B 448 -15.13 -7.00 3.68
CA SER B 448 -14.66 -8.15 2.94
C SER B 448 -13.66 -7.61 1.93
N ASP B 449 -13.21 -8.45 1.00
CA ASP B 449 -12.10 -8.08 0.16
C ASP B 449 -12.52 -7.53 -1.20
N ASN B 450 -13.70 -7.94 -1.67
CA ASN B 450 -14.18 -7.47 -2.97
C ASN B 450 -15.68 -7.52 -3.12
N GLY B 451 -16.17 -7.27 -4.32
CA GLY B 451 -17.61 -7.27 -4.58
C GLY B 451 -18.23 -8.62 -4.29
N SER B 452 -17.69 -9.65 -4.93
CA SER B 452 -18.15 -11.02 -4.75
C SER B 452 -18.27 -11.37 -3.28
N THR B 453 -17.19 -11.20 -2.52
CA THR B 453 -17.25 -11.49 -1.09
C THR B 453 -18.29 -10.63 -0.38
N ALA B 454 -18.46 -9.43 -0.91
CA ALA B 454 -19.40 -8.50 -0.31
C ALA B 454 -20.78 -9.07 -0.50
N ILE B 455 -21.14 -9.29 -1.77
CA ILE B 455 -22.41 -9.92 -2.16
C ILE B 455 -22.73 -11.20 -1.38
N GLU B 456 -21.79 -12.15 -1.37
CA GLU B 456 -21.97 -13.41 -0.65
C GLU B 456 -22.40 -13.20 0.80
N ILE B 457 -21.74 -12.27 1.46
CA ILE B 457 -22.09 -11.88 2.82
C ILE B 457 -23.51 -11.28 2.92
N ALA B 458 -23.87 -10.48 1.94
CA ALA B 458 -25.22 -9.92 1.87
C ALA B 458 -26.27 -11.01 1.87
N LEU B 459 -26.07 -12.04 1.04
CA LEU B 459 -27.00 -13.18 0.96
C LEU B 459 -27.13 -13.89 2.32
N LYS B 460 -26.01 -14.31 2.92
CA LYS B 460 -26.04 -14.87 4.27
C LYS B 460 -26.85 -13.96 5.20
N MET B 461 -26.62 -12.66 5.06
CA MET B 461 -27.27 -11.64 5.89
C MET B 461 -28.77 -11.58 5.65
N ALA B 462 -29.15 -11.40 4.38
CA ALA B 462 -30.53 -11.28 3.98
C ALA B 462 -31.35 -12.47 4.48
N PHE B 463 -30.88 -13.66 4.15
CA PHE B 463 -31.57 -14.90 4.51
C PHE B 463 -31.84 -15.07 6.00
N ARG B 464 -30.87 -14.76 6.85
CA ARG B 464 -31.11 -14.82 8.29
C ARG B 464 -32.21 -13.83 8.71
N LYS B 465 -32.10 -12.58 8.28
CA LYS B 465 -33.16 -11.61 8.53
C LYS B 465 -34.51 -12.24 8.16
N PHE B 466 -34.60 -12.76 6.93
CA PHE B 466 -35.77 -13.50 6.48
C PHE B 466 -36.13 -14.71 7.37
N CYS B 467 -35.27 -15.72 7.40
CA CYS B 467 -35.50 -16.91 8.22
C CYS B 467 -35.52 -16.64 9.73
N VAL B 468 -36.01 -15.45 10.09
CA VAL B 468 -36.20 -15.02 11.47
C VAL B 468 -37.45 -14.15 11.49
N ASP B 469 -37.67 -13.48 10.36
CA ASP B 469 -38.93 -12.81 10.11
C ASP B 469 -40.08 -13.81 9.91
N HIS B 470 -39.73 -15.02 9.46
CA HIS B 470 -40.72 -16.05 9.16
C HIS B 470 -40.31 -17.37 9.79
N ASN B 471 -39.34 -17.29 10.71
CA ASN B 471 -38.80 -18.44 11.42
C ASN B 471 -38.73 -19.75 10.63
N PHE B 472 -37.57 -20.00 10.04
CA PHE B 472 -37.28 -21.26 9.36
C PHE B 472 -35.91 -21.72 9.82
N ILE B 482 -36.71 -24.67 5.40
CA ILE B 482 -37.39 -24.54 4.11
C ILE B 482 -36.37 -24.55 2.99
N VAL B 483 -36.69 -23.87 1.88
CA VAL B 483 -35.78 -23.64 0.76
C VAL B 483 -35.94 -22.21 0.24
N VAL B 484 -34.81 -21.51 0.06
CA VAL B 484 -34.83 -20.10 -0.35
C VAL B 484 -34.20 -19.84 -1.70
N LYS B 485 -34.63 -18.73 -2.29
CA LYS B 485 -34.13 -18.30 -3.58
C LYS B 485 -34.26 -16.79 -3.62
N VAL B 486 -33.51 -16.18 -4.51
CA VAL B 486 -33.48 -14.73 -4.57
C VAL B 486 -34.53 -14.32 -5.56
N ILE B 487 -34.93 -13.05 -5.50
CA ILE B 487 -35.53 -12.46 -6.69
C ILE B 487 -34.59 -11.39 -7.20
N ALA B 488 -34.28 -11.46 -8.50
CA ALA B 488 -33.35 -10.52 -9.12
C ALA B 488 -33.79 -10.24 -10.55
N LEU B 489 -33.16 -9.27 -11.20
CA LEU B 489 -33.51 -8.93 -12.58
C LEU B 489 -32.53 -9.54 -13.59
N ARG B 490 -33.06 -10.25 -14.58
CA ARG B 490 -32.23 -10.84 -15.61
C ARG B 490 -31.22 -9.80 -16.12
N GLY B 491 -29.97 -10.22 -16.28
CA GLY B 491 -28.91 -9.35 -16.78
C GLY B 491 -28.10 -8.72 -15.66
N SER B 492 -28.66 -8.72 -14.46
CA SER B 492 -27.93 -8.22 -13.31
C SER B 492 -26.79 -9.20 -12.96
N TYR B 493 -25.81 -8.68 -12.25
CA TYR B 493 -24.59 -9.42 -12.08
C TYR B 493 -24.06 -9.09 -10.71
N HIS B 494 -23.33 -10.02 -10.08
CA HIS B 494 -22.91 -9.80 -8.69
C HIS B 494 -21.64 -10.51 -8.24
N GLY B 495 -20.72 -10.76 -9.16
CA GLY B 495 -19.50 -11.44 -8.77
C GLY B 495 -19.44 -12.90 -9.19
N ASP B 496 -18.24 -13.45 -9.16
CA ASP B 496 -17.97 -14.74 -9.77
C ASP B 496 -17.80 -15.92 -8.80
N THR B 497 -17.78 -15.64 -7.50
CA THR B 497 -17.91 -16.72 -6.52
C THR B 497 -19.29 -17.36 -6.56
N LEU B 498 -19.34 -18.68 -6.39
CA LEU B 498 -20.57 -19.47 -6.61
C LEU B 498 -21.84 -18.88 -6.01
N GLY B 499 -21.78 -18.44 -4.74
CA GLY B 499 -22.88 -17.72 -4.12
C GLY B 499 -23.30 -16.43 -4.84
N ALA B 500 -22.34 -15.59 -5.15
CA ALA B 500 -22.63 -14.38 -5.92
C ALA B 500 -23.09 -14.77 -7.32
N MET B 501 -22.80 -16.00 -7.69
CA MET B 501 -23.14 -16.47 -9.01
C MET B 501 -24.60 -16.91 -9.06
N GLU B 502 -25.05 -17.58 -8.01
CA GLU B 502 -26.41 -18.07 -7.93
C GLU B 502 -27.47 -16.97 -8.08
N ALA B 503 -27.25 -15.81 -7.47
CA ALA B 503 -28.20 -14.71 -7.60
C ALA B 503 -28.20 -14.09 -9.00
N GLN B 504 -27.40 -14.68 -9.87
CA GLN B 504 -27.36 -14.25 -11.26
C GLN B 504 -28.20 -15.20 -12.10
N ALA B 505 -28.99 -14.65 -13.01
CA ALA B 505 -29.73 -15.51 -13.92
C ALA B 505 -28.79 -15.89 -15.06
N PRO B 506 -29.03 -17.06 -15.67
CA PRO B 506 -28.26 -17.56 -16.81
C PRO B 506 -27.76 -16.44 -17.69
N SER B 507 -26.50 -16.52 -18.06
CA SER B 507 -25.87 -15.50 -18.87
C SER B 507 -24.55 -16.03 -19.41
N PRO B 508 -23.91 -15.29 -20.31
CA PRO B 508 -22.55 -15.65 -20.75
C PRO B 508 -21.68 -16.02 -19.54
N TYR B 509 -21.99 -15.43 -18.38
CA TYR B 509 -21.15 -15.50 -17.20
C TYR B 509 -21.37 -16.76 -16.37
N THR B 510 -22.55 -17.34 -16.53
CA THR B 510 -22.93 -18.51 -15.78
C THR B 510 -22.84 -19.72 -16.66
N GLY B 511 -23.33 -20.86 -16.15
CA GLY B 511 -23.44 -22.06 -16.94
C GLY B 511 -22.95 -23.32 -16.26
N PHE B 512 -22.41 -24.23 -17.06
CA PHE B 512 -21.82 -25.45 -16.56
C PHE B 512 -20.34 -25.40 -16.89
N LEU B 513 -20.03 -24.71 -18.00
CA LEU B 513 -18.68 -24.50 -18.45
C LEU B 513 -17.95 -23.56 -17.48
N GLN B 514 -18.75 -22.79 -16.76
CA GLN B 514 -18.24 -21.80 -15.82
C GLN B 514 -18.31 -22.29 -14.38
N GLN B 515 -19.10 -23.34 -14.18
CA GLN B 515 -19.30 -23.94 -12.87
C GLN B 515 -20.52 -24.88 -12.89
N PRO B 516 -20.26 -26.19 -12.78
CA PRO B 516 -21.36 -27.13 -12.63
C PRO B 516 -22.38 -26.68 -11.58
N TRP B 517 -21.93 -26.27 -10.41
CA TRP B 517 -22.86 -26.04 -9.30
C TRP B 517 -23.83 -24.88 -9.44
N TYR B 518 -23.67 -24.08 -10.49
CA TYR B 518 -24.63 -23.03 -10.77
C TYR B 518 -25.98 -23.65 -11.04
N THR B 519 -27.05 -22.98 -10.60
CA THR B 519 -28.44 -23.30 -10.94
C THR B 519 -29.30 -22.02 -10.87
N GLY B 520 -28.65 -20.90 -10.60
CA GLY B 520 -29.37 -19.69 -10.27
C GLY B 520 -30.48 -19.99 -9.28
N ARG B 521 -30.11 -20.12 -8.00
CA ARG B 521 -31.11 -20.31 -6.95
C ARG B 521 -31.99 -19.03 -6.76
N GLY B 522 -32.68 -18.60 -7.83
CA GLY B 522 -33.57 -17.43 -7.78
C GLY B 522 -34.73 -17.34 -8.79
N LEU B 523 -35.58 -16.30 -8.62
CA LEU B 523 -36.69 -15.96 -9.53
C LEU B 523 -36.38 -14.69 -10.35
N PHE B 524 -36.00 -14.88 -11.62
CA PHE B 524 -35.44 -13.80 -12.46
C PHE B 524 -36.42 -13.12 -13.43
N LEU B 525 -36.66 -11.82 -13.23
CA LEU B 525 -37.61 -11.06 -14.03
C LEU B 525 -36.92 -10.22 -15.11
N ASP B 526 -37.58 -10.07 -16.25
CA ASP B 526 -37.02 -9.23 -17.32
C ASP B 526 -37.39 -7.79 -17.11
N PRO B 527 -36.37 -6.94 -16.96
CA PRO B 527 -36.60 -5.55 -16.56
C PRO B 527 -36.73 -4.61 -17.74
N PRO B 528 -37.63 -3.65 -17.61
CA PRO B 528 -37.69 -2.54 -18.58
C PRO B 528 -36.36 -1.82 -18.53
N THR B 529 -35.88 -1.34 -19.66
CA THR B 529 -34.67 -0.56 -19.62
C THR B 529 -34.96 0.86 -20.09
N VAL B 530 -33.91 1.68 -20.13
CA VAL B 530 -34.02 3.05 -20.60
C VAL B 530 -32.75 3.36 -21.38
N PHE B 531 -32.85 4.28 -22.34
CA PHE B 531 -31.69 4.59 -23.17
C PHE B 531 -31.91 5.82 -24.02
N LEU B 532 -30.81 6.38 -24.53
CA LEU B 532 -30.86 7.56 -25.38
C LEU B 532 -30.75 7.17 -26.85
N SER B 533 -31.72 7.63 -27.64
CA SER B 533 -31.69 7.40 -29.07
C SER B 533 -32.12 8.64 -29.85
N ASN B 534 -31.57 8.77 -31.05
CA ASN B 534 -31.75 9.95 -31.91
C ASN B 534 -32.25 11.22 -31.21
N GLY B 535 -31.65 11.53 -30.05
CA GLY B 535 -31.88 12.79 -29.37
C GLY B 535 -33.06 12.78 -28.41
N SER B 536 -33.38 11.61 -27.87
CA SER B 536 -34.44 11.51 -26.86
C SER B 536 -34.41 10.20 -26.08
N TRP B 537 -34.77 10.28 -24.81
CA TRP B 537 -34.76 9.14 -23.93
C TRP B 537 -35.97 8.25 -24.14
N ASN B 538 -35.70 6.98 -24.41
CA ASN B 538 -36.78 6.01 -24.65
C ASN B 538 -36.89 4.95 -23.55
N ILE B 539 -37.66 3.91 -23.84
CA ILE B 539 -37.88 2.81 -22.91
C ILE B 539 -38.16 1.47 -23.60
N SER B 540 -37.67 0.39 -23.02
CA SER B 540 -37.96 -0.95 -23.49
C SER B 540 -38.38 -1.82 -22.33
N LEU B 541 -39.56 -2.43 -22.47
CA LEU B 541 -40.18 -3.27 -21.46
C LEU B 541 -40.58 -4.60 -22.09
N PRO B 542 -40.80 -5.63 -21.26
CA PRO B 542 -41.43 -6.89 -21.71
C PRO B 542 -42.86 -7.12 -21.17
N THR B 554 -41.32 7.35 -25.04
CA THR B 554 -40.42 8.51 -25.07
C THR B 554 -40.47 9.36 -23.79
N PHE B 555 -39.31 9.91 -23.42
CA PHE B 555 -39.17 10.76 -22.25
C PHE B 555 -38.63 12.12 -22.65
N THR B 556 -39.11 13.15 -21.96
CA THR B 556 -38.71 14.52 -22.23
C THR B 556 -37.20 14.71 -22.01
N SER B 557 -36.78 14.63 -20.75
CA SER B 557 -35.37 14.71 -20.41
C SER B 557 -35.02 13.49 -19.59
N ARG B 558 -33.73 13.27 -19.35
CA ARG B 558 -33.30 12.13 -18.55
C ARG B 558 -33.89 12.17 -17.14
N ASP B 559 -34.09 13.38 -16.61
CA ASP B 559 -34.56 13.55 -15.24
C ASP B 559 -36.03 13.20 -15.05
N GLU B 560 -36.83 13.46 -16.08
CA GLU B 560 -38.21 13.01 -16.05
C GLU B 560 -38.23 11.53 -15.70
N ILE B 561 -37.07 10.89 -15.62
CA ILE B 561 -37.00 9.44 -15.40
C ILE B 561 -36.80 9.02 -13.95
N PHE B 562 -35.86 9.65 -13.26
CA PHE B 562 -35.67 9.35 -11.86
C PHE B 562 -36.51 10.31 -11.05
N ASP B 563 -37.29 11.10 -11.76
CA ASP B 563 -38.25 11.96 -11.12
C ASP B 563 -39.27 11.07 -10.44
N LYS B 564 -39.71 11.49 -9.25
CA LYS B 564 -40.58 10.68 -8.40
C LYS B 564 -42.04 11.11 -8.53
N SER B 565 -42.28 12.04 -9.45
CA SER B 565 -43.65 12.34 -9.88
C SER B 565 -44.16 11.14 -10.67
N ARG B 566 -43.24 10.45 -11.35
CA ARG B 566 -43.56 9.18 -12.02
C ARG B 566 -43.99 8.08 -11.04
N ASP B 567 -43.95 8.38 -9.74
CA ASP B 567 -44.46 7.46 -8.72
C ASP B 567 -45.98 7.31 -8.85
N ALA B 568 -46.61 8.33 -9.42
CA ALA B 568 -48.05 8.36 -9.61
C ALA B 568 -48.47 8.18 -11.09
N SER B 569 -47.58 7.58 -11.88
CA SER B 569 -47.84 7.39 -13.31
C SER B 569 -48.62 6.11 -13.59
N THR B 570 -48.97 5.92 -14.86
CA THR B 570 -49.62 4.70 -15.29
C THR B 570 -48.72 3.49 -14.98
N LEU B 571 -47.44 3.64 -15.31
CA LEU B 571 -46.49 2.56 -15.19
C LEU B 571 -46.23 2.06 -13.76
N ALA B 572 -46.27 2.94 -12.78
CA ALA B 572 -46.11 2.56 -11.37
C ALA B 572 -47.14 1.52 -10.94
N ARG B 573 -48.38 1.69 -11.36
CA ARG B 573 -49.41 0.74 -10.99
C ARG B 573 -49.31 -0.54 -11.86
N ILE B 574 -48.92 -0.38 -13.13
CA ILE B 574 -48.71 -1.52 -14.02
C ILE B 574 -47.57 -2.40 -13.49
N TYR B 575 -46.47 -1.74 -13.14
CA TYR B 575 -45.31 -2.39 -12.52
C TYR B 575 -45.75 -3.08 -11.26
N SER B 576 -46.36 -2.31 -10.37
CA SER B 576 -46.87 -2.83 -9.11
C SER B 576 -47.65 -4.13 -9.33
N ALA B 577 -48.40 -4.18 -10.41
CA ALA B 577 -49.24 -5.33 -10.70
C ALA B 577 -48.44 -6.54 -11.20
N TYR B 578 -47.54 -6.31 -12.15
CA TYR B 578 -46.73 -7.40 -12.73
C TYR B 578 -45.91 -8.08 -11.64
N LEU B 579 -45.51 -7.27 -10.66
CA LEU B 579 -44.70 -7.73 -9.54
C LEU B 579 -45.55 -8.52 -8.57
N SER B 580 -46.48 -7.81 -7.93
CA SER B 580 -47.40 -8.41 -6.97
C SER B 580 -47.86 -9.82 -7.40
N LYS B 581 -48.06 -10.00 -8.71
CA LYS B 581 -48.42 -11.31 -9.25
C LYS B 581 -47.35 -12.38 -8.95
N HIS B 582 -46.14 -12.18 -9.48
CA HIS B 582 -45.07 -13.16 -9.31
C HIS B 582 -44.66 -13.33 -7.84
N LEU B 583 -44.83 -12.26 -7.07
CA LEU B 583 -44.51 -12.26 -5.63
C LEU B 583 -45.25 -13.37 -4.87
N GLN B 584 -46.35 -12.99 -4.22
CA GLN B 584 -47.21 -13.94 -3.52
C GLN B 584 -47.94 -14.89 -4.49
N ALA B 593 -39.86 -23.45 -2.96
CA ALA B 593 -39.51 -22.39 -3.89
C ALA B 593 -39.82 -20.99 -3.30
N HIS B 594 -39.20 -20.67 -2.17
CA HIS B 594 -39.48 -19.45 -1.40
C HIS B 594 -38.56 -18.23 -1.69
N VAL B 595 -39.12 -17.05 -1.85
CA VAL B 595 -38.30 -15.87 -2.14
C VAL B 595 -37.69 -15.26 -0.88
N GLY B 596 -36.37 -15.35 -0.79
CA GLY B 596 -35.64 -15.00 0.42
C GLY B 596 -35.05 -13.59 0.49
N ALA B 597 -34.72 -13.05 -0.68
CA ALA B 597 -34.09 -11.75 -0.73
C ALA B 597 -34.20 -11.12 -2.12
N LEU B 598 -34.30 -9.78 -2.10
CA LEU B 598 -34.26 -8.99 -3.31
C LEU B 598 -32.83 -8.51 -3.50
N ILE B 599 -32.33 -8.54 -4.73
CA ILE B 599 -30.99 -8.06 -5.02
C ILE B 599 -30.93 -7.43 -6.39
N ILE B 600 -30.45 -6.20 -6.46
CA ILE B 600 -30.41 -5.48 -7.72
C ILE B 600 -29.10 -4.74 -7.94
N GLU B 601 -28.75 -4.52 -9.21
CA GLU B 601 -27.77 -3.51 -9.55
C GLU B 601 -28.54 -2.21 -9.77
N PRO B 602 -28.67 -1.37 -8.73
CA PRO B 602 -29.42 -0.11 -8.88
C PRO B 602 -29.01 0.66 -10.14
N VAL B 603 -30.00 1.28 -10.78
CA VAL B 603 -29.82 2.11 -11.97
C VAL B 603 -29.17 1.43 -13.20
N ILE B 604 -28.02 0.78 -13.02
CA ILE B 604 -27.34 0.27 -14.17
C ILE B 604 -27.04 -1.20 -14.01
N HIS B 605 -27.25 -1.94 -15.09
CA HIS B 605 -26.74 -3.30 -15.19
C HIS B 605 -25.34 -3.23 -15.81
N GLY B 606 -24.33 -3.47 -14.98
CA GLY B 606 -22.96 -3.33 -15.41
C GLY B 606 -22.50 -4.42 -16.34
N ALA B 607 -22.03 -5.53 -15.77
CA ALA B 607 -21.59 -6.69 -16.55
C ALA B 607 -22.66 -7.10 -17.57
N GLY B 608 -23.91 -6.73 -17.28
CA GLY B 608 -25.02 -7.04 -18.16
C GLY B 608 -24.92 -6.39 -19.53
N GLY B 609 -24.17 -5.29 -19.62
CA GLY B 609 -23.99 -4.59 -20.86
C GLY B 609 -24.43 -3.15 -20.74
N MET B 610 -24.20 -2.56 -19.58
CA MET B 610 -24.46 -1.14 -19.37
C MET B 610 -25.90 -0.75 -19.70
N HIS B 611 -26.84 -1.60 -19.27
CA HIS B 611 -28.26 -1.28 -19.43
C HIS B 611 -28.72 -0.43 -18.27
N MET B 612 -29.36 0.69 -18.57
CA MET B 612 -29.99 1.44 -17.50
C MET B 612 -31.35 0.81 -17.28
N VAL B 613 -31.56 0.26 -16.08
CA VAL B 613 -32.87 -0.24 -15.67
C VAL B 613 -33.80 0.91 -15.32
N ASP B 614 -35.07 0.81 -15.69
CA ASP B 614 -36.03 1.83 -15.28
C ASP B 614 -36.03 1.96 -13.75
N PRO B 615 -35.65 3.14 -13.25
CA PRO B 615 -35.59 3.39 -11.80
C PRO B 615 -36.92 3.16 -11.09
N LEU B 616 -37.99 3.57 -11.75
CA LEU B 616 -39.34 3.43 -11.21
C LEU B 616 -39.65 1.95 -11.00
N PHE B 617 -39.33 1.15 -12.00
CA PHE B 617 -39.51 -0.29 -11.87
C PHE B 617 -38.87 -0.79 -10.58
N GLN B 618 -37.61 -0.43 -10.38
CA GLN B 618 -36.84 -0.91 -9.24
C GLN B 618 -37.38 -0.39 -7.91
N ARG B 619 -37.70 0.92 -7.89
CA ARG B 619 -38.31 1.59 -6.74
C ARG B 619 -39.53 0.82 -6.30
N VAL B 620 -40.39 0.51 -7.29
CA VAL B 620 -41.62 -0.20 -7.00
C VAL B 620 -41.25 -1.55 -6.42
N LEU B 621 -40.45 -2.30 -7.18
CA LEU B 621 -40.05 -3.64 -6.77
C LEU B 621 -39.51 -3.66 -5.33
N VAL B 622 -38.78 -2.62 -4.94
CA VAL B 622 -38.25 -2.52 -3.58
C VAL B 622 -39.39 -2.45 -2.58
N ASN B 623 -40.32 -1.53 -2.82
CA ASN B 623 -41.50 -1.39 -1.97
C ASN B 623 -42.24 -2.73 -1.87
N GLU B 624 -42.50 -3.33 -3.02
CA GLU B 624 -43.14 -4.65 -3.09
C GLU B 624 -42.50 -5.66 -2.15
N CYS B 625 -41.18 -5.78 -2.20
CA CYS B 625 -40.54 -6.75 -1.35
C CYS B 625 -40.55 -6.24 0.09
N ARG B 626 -40.34 -4.93 0.26
CA ARG B 626 -40.29 -4.43 1.62
C ARG B 626 -41.63 -4.65 2.28
N ASN B 627 -42.71 -4.43 1.53
CA ASN B 627 -44.03 -4.69 2.07
C ASN B 627 -44.25 -6.15 2.45
N ARG B 628 -43.51 -7.04 1.78
CA ARG B 628 -43.63 -8.47 2.01
C ARG B 628 -42.63 -8.99 3.05
N LYS B 629 -41.95 -8.06 3.73
CA LYS B 629 -40.91 -8.42 4.71
C LYS B 629 -39.76 -9.25 4.11
N ILE B 630 -39.49 -9.03 2.82
CA ILE B 630 -38.31 -9.54 2.14
C ILE B 630 -37.12 -8.56 2.20
N PRO B 631 -35.98 -9.02 2.75
CA PRO B 631 -34.78 -8.15 2.81
C PRO B 631 -34.35 -7.62 1.43
N VAL B 632 -34.08 -6.30 1.39
CA VAL B 632 -33.61 -5.62 0.18
C VAL B 632 -32.08 -5.38 0.11
N ILE B 633 -31.44 -6.01 -0.88
CA ILE B 633 -30.02 -5.88 -1.11
C ILE B 633 -29.75 -5.00 -2.33
N PHE B 634 -29.24 -3.79 -2.10
CA PHE B 634 -28.64 -2.99 -3.15
C PHE B 634 -27.21 -3.47 -3.35
N ASP B 635 -26.84 -3.75 -4.61
CA ASP B 635 -25.46 -4.07 -4.95
C ASP B 635 -24.84 -2.89 -5.67
N GLU B 636 -24.27 -1.97 -4.90
CA GLU B 636 -23.64 -0.77 -5.47
C GLU B 636 -22.13 -0.90 -5.67
N VAL B 637 -21.67 -2.13 -5.86
CA VAL B 637 -20.26 -2.35 -6.11
C VAL B 637 -19.87 -1.55 -7.34
N PHE B 638 -20.69 -1.59 -8.38
CA PHE B 638 -20.40 -0.75 -9.53
C PHE B 638 -20.89 0.71 -9.43
N THR B 639 -22.05 0.96 -8.83
CA THR B 639 -22.62 2.31 -8.86
C THR B 639 -22.05 3.21 -7.76
N GLY B 640 -21.74 2.62 -6.62
CA GLY B 640 -21.18 3.35 -5.50
C GLY B 640 -20.12 4.41 -5.83
N PHE B 641 -20.11 5.45 -4.99
CA PHE B 641 -19.01 6.41 -4.93
C PHE B 641 -18.66 7.11 -6.22
N TRP B 642 -19.69 7.71 -6.82
CA TRP B 642 -19.52 8.69 -7.88
C TRP B 642 -19.44 8.15 -9.30
N ARG B 643 -19.33 6.83 -9.44
CA ARG B 643 -19.38 6.24 -10.77
C ARG B 643 -20.54 6.89 -11.56
N LEU B 644 -21.71 6.96 -10.94
CA LEU B 644 -22.87 7.44 -11.64
C LEU B 644 -23.16 8.92 -11.41
N GLY B 645 -22.24 9.63 -10.76
CA GLY B 645 -22.42 11.04 -10.52
C GLY B 645 -23.03 11.28 -9.15
N VAL B 646 -23.31 10.21 -8.41
CA VAL B 646 -23.68 10.34 -7.00
C VAL B 646 -22.94 9.35 -6.12
N GLU B 647 -22.88 9.65 -4.82
CA GLU B 647 -22.14 8.82 -3.85
C GLU B 647 -22.86 7.47 -3.65
N THR B 648 -24.19 7.50 -3.57
CA THR B 648 -25.00 6.26 -3.67
C THR B 648 -26.14 6.45 -4.61
N THR B 649 -26.72 5.34 -5.08
CA THR B 649 -27.89 5.43 -5.91
C THR B 649 -29.17 5.49 -5.06
N THR B 650 -29.01 5.24 -3.77
CA THR B 650 -30.06 5.50 -2.80
C THR B 650 -30.72 6.85 -3.12
N GLU B 651 -29.94 7.73 -3.73
CA GLU B 651 -30.39 9.07 -4.08
C GLU B 651 -31.17 9.10 -5.40
N LEU B 652 -31.05 8.04 -6.19
CA LEU B 652 -31.71 8.00 -7.49
C LEU B 652 -32.92 7.08 -7.52
N LEU B 653 -32.99 6.15 -6.58
CA LEU B 653 -34.10 5.22 -6.53
C LEU B 653 -35.17 5.70 -5.57
N GLY B 654 -34.84 6.71 -4.78
CA GLY B 654 -35.77 7.21 -3.79
C GLY B 654 -35.95 6.25 -2.62
N CYS B 655 -35.73 4.97 -2.88
CA CYS B 655 -35.85 3.95 -1.83
C CYS B 655 -34.52 3.67 -1.14
N LYS B 656 -34.63 3.10 0.06
CA LYS B 656 -33.46 2.66 0.81
C LYS B 656 -33.46 1.12 0.89
N PRO B 657 -32.28 0.52 1.11
CA PRO B 657 -32.25 -0.95 1.25
C PRO B 657 -32.13 -1.40 2.69
N ASP B 658 -31.95 -2.71 2.88
CA ASP B 658 -31.63 -3.22 4.19
C ASP B 658 -30.18 -3.63 4.22
N ILE B 659 -29.66 -3.89 3.03
CA ILE B 659 -28.27 -4.33 2.86
C ILE B 659 -27.71 -3.78 1.57
N ALA B 660 -26.52 -3.19 1.65
CA ALA B 660 -25.86 -2.70 0.45
C ALA B 660 -24.38 -3.13 0.35
N CYS B 661 -23.91 -3.33 -0.88
CA CYS B 661 -22.55 -3.74 -1.14
C CYS B 661 -21.75 -2.68 -1.90
N PHE B 662 -20.53 -2.44 -1.43
CA PHE B 662 -19.64 -1.49 -2.08
C PHE B 662 -18.23 -2.04 -2.30
N ALA B 663 -17.64 -1.66 -3.43
CA ALA B 663 -16.25 -1.94 -3.68
C ALA B 663 -15.76 -1.12 -4.88
N LYS B 664 -14.97 -1.76 -5.74
CA LYS B 664 -14.38 -1.05 -6.87
C LYS B 664 -13.90 0.35 -6.46
N LEU B 665 -14.72 1.38 -6.64
CA LEU B 665 -14.32 2.77 -6.36
C LEU B 665 -14.24 3.12 -4.87
N LEU B 666 -14.58 2.17 -4.02
CA LEU B 666 -14.57 2.42 -2.60
C LEU B 666 -13.20 2.90 -2.19
N THR B 667 -12.19 2.34 -2.85
CA THR B 667 -10.79 2.53 -2.50
C THR B 667 -10.06 3.41 -3.52
N GLY B 668 -10.80 4.18 -4.29
CA GLY B 668 -10.18 5.10 -5.20
C GLY B 668 -9.39 4.39 -6.29
N GLY B 669 -9.59 3.09 -6.44
CA GLY B 669 -8.96 2.36 -7.52
C GLY B 669 -7.48 2.04 -7.30
N MET B 670 -7.12 1.83 -6.04
CA MET B 670 -5.73 1.66 -5.67
C MET B 670 -5.44 0.25 -5.19
N VAL B 671 -6.44 -0.34 -4.55
CA VAL B 671 -6.28 -1.59 -3.83
C VAL B 671 -7.68 -2.09 -3.58
N PRO B 672 -7.84 -3.41 -3.41
CA PRO B 672 -9.19 -3.95 -3.20
C PRO B 672 -9.58 -3.95 -1.73
N LEU B 673 -10.81 -3.49 -1.51
CA LEU B 673 -11.51 -3.56 -0.23
C LEU B 673 -12.98 -3.54 -0.61
N ALA B 674 -13.81 -4.08 0.26
CA ALA B 674 -15.24 -4.09 -0.01
C ALA B 674 -16.02 -4.10 1.27
N VAL B 675 -17.25 -3.64 1.16
CA VAL B 675 -17.99 -3.34 2.34
C VAL B 675 -19.48 -3.67 2.13
N THR B 676 -20.10 -4.16 3.19
CA THR B 676 -21.49 -4.56 3.14
C THR B 676 -22.21 -3.90 4.32
N LEU B 677 -23.05 -2.90 4.04
CA LEU B 677 -23.77 -2.22 5.11
C LEU B 677 -25.10 -2.88 5.46
N ALA B 678 -25.45 -2.77 6.73
CA ALA B 678 -26.61 -3.45 7.28
C ALA B 678 -27.51 -2.55 8.17
N THR B 679 -28.73 -3.00 8.35
CA THR B 679 -29.72 -2.33 9.17
C THR B 679 -29.48 -2.77 10.60
N ASP B 680 -29.89 -1.96 11.57
CA ASP B 680 -29.87 -2.39 12.96
C ASP B 680 -30.57 -3.75 13.11
N ALA B 681 -31.52 -3.99 12.22
CA ALA B 681 -32.34 -5.20 12.31
C ALA B 681 -31.61 -6.39 11.71
N VAL B 682 -31.14 -6.23 10.47
CA VAL B 682 -30.38 -7.30 9.83
C VAL B 682 -29.22 -7.75 10.74
N PHE B 683 -28.59 -6.78 11.38
CA PHE B 683 -27.54 -7.07 12.34
C PHE B 683 -28.11 -7.99 13.42
N ASP B 684 -29.15 -7.50 14.10
CA ASP B 684 -29.72 -8.19 15.25
C ASP B 684 -30.08 -9.65 15.00
N SER B 685 -30.43 -9.99 13.77
CA SER B 685 -30.79 -11.36 13.42
C SER B 685 -29.65 -12.35 13.57
N PHE B 686 -28.54 -11.90 14.15
CA PHE B 686 -27.42 -12.79 14.42
C PHE B 686 -26.97 -12.67 15.87
N SER B 687 -27.79 -12.05 16.72
CA SER B 687 -27.40 -11.81 18.12
C SER B 687 -27.86 -12.92 19.06
N GLY B 688 -27.10 -14.01 19.07
CA GLY B 688 -27.42 -15.17 19.89
C GLY B 688 -26.48 -15.38 21.07
N ASP B 689 -26.39 -16.62 21.53
CA ASP B 689 -25.61 -16.93 22.71
C ASP B 689 -24.46 -17.84 22.37
N SER B 690 -24.59 -18.59 21.28
CA SER B 690 -23.46 -19.38 20.79
C SER B 690 -22.80 -18.62 19.67
N LYS B 691 -21.50 -18.81 19.58
CA LYS B 691 -20.75 -18.35 18.43
C LYS B 691 -21.36 -18.95 17.14
N LEU B 692 -21.89 -20.17 17.21
CA LEU B 692 -22.41 -20.85 16.03
C LEU B 692 -23.57 -20.04 15.40
N LYS B 693 -24.09 -19.10 16.20
CA LYS B 693 -25.21 -18.25 15.80
C LYS B 693 -24.76 -17.01 15.02
N ALA B 694 -23.55 -16.55 15.33
CA ALA B 694 -22.91 -15.42 14.65
C ALA B 694 -22.68 -15.71 13.18
N LEU B 695 -22.51 -14.67 12.38
CA LEU B 695 -22.22 -14.83 10.96
C LEU B 695 -20.77 -15.24 10.76
N LEU B 696 -20.54 -16.53 10.49
CA LEU B 696 -19.18 -17.07 10.38
C LEU B 696 -18.59 -16.95 8.97
N HIS B 697 -18.50 -15.70 8.51
CA HIS B 697 -17.87 -15.35 7.24
C HIS B 697 -16.82 -14.29 7.53
N GLY B 698 -15.66 -14.40 6.89
CA GLY B 698 -14.60 -13.48 7.16
C GLY B 698 -13.29 -13.96 6.63
N HIS B 699 -12.76 -13.21 5.69
CA HIS B 699 -11.45 -13.48 5.12
C HIS B 699 -10.30 -13.00 6.01
N SER B 700 -9.11 -13.52 5.73
CA SER B 700 -7.94 -13.27 6.54
C SER B 700 -7.65 -11.80 6.67
N TYR B 701 -7.69 -11.09 5.54
CA TYR B 701 -7.47 -9.63 5.48
C TYR B 701 -8.74 -8.79 5.65
N SER B 702 -9.52 -9.12 6.67
CA SER B 702 -10.78 -8.44 6.94
C SER B 702 -10.50 -7.03 7.41
N ALA B 703 -10.93 -6.05 6.64
CA ALA B 703 -10.75 -4.64 7.02
C ALA B 703 -9.29 -4.25 7.07
N HIS B 704 -8.51 -4.70 6.09
CA HIS B 704 -7.08 -4.49 6.13
C HIS B 704 -6.78 -3.00 6.18
N ALA B 705 -6.01 -2.58 7.18
CA ALA B 705 -5.79 -1.16 7.45
C ALA B 705 -5.49 -0.39 6.18
N MET B 706 -4.76 -1.02 5.27
CA MET B 706 -4.39 -0.33 4.04
C MET B 706 -5.63 0.12 3.28
N GLY B 707 -6.44 -0.85 2.86
CA GLY B 707 -7.63 -0.60 2.08
C GLY B 707 -8.57 0.35 2.78
N CYS B 708 -8.69 0.13 4.10
CA CYS B 708 -9.54 0.95 4.97
C CYS B 708 -9.11 2.42 4.95
N ALA B 709 -7.84 2.66 5.31
CA ALA B 709 -7.26 3.99 5.31
C ALA B 709 -7.40 4.63 3.94
N THR B 710 -7.14 3.84 2.90
CA THR B 710 -7.22 4.33 1.53
C THR B 710 -8.62 4.73 1.14
N ALA B 711 -9.57 3.84 1.43
CA ALA B 711 -10.96 4.10 1.12
C ALA B 711 -11.44 5.33 1.89
N ALA B 712 -11.07 5.41 3.16
CA ALA B 712 -11.48 6.55 3.98
C ALA B 712 -11.13 7.84 3.26
N LYS B 713 -9.90 7.90 2.73
CA LYS B 713 -9.39 9.08 2.06
C LYS B 713 -10.12 9.36 0.74
N ALA B 714 -10.40 8.30 -0.02
CA ALA B 714 -11.10 8.45 -1.31
C ALA B 714 -12.54 8.90 -1.09
N ILE B 715 -13.21 8.30 -0.12
CA ILE B 715 -14.56 8.74 0.21
C ILE B 715 -14.62 10.25 0.41
N GLN B 716 -13.65 10.80 1.14
CA GLN B 716 -13.64 12.22 1.46
C GLN B 716 -13.28 13.11 0.27
N TRP B 717 -12.21 12.73 -0.42
CA TRP B 717 -11.64 13.49 -1.51
C TRP B 717 -12.60 13.65 -2.67
N PHE B 718 -13.22 12.53 -3.07
CA PHE B 718 -14.19 12.53 -4.15
C PHE B 718 -15.40 13.44 -3.79
N LYS B 719 -15.78 13.47 -2.52
CA LYS B 719 -16.99 14.16 -2.04
C LYS B 719 -16.78 15.67 -1.92
N ASP B 720 -15.53 16.08 -1.75
CA ASP B 720 -15.18 17.44 -1.41
C ASP B 720 -14.83 18.32 -2.62
N PRO B 721 -15.61 19.37 -2.86
CA PRO B 721 -15.50 20.32 -3.97
C PRO B 721 -14.12 20.96 -4.05
N GLU B 722 -13.41 20.98 -2.92
CA GLU B 722 -12.04 21.49 -2.87
C GLU B 722 -11.07 20.53 -3.55
N THR B 723 -11.09 19.26 -3.16
CA THR B 723 -10.21 18.28 -3.76
C THR B 723 -10.72 17.72 -5.09
N ASN B 724 -12.03 17.64 -5.23
CA ASN B 724 -12.62 17.17 -6.49
C ASN B 724 -13.43 18.27 -7.16
N HIS B 725 -12.89 18.81 -8.25
CA HIS B 725 -13.49 19.96 -8.93
C HIS B 725 -14.66 19.68 -9.86
N ASN B 726 -15.10 18.42 -9.88
CA ASN B 726 -16.33 18.10 -10.58
C ASN B 726 -17.52 18.21 -9.65
N ILE B 727 -17.24 18.11 -8.34
CA ILE B 727 -18.28 18.36 -7.34
C ILE B 727 -18.73 19.80 -7.51
N THR B 728 -19.96 20.03 -7.95
CA THR B 728 -20.36 21.41 -8.15
C THR B 728 -20.11 22.26 -6.87
N SER B 729 -19.60 23.47 -7.04
CA SER B 729 -19.40 24.40 -5.92
C SER B 729 -20.72 24.65 -5.18
N GLN B 730 -21.80 24.78 -5.95
CA GLN B 730 -23.08 25.15 -5.38
C GLN B 730 -23.88 23.91 -5.12
N GLY B 731 -24.03 23.08 -6.16
CA GLY B 731 -24.73 21.82 -6.03
C GLY B 731 -24.05 20.82 -5.09
N LYS B 732 -22.73 20.64 -5.23
CA LYS B 732 -22.04 19.60 -4.46
C LYS B 732 -22.40 18.19 -4.98
N THR B 733 -22.06 17.92 -6.23
CA THR B 733 -22.35 16.63 -6.81
C THR B 733 -21.60 16.56 -8.11
N LEU B 734 -21.40 15.35 -8.63
CA LEU B 734 -20.73 15.27 -9.90
C LEU B 734 -21.50 16.16 -10.85
N ARG B 735 -20.76 16.99 -11.58
CA ARG B 735 -21.37 17.73 -12.65
C ARG B 735 -21.56 16.82 -13.85
N GLU B 736 -22.05 17.42 -14.93
CA GLU B 736 -22.10 16.74 -16.20
C GLU B 736 -20.71 16.77 -16.85
N LEU B 737 -20.27 15.62 -17.35
CA LEU B 737 -18.92 15.43 -17.87
C LEU B 737 -18.86 15.24 -19.40
N TRP B 738 -19.80 14.48 -19.93
CA TRP B 738 -19.78 14.12 -21.33
C TRP B 738 -20.50 15.17 -22.20
N ASP B 739 -19.78 15.69 -23.19
CA ASP B 739 -20.28 16.73 -24.10
C ASP B 739 -21.73 16.50 -24.54
N GLU B 740 -22.64 17.35 -24.06
CA GLU B 740 -24.07 17.18 -24.37
C GLU B 740 -24.32 17.14 -25.88
N GLU B 741 -23.59 17.98 -26.61
CA GLU B 741 -23.72 18.06 -28.06
C GLU B 741 -23.31 16.73 -28.68
N LEU B 742 -22.23 16.16 -28.15
CA LEU B 742 -21.64 14.98 -28.72
C LEU B 742 -22.32 13.68 -28.31
N VAL B 743 -22.97 13.68 -27.16
CA VAL B 743 -23.73 12.51 -26.73
C VAL B 743 -24.97 12.43 -27.61
N GLN B 744 -25.50 13.58 -27.99
CA GLN B 744 -26.62 13.59 -28.92
C GLN B 744 -26.18 13.09 -30.29
N GLN B 745 -25.18 13.74 -30.90
CA GLN B 745 -24.68 13.32 -32.22
C GLN B 745 -24.48 11.82 -32.30
N ILE B 746 -23.97 11.25 -31.20
CA ILE B 746 -23.68 9.82 -31.13
C ILE B 746 -24.93 8.94 -31.13
N SER B 747 -25.83 9.17 -30.18
CA SER B 747 -27.11 8.44 -30.15
C SER B 747 -27.83 8.58 -31.49
N SER B 748 -27.59 9.69 -32.17
CA SER B 748 -28.22 10.00 -33.44
C SER B 748 -27.53 9.30 -34.62
N HIS B 749 -26.52 8.49 -34.32
CA HIS B 749 -25.67 7.92 -35.38
C HIS B 749 -26.21 6.59 -35.91
N SER B 750 -25.90 6.29 -37.17
CA SER B 750 -26.34 5.06 -37.83
C SER B 750 -25.99 3.80 -37.03
N ALA B 751 -24.70 3.46 -37.04
CA ALA B 751 -24.19 2.27 -36.35
C ALA B 751 -24.63 2.18 -34.89
N VAL B 752 -24.79 3.34 -34.25
CA VAL B 752 -25.10 3.39 -32.82
C VAL B 752 -26.54 3.00 -32.58
N GLN B 753 -26.73 1.87 -31.93
CA GLN B 753 -28.06 1.37 -31.62
C GLN B 753 -28.68 2.19 -30.50
N ARG B 754 -27.97 2.25 -29.37
CA ARG B 754 -28.42 3.03 -28.22
C ARG B 754 -27.21 3.59 -27.50
N VAL B 755 -27.49 4.49 -26.54
CA VAL B 755 -26.45 5.09 -25.71
C VAL B 755 -26.98 5.27 -24.30
N VAL B 756 -26.14 4.99 -23.31
CA VAL B 756 -26.51 5.27 -21.93
C VAL B 756 -25.46 6.18 -21.36
N VAL B 757 -25.87 7.30 -20.77
CA VAL B 757 -24.91 8.27 -20.26
C VAL B 757 -25.36 8.97 -18.98
N ILE B 758 -24.53 8.85 -17.95
CA ILE B 758 -24.83 9.37 -16.64
C ILE B 758 -23.56 9.32 -15.78
N GLY B 759 -23.35 10.34 -14.95
CA GLY B 759 -22.13 10.44 -14.16
C GLY B 759 -20.89 10.19 -15.00
N THR B 760 -20.04 9.28 -14.53
CA THR B 760 -18.72 9.07 -15.15
C THR B 760 -18.76 8.03 -16.25
N LEU B 761 -19.98 7.67 -16.67
CA LEU B 761 -20.18 6.55 -17.56
C LEU B 761 -20.73 6.97 -18.90
N PHE B 762 -20.02 6.65 -19.96
CA PHE B 762 -20.58 6.79 -21.31
C PHE B 762 -20.57 5.46 -22.05
N ALA B 763 -21.74 4.89 -22.26
CA ALA B 763 -21.84 3.62 -22.97
C ALA B 763 -22.74 3.73 -24.20
N LEU B 764 -22.44 2.91 -25.21
CA LEU B 764 -23.33 2.76 -26.38
C LEU B 764 -23.37 1.29 -26.77
N GLU B 765 -24.38 0.95 -27.56
CA GLU B 765 -24.51 -0.39 -28.14
C GLU B 765 -24.49 -0.23 -29.67
N LEU B 766 -24.08 -1.27 -30.39
CA LEU B 766 -23.91 -1.16 -31.84
C LEU B 766 -24.99 -1.82 -32.71
N SER B 782 -12.81 -4.36 -33.29
CA SER B 782 -12.41 -3.50 -34.41
C SER B 782 -12.37 -2.02 -34.10
N LEU B 783 -13.43 -1.52 -33.49
CA LEU B 783 -13.50 -0.11 -33.18
C LEU B 783 -12.57 0.18 -31.99
N LEU B 784 -12.36 -0.81 -31.14
CA LEU B 784 -11.45 -0.69 -30.00
C LEU B 784 -10.02 -0.55 -30.50
N ILE B 785 -9.74 -1.21 -31.61
CA ILE B 785 -8.49 -1.03 -32.32
C ILE B 785 -8.26 0.43 -32.69
N MET B 786 -9.25 1.04 -33.35
CA MET B 786 -9.12 2.43 -33.75
C MET B 786 -8.94 3.34 -32.55
N LEU B 787 -9.78 3.17 -31.53
CA LEU B 787 -9.66 3.96 -30.32
C LEU B 787 -8.27 3.86 -29.68
N ARG B 788 -7.73 2.65 -29.69
CA ARG B 788 -6.37 2.38 -29.21
C ARG B 788 -5.34 3.29 -29.89
N GLU B 789 -5.55 3.57 -31.17
CA GLU B 789 -4.65 4.45 -31.91
C GLU B 789 -4.85 5.90 -31.49
N ASP B 790 -6.06 6.26 -31.10
CA ASP B 790 -6.32 7.61 -30.63
C ASP B 790 -5.94 7.76 -29.17
N GLY B 791 -5.33 6.71 -28.62
CA GLY B 791 -4.81 6.72 -27.26
C GLY B 791 -5.87 6.36 -26.22
N ILE B 792 -6.83 5.54 -26.65
CA ILE B 792 -7.91 5.16 -25.76
C ILE B 792 -8.02 3.65 -25.57
N PHE B 793 -7.65 3.20 -24.36
CA PHE B 793 -7.75 1.79 -24.02
C PHE B 793 -9.07 1.52 -23.37
N THR B 794 -9.77 0.53 -23.89
CA THR B 794 -11.08 0.21 -23.35
C THR B 794 -11.41 -1.26 -23.58
N ARG B 795 -12.22 -1.83 -22.69
CA ARG B 795 -12.76 -3.19 -22.84
C ARG B 795 -14.20 -3.14 -23.34
N PRO B 796 -14.57 -4.11 -24.18
CA PRO B 796 -15.96 -4.23 -24.61
C PRO B 796 -16.76 -5.22 -23.76
N LEU B 797 -18.07 -5.19 -23.97
CA LEU B 797 -18.97 -6.23 -23.50
C LEU B 797 -19.65 -6.73 -24.77
N GLY B 798 -18.94 -7.62 -25.48
CA GLY B 798 -19.37 -8.05 -26.79
C GLY B 798 -19.57 -6.83 -27.67
N ASN B 799 -20.83 -6.37 -27.74
CA ASN B 799 -21.26 -5.37 -28.71
C ASN B 799 -21.54 -4.05 -28.03
N VAL B 800 -21.45 -4.07 -26.70
CA VAL B 800 -21.51 -2.87 -25.88
C VAL B 800 -20.10 -2.28 -25.79
N ILE B 801 -20.00 -0.97 -25.92
CA ILE B 801 -18.71 -0.30 -26.02
C ILE B 801 -18.77 0.96 -25.16
N TYR B 802 -17.87 1.07 -24.19
CA TYR B 802 -17.97 2.15 -23.21
C TYR B 802 -16.69 2.97 -22.90
N LEU B 803 -16.93 4.20 -22.44
CA LEU B 803 -15.90 5.10 -21.99
C LEU B 803 -16.21 5.49 -20.55
N MET B 804 -15.29 5.15 -19.64
CA MET B 804 -15.51 5.38 -18.22
C MET B 804 -14.35 6.16 -17.65
N CYS B 805 -14.66 7.31 -17.03
CA CYS B 805 -13.63 8.17 -16.44
C CYS B 805 -13.66 8.06 -14.92
N GLY B 806 -12.88 8.88 -14.22
CA GLY B 806 -12.89 8.86 -12.77
C GLY B 806 -13.78 9.96 -12.26
N PRO B 807 -14.12 9.95 -10.96
CA PRO B 807 -14.93 11.02 -10.37
C PRO B 807 -14.28 12.40 -10.50
N CYS B 808 -13.08 12.46 -11.08
CA CYS B 808 -12.32 13.69 -11.12
C CYS B 808 -11.80 14.07 -12.50
N THR B 809 -12.27 13.41 -13.56
CA THR B 809 -11.74 13.72 -14.89
C THR B 809 -12.31 15.00 -15.45
N SER B 810 -11.48 15.82 -16.08
CA SER B 810 -11.96 17.10 -16.61
C SER B 810 -12.86 16.85 -17.81
N PRO B 811 -14.00 17.52 -17.84
CA PRO B 811 -14.89 17.45 -19.01
C PRO B 811 -14.16 17.71 -20.33
N GLU B 812 -13.12 18.55 -20.30
CA GLU B 812 -12.33 18.82 -21.51
C GLU B 812 -11.89 17.48 -22.06
N ILE B 813 -11.39 16.63 -21.17
CA ILE B 813 -10.87 15.30 -21.54
C ILE B 813 -11.93 14.37 -22.08
N CYS B 814 -13.07 14.33 -21.40
CA CYS B 814 -14.20 13.53 -21.87
C CYS B 814 -14.62 14.04 -23.26
N ARG B 815 -14.69 15.35 -23.45
CA ARG B 815 -15.02 15.92 -24.76
C ARG B 815 -14.02 15.49 -25.82
N ARG B 816 -12.73 15.59 -25.53
CA ARG B 816 -11.72 15.10 -26.45
C ARG B 816 -12.00 13.63 -26.69
N LEU B 817 -12.50 12.96 -25.66
CA LEU B 817 -12.75 11.52 -25.72
C LEU B 817 -13.90 11.14 -26.65
N LEU B 818 -14.98 11.92 -26.59
CA LEU B 818 -16.17 11.62 -27.39
C LEU B 818 -15.88 11.91 -28.85
N THR B 819 -15.15 13.00 -29.08
CA THR B 819 -14.68 13.39 -30.41
C THR B 819 -13.99 12.22 -31.11
N LYS B 820 -13.00 11.64 -30.44
CA LYS B 820 -12.23 10.55 -31.01
C LYS B 820 -13.18 9.42 -31.38
N LEU B 821 -14.01 9.04 -30.42
CA LEU B 821 -14.95 7.94 -30.62
C LEU B 821 -15.93 8.21 -31.77
N TYR B 822 -16.41 9.45 -31.87
CA TYR B 822 -17.39 9.80 -32.90
C TYR B 822 -16.77 9.69 -34.29
N LYS B 823 -15.60 10.29 -34.47
CA LYS B 823 -14.90 10.26 -35.74
C LYS B 823 -14.79 8.81 -36.20
N ARG B 824 -14.39 7.96 -35.27
CA ARG B 824 -14.20 6.53 -35.54
C ARG B 824 -15.47 5.86 -35.96
N LEU B 825 -16.56 6.15 -35.28
CA LEU B 825 -17.85 5.58 -35.66
C LEU B 825 -18.09 5.76 -37.17
N GLY B 826 -17.69 6.93 -37.68
CA GLY B 826 -17.69 7.15 -39.11
C GLY B 826 -16.69 6.26 -39.83
N GLU B 827 -16.68 4.96 -39.51
CA GLU B 827 -15.82 3.98 -40.18
C GLU B 827 -16.27 2.54 -39.90
N1 PLP C . -8.01 -22.16 2.76
C2 PLP C . -7.25 -22.24 3.91
C2A PLP C . -6.62 -23.54 4.28
C3 PLP C . -7.07 -21.11 4.71
O3 PLP C . -6.41 -21.22 5.75
C4 PLP C . -7.68 -19.91 4.35
C4A PLP C . -7.46 -18.71 5.24
C5 PLP C . -8.43 -19.83 3.17
C6 PLP C . -8.59 -20.97 2.40
C5A PLP C . -9.14 -18.58 2.71
O4P PLP C . -8.49 -17.31 2.51
P PLP C . -9.29 -15.96 2.84
O1P PLP C . -9.42 -16.04 4.31
O2P PLP C . -10.56 -15.98 2.11
O3P PLP C . -8.36 -14.93 2.30
CA KAP D . -11.49 -19.23 12.70
C KAP D . -11.71 -18.57 14.02
OI1 KAP D . -10.70 -18.20 14.69
OI2 KAP D . -12.89 -18.41 14.45
CB KAP D . -11.77 -18.39 11.46
CG KAP D . -11.76 -19.10 10.13
CD KAP D . -10.45 -19.60 9.62
CE KAP D . -9.48 -18.56 9.11
CZ KAP D . -9.62 -18.10 7.65
CH KAP D . -9.90 -16.67 7.32
CS KAP D . -10.21 -15.88 8.54
O KAP D . -9.51 -18.94 6.76
N KAP D . -11.00 -16.60 6.35
CA KAP E . 14.70 25.37 -3.25
C KAP E . 13.97 25.36 -1.95
OI1 KAP E . 13.94 26.42 -1.28
OI2 KAP E . 13.42 24.29 -1.54
CB KAP E . 14.60 26.61 -4.12
CG KAP E . 15.53 26.68 -5.34
CD KAP E . 16.98 27.08 -5.25
CE KAP E . 17.58 27.86 -6.41
CZ KAP E . 19.09 27.87 -6.79
CH KAP E . 19.51 28.75 -7.90
CS KAP E . 19.12 30.20 -7.75
O KAP E . 19.96 27.18 -6.26
N KAP E . 18.93 28.08 -9.07
O1 TLA F . 20.63 19.78 14.59
O11 TLA F . 22.60 20.59 15.24
C1 TLA F . 21.59 19.88 15.41
C2 TLA F . 21.43 19.05 16.67
O2 TLA F . 22.33 19.36 17.68
C3 TLA F . 21.74 17.66 16.20
O3 TLA F . 22.59 17.74 15.13
C4 TLA F . 22.29 16.99 17.42
O4 TLA F . 21.43 16.81 18.34
O41 TLA F . 23.47 16.67 17.49
N1 PLP G . -21.44 -6.57 -8.44
C2 PLP G . -21.32 -5.60 -9.43
C2A PLP G . -22.54 -4.88 -9.91
C3 PLP G . -20.07 -5.31 -9.98
O3 PLP G . -19.98 -4.45 -10.87
C4 PLP G . -18.93 -6.02 -9.53
C4A PLP G . -17.62 -5.66 -10.14
C5 PLP G . -19.07 -6.98 -8.53
C6 PLP G . -20.33 -7.25 -7.99
C5A PLP G . -17.92 -7.78 -7.98
O4P PLP G . -16.71 -7.20 -7.43
P PLP G . -15.28 -7.94 -7.63
O1P PLP G . -15.08 -7.76 -9.09
O2P PLP G . -15.43 -9.35 -7.20
O3P PLP G . -14.37 -7.18 -6.74
CA KAP H . -15.81 -8.88 -18.75
C KAP H . -15.10 -8.05 -19.76
OI1 KAP H . -14.22 -7.22 -19.40
OI2 KAP H . -15.40 -8.19 -20.97
CB KAP H . -16.69 -8.21 -17.70
CG KAP H . -17.06 -9.10 -16.54
CD KAP H . -17.62 -8.43 -15.32
CE KAP H . -16.90 -7.21 -14.82
CZ KAP H . -16.54 -7.17 -13.34
CH KAP H . -15.33 -7.92 -12.89
CS KAP H . -14.54 -8.40 -14.06
O KAP H . -17.20 -6.54 -12.54
N KAP H . -15.79 -9.02 -12.04
CA KAP I . 24.49 12.52 10.32
C KAP I . 24.38 12.63 8.82
OI1 KAP I . 23.29 12.44 8.24
OI2 KAP I . 25.38 12.88 8.12
CB KAP I . 24.29 13.82 11.10
CG KAP I . 25.40 14.38 11.94
CD KAP I . 25.29 14.19 13.44
CE KAP I . 26.21 14.94 14.37
CZ KAP I . 26.01 16.45 14.48
CH KAP I . 26.58 17.28 15.61
CS KAP I . 27.98 17.01 16.03
O KAP I . 25.32 16.99 13.61
N KAP I . 25.67 17.04 16.72
O1 TLA J . 21.54 24.65 -10.68
O11 TLA J . 19.40 25.09 -10.19
C1 TLA J . 20.49 24.54 -9.97
C2 TLA J . 20.70 23.67 -8.75
O2 TLA J . 19.88 23.90 -7.65
C3 TLA J . 22.00 24.13 -8.39
O3 TLA J . 21.95 25.51 -8.50
C4 TLA J . 22.21 23.64 -6.97
O4 TLA J . 22.59 24.48 -6.16
O41 TLA J . 21.99 22.41 -6.72
#